data_8H0F
# 
_entry.id   8H0F 
# 
_audit_conform.dict_name       mmcif_pdbx.dic 
_audit_conform.dict_version    5.380 
_audit_conform.dict_location   http://mmcif.pdb.org/dictionaries/ascii/mmcif_pdbx.dic 
# 
loop_
_database_2.database_id 
_database_2.database_code 
_database_2.pdbx_database_accession 
_database_2.pdbx_DOI 
PDB   8H0F         pdb_00008h0f 10.2210/pdb8h0f/pdb 
WWPDB D_1300032570 ?            ?                   
# 
_pdbx_database_status.status_code                     REL 
_pdbx_database_status.status_code_sf                  REL 
_pdbx_database_status.status_code_mr                  ? 
_pdbx_database_status.entry_id                        8H0F 
_pdbx_database_status.recvd_initial_deposition_date   2022-09-28 
_pdbx_database_status.SG_entry                        N 
_pdbx_database_status.deposit_site                    PDBJ 
_pdbx_database_status.process_site                    PDBC 
_pdbx_database_status.status_code_cs                  ? 
_pdbx_database_status.status_code_nmr_data            ? 
_pdbx_database_status.methods_development_category    ? 
_pdbx_database_status.pdb_format_compatible           Y 
# 
_audit_author.name               'Fan, S.' 
_audit_author.pdbx_ordinal       1 
_audit_author.identifier_ORCID   ? 
# 
_citation.abstract                  ? 
_citation.abstract_id_CAS           ? 
_citation.book_id_ISBN              ? 
_citation.book_publisher            ? 
_citation.book_publisher_city       ? 
_citation.book_title                ? 
_citation.coordinate_linkage        ? 
_citation.country                   US 
_citation.database_id_Medline       ? 
_citation.details                   ? 
_citation.id                        primary 
_citation.journal_abbrev            Biophys.J. 
_citation.journal_id_ASTM           BIOJAU 
_citation.journal_id_CSD            0030 
_citation.journal_id_ISSN           1542-0086 
_citation.journal_full              ? 
_citation.journal_issue             ? 
_citation.journal_volume            122 
_citation.language                  ? 
_citation.page_first                2686 
_citation.page_last                 2695 
_citation.title                     
'Stability of collagen heterotrimer with same charge pattern and different charged residue identities.' 
_citation.year                      2023 
_citation.database_id_CSD           ? 
_citation.pdbx_database_id_DOI      10.1016/j.bpj.2023.05.023 
_citation.pdbx_database_id_PubMed   37226442 
_citation.pdbx_database_id_patent   ? 
_citation.unpublished_flag          ? 
# 
loop_
_citation_author.citation_id 
_citation_author.name 
_citation_author.ordinal 
_citation_author.identifier_ORCID 
primary 'Huang, Y.' 1 ? 
primary 'Lan, J.'   2 ? 
primary 'Wu, C.'    3 ? 
primary 'Zhang, R.' 4 ? 
primary 'Zheng, H.' 5 ? 
primary 'Fan, S.'   6 ? 
primary 'Xu, F.'    7 ? 
# 
_cell.angle_alpha                  90.000 
_cell.angle_alpha_esd              ? 
_cell.angle_beta                   104.410 
_cell.angle_beta_esd               ? 
_cell.angle_gamma                  90.000 
_cell.angle_gamma_esd              ? 
_cell.entry_id                     8H0F 
_cell.details                      ? 
_cell.formula_units_Z              ? 
_cell.length_a                     47.362 
_cell.length_a_esd                 ? 
_cell.length_b                     25.829 
_cell.length_b_esd                 ? 
_cell.length_c                     68.424 
_cell.length_c_esd                 ? 
_cell.volume                       ? 
_cell.volume_esd                   ? 
_cell.Z_PDB                        4 
_cell.reciprocal_angle_alpha       ? 
_cell.reciprocal_angle_beta        ? 
_cell.reciprocal_angle_gamma       ? 
_cell.reciprocal_angle_alpha_esd   ? 
_cell.reciprocal_angle_beta_esd    ? 
_cell.reciprocal_angle_gamma_esd   ? 
_cell.reciprocal_length_a          ? 
_cell.reciprocal_length_b          ? 
_cell.reciprocal_length_c          ? 
_cell.reciprocal_length_a_esd      ? 
_cell.reciprocal_length_b_esd      ? 
_cell.reciprocal_length_c_esd      ? 
_cell.pdbx_unique_axis             ? 
_cell.pdbx_esd_method              ? 
# 
_symmetry.entry_id                         8H0F 
_symmetry.cell_setting                     ? 
_symmetry.Int_Tables_number                5 
_symmetry.space_group_name_Hall            ? 
_symmetry.space_group_name_H-M             'C 1 2 1' 
_symmetry.pdbx_full_space_group_name_H-M   ? 
# 
loop_
_entity.id 
_entity.type 
_entity.src_method 
_entity.pdbx_description 
_entity.formula_weight 
_entity.pdbx_number_of_molecules 
_entity.pdbx_ec 
_entity.pdbx_mutation 
_entity.pdbx_fragment 
_entity.details 
1 polymer syn 'collagen-like peptide chain A' 2972.266 1   ? ? ? ? 
2 polymer syn 'collagen-like peptide chain B' 2845.706 1   ? ? ? ? 
3 polymer syn 'collagen-like peptide chain C' 3139.520 1   ? ? ? ? 
4 water   nat water                           18.015   148 ? ? ? ? 
# 
loop_
_entity_poly.entity_id 
_entity_poly.type 
_entity_poly.nstd_linkage 
_entity_poly.nstd_monomer 
_entity_poly.pdbx_seq_one_letter_code 
_entity_poly.pdbx_seq_one_letter_code_can 
_entity_poly.pdbx_strand_id 
_entity_poly.pdbx_target_identifier 
1 'polypeptide(L)' no yes 'GPKGPKGPKGK(HYP)GPEGE(HYP)GE(HYP)GE(HYP)GPKGPKG'          GPKGPKGPKGKPGPEGEPGEPGEPGPKGPKG  A ? 
2 'polypeptide(L)' no yes 'GPDGD(HYP)GD(HYP)GD(HYP)GPDGR(HYP)GPDGPDGPAGD(HYP)G'      GPDGDPGDPGDPGPDGRPGPDGPDGPAGDPG  B ? 
3 'polypeptide(L)' no yes 'YGK(HYP)GPDGPDGPKGK(HYP)GPKGK(HYP)GK(HYP)GK(HYP)GK(HYP)G' YGKPGPDGPDGPKGKPGPKGKPGKPGKPGKPG C ? 
# 
loop_
_entity_poly_seq.entity_id 
_entity_poly_seq.num 
_entity_poly_seq.mon_id 
_entity_poly_seq.hetero 
1 1  GLY n 
1 2  PRO n 
1 3  LYS n 
1 4  GLY n 
1 5  PRO n 
1 6  LYS n 
1 7  GLY n 
1 8  PRO n 
1 9  LYS n 
1 10 GLY n 
1 11 LYS n 
1 12 HYP n 
1 13 GLY n 
1 14 PRO n 
1 15 GLU n 
1 16 GLY n 
1 17 GLU n 
1 18 HYP n 
1 19 GLY n 
1 20 GLU n 
1 21 HYP n 
1 22 GLY n 
1 23 GLU n 
1 24 HYP n 
1 25 GLY n 
1 26 PRO n 
1 27 LYS n 
1 28 GLY n 
1 29 PRO n 
1 30 LYS n 
1 31 GLY n 
2 1  GLY n 
2 2  PRO n 
2 3  ASP n 
2 4  GLY n 
2 5  ASP n 
2 6  HYP n 
2 7  GLY n 
2 8  ASP n 
2 9  HYP n 
2 10 GLY n 
2 11 ASP n 
2 12 HYP n 
2 13 GLY n 
2 14 PRO n 
2 15 ASP n 
2 16 GLY n 
2 17 ARG n 
2 18 HYP n 
2 19 GLY n 
2 20 PRO n 
2 21 ASP n 
2 22 GLY n 
2 23 PRO n 
2 24 ASP n 
2 25 GLY n 
2 26 PRO n 
2 27 ALA n 
2 28 GLY n 
2 29 ASP n 
2 30 HYP n 
2 31 GLY n 
3 1  TYR n 
3 2  GLY n 
3 3  LYS n 
3 4  HYP n 
3 5  GLY n 
3 6  PRO n 
3 7  ASP n 
3 8  GLY n 
3 9  PRO n 
3 10 ASP n 
3 11 GLY n 
3 12 PRO n 
3 13 LYS n 
3 14 GLY n 
3 15 LYS n 
3 16 HYP n 
3 17 GLY n 
3 18 PRO n 
3 19 LYS n 
3 20 GLY n 
3 21 LYS n 
3 22 HYP n 
3 23 GLY n 
3 24 LYS n 
3 25 HYP n 
3 26 GLY n 
3 27 LYS n 
3 28 HYP n 
3 29 GLY n 
3 30 LYS n 
3 31 HYP n 
3 32 GLY n 
# 
loop_
_pdbx_entity_src_syn.entity_id 
_pdbx_entity_src_syn.pdbx_src_id 
_pdbx_entity_src_syn.pdbx_alt_source_flag 
_pdbx_entity_src_syn.pdbx_beg_seq_num 
_pdbx_entity_src_syn.pdbx_end_seq_num 
_pdbx_entity_src_syn.organism_scientific 
_pdbx_entity_src_syn.organism_common_name 
_pdbx_entity_src_syn.ncbi_taxonomy_id 
_pdbx_entity_src_syn.details 
1 1 sample 1 31 'chemical production metagenome' ? 2495586 ? 
2 1 sample 1 31 'chemical production metagenome' ? 2495586 ? 
3 1 sample 1 32 'chemical production metagenome' ? 2495586 ? 
# 
loop_
_struct_ref.id 
_struct_ref.db_name 
_struct_ref.db_code 
_struct_ref.pdbx_db_accession 
_struct_ref.pdbx_db_isoform 
_struct_ref.entity_id 
_struct_ref.pdbx_seq_one_letter_code 
_struct_ref.pdbx_align_begin 
1 PDB 8H0F 8H0F ? 1 ? 1 
2 PDB 8H0F 8H0F ? 2 ? 1 
3 PDB 8H0F 8H0F ? 3 ? 1 
# 
loop_
_struct_ref_seq.align_id 
_struct_ref_seq.ref_id 
_struct_ref_seq.pdbx_PDB_id_code 
_struct_ref_seq.pdbx_strand_id 
_struct_ref_seq.seq_align_beg 
_struct_ref_seq.pdbx_seq_align_beg_ins_code 
_struct_ref_seq.seq_align_end 
_struct_ref_seq.pdbx_seq_align_end_ins_code 
_struct_ref_seq.pdbx_db_accession 
_struct_ref_seq.db_align_beg 
_struct_ref_seq.pdbx_db_align_beg_ins_code 
_struct_ref_seq.db_align_end 
_struct_ref_seq.pdbx_db_align_end_ins_code 
_struct_ref_seq.pdbx_auth_seq_align_beg 
_struct_ref_seq.pdbx_auth_seq_align_end 
1 1 8H0F A 1 ? 31 ? 8H0F 2 ? 32 ? 2 32 
2 2 8H0F B 1 ? 31 ? 8H0F 2 ? 32 ? 2 32 
3 3 8H0F C 1 ? 32 ? 8H0F 1 ? 32 ? 1 32 
# 
loop_
_chem_comp.id 
_chem_comp.type 
_chem_comp.mon_nstd_flag 
_chem_comp.name 
_chem_comp.pdbx_synonyms 
_chem_comp.formula 
_chem_comp.formula_weight 
ALA 'L-peptide linking' y ALANINE          ?              'C3 H7 N O2'     89.093  
ARG 'L-peptide linking' y ARGININE         ?              'C6 H15 N4 O2 1' 175.209 
ASP 'L-peptide linking' y 'ASPARTIC ACID'  ?              'C4 H7 N O4'     133.103 
GLU 'L-peptide linking' y 'GLUTAMIC ACID'  ?              'C5 H9 N O4'     147.129 
GLY 'peptide linking'   y GLYCINE          ?              'C2 H5 N O2'     75.067  
HOH non-polymer         . WATER            ?              'H2 O'           18.015  
HYP 'L-peptide linking' n 4-HYDROXYPROLINE HYDROXYPROLINE 'C5 H9 N O3'     131.130 
LYS 'L-peptide linking' y LYSINE           ?              'C6 H15 N2 O2 1' 147.195 
PRO 'L-peptide linking' y PROLINE          ?              'C5 H9 N O2'     115.130 
TYR 'L-peptide linking' y TYROSINE         ?              'C9 H11 N O3'    181.189 
# 
_exptl.absorpt_coefficient_mu     ? 
_exptl.absorpt_correction_T_max   ? 
_exptl.absorpt_correction_T_min   ? 
_exptl.absorpt_correction_type    ? 
_exptl.absorpt_process_details    ? 
_exptl.entry_id                   8H0F 
_exptl.crystals_number            1 
_exptl.details                    ? 
_exptl.method                     'X-RAY DIFFRACTION' 
_exptl.method_details             ? 
# 
_exptl_crystal.colour                       ? 
_exptl_crystal.density_diffrn               ? 
_exptl_crystal.density_Matthews             2.26 
_exptl_crystal.density_method               ? 
_exptl_crystal.density_percent_sol          45.64 
_exptl_crystal.description                  ? 
_exptl_crystal.F_000                        ? 
_exptl_crystal.id                           1 
_exptl_crystal.preparation                  ? 
_exptl_crystal.size_max                     ? 
_exptl_crystal.size_mid                     ? 
_exptl_crystal.size_min                     ? 
_exptl_crystal.size_rad                     ? 
_exptl_crystal.colour_lustre                ? 
_exptl_crystal.colour_modifier              ? 
_exptl_crystal.colour_primary               ? 
_exptl_crystal.density_meas                 ? 
_exptl_crystal.density_meas_esd             ? 
_exptl_crystal.density_meas_gt              ? 
_exptl_crystal.density_meas_lt              ? 
_exptl_crystal.density_meas_temp            ? 
_exptl_crystal.density_meas_temp_esd        ? 
_exptl_crystal.density_meas_temp_gt         ? 
_exptl_crystal.density_meas_temp_lt         ? 
_exptl_crystal.pdbx_crystal_image_url       ? 
_exptl_crystal.pdbx_crystal_image_format    ? 
_exptl_crystal.pdbx_mosaicity               ? 
_exptl_crystal.pdbx_mosaicity_esd           ? 
_exptl_crystal.pdbx_mosaic_method           ? 
_exptl_crystal.pdbx_mosaic_block_size       ? 
_exptl_crystal.pdbx_mosaic_block_size_esd   ? 
# 
_exptl_crystal_grow.apparatus       ? 
_exptl_crystal_grow.atmosphere      ? 
_exptl_crystal_grow.crystal_id      1 
_exptl_crystal_grow.details         ? 
_exptl_crystal_grow.method          'VAPOR DIFFUSION, SITTING DROP' 
_exptl_crystal_grow.method_ref      ? 
_exptl_crystal_grow.pH              ? 
_exptl_crystal_grow.pressure        ? 
_exptl_crystal_grow.pressure_esd    ? 
_exptl_crystal_grow.seeding         ? 
_exptl_crystal_grow.seeding_ref     ? 
_exptl_crystal_grow.temp            277 
_exptl_crystal_grow.temp_details    ? 
_exptl_crystal_grow.temp_esd        ? 
_exptl_crystal_grow.time            ? 
_exptl_crystal_grow.pdbx_details    '30% PEG3350 MME, 0.1M Trisodium citrate dihydrate, pH5.0' 
_exptl_crystal_grow.pdbx_pH_range   ? 
# 
_diffrn.ambient_environment              ? 
_diffrn.ambient_temp                     100 
_diffrn.ambient_temp_details             ? 
_diffrn.ambient_temp_esd                 ? 
_diffrn.crystal_id                       1 
_diffrn.crystal_support                  ? 
_diffrn.crystal_treatment                ? 
_diffrn.details                          ? 
_diffrn.id                               1 
_diffrn.ambient_pressure                 ? 
_diffrn.ambient_pressure_esd             ? 
_diffrn.ambient_pressure_gt              ? 
_diffrn.ambient_pressure_lt              ? 
_diffrn.ambient_temp_gt                  ? 
_diffrn.ambient_temp_lt                  ? 
_diffrn.pdbx_serial_crystal_experiment   N 
# 
_diffrn_detector.details                      ? 
_diffrn_detector.detector                     PIXEL 
_diffrn_detector.diffrn_id                    1 
_diffrn_detector.type                         'DECTRIS PILATUS 6M' 
_diffrn_detector.area_resol_mean              ? 
_diffrn_detector.dtime                        ? 
_diffrn_detector.pdbx_frames_total            ? 
_diffrn_detector.pdbx_collection_time_total   ? 
_diffrn_detector.pdbx_collection_date         2020-06-16 
_diffrn_detector.pdbx_frequency               ? 
# 
_diffrn_radiation.collimation                      ? 
_diffrn_radiation.diffrn_id                        1 
_diffrn_radiation.filter_edge                      ? 
_diffrn_radiation.inhomogeneity                    ? 
_diffrn_radiation.monochromator                    ? 
_diffrn_radiation.polarisn_norm                    ? 
_diffrn_radiation.polarisn_ratio                   ? 
_diffrn_radiation.probe                            ? 
_diffrn_radiation.type                             ? 
_diffrn_radiation.xray_symbol                      ? 
_diffrn_radiation.wavelength_id                    1 
_diffrn_radiation.pdbx_monochromatic_or_laue_m_l   M 
_diffrn_radiation.pdbx_wavelength_list             ? 
_diffrn_radiation.pdbx_wavelength                  ? 
_diffrn_radiation.pdbx_diffrn_protocol             'SINGLE WAVELENGTH' 
_diffrn_radiation.pdbx_analyzer                    ? 
_diffrn_radiation.pdbx_scattering_type             x-ray 
# 
_diffrn_radiation_wavelength.id           1 
_diffrn_radiation_wavelength.wavelength   0.9789 
_diffrn_radiation_wavelength.wt           1.0 
# 
_diffrn_source.current                     ? 
_diffrn_source.details                     ? 
_diffrn_source.diffrn_id                   1 
_diffrn_source.power                       ? 
_diffrn_source.size                        ? 
_diffrn_source.source                      SYNCHROTRON 
_diffrn_source.target                      ? 
_diffrn_source.type                        'SSRF BEAMLINE BL17U1' 
_diffrn_source.voltage                     ? 
_diffrn_source.take-off_angle              ? 
_diffrn_source.pdbx_wavelength_list        0.9789 
_diffrn_source.pdbx_wavelength             ? 
_diffrn_source.pdbx_synchrotron_beamline   BL17U1 
_diffrn_source.pdbx_synchrotron_site       SSRF 
# 
_reflns.B_iso_Wilson_estimate                          12.560 
_reflns.entry_id                                       8H0F 
_reflns.data_reduction_details                         ? 
_reflns.data_reduction_method                          ? 
_reflns.d_resolution_high                              1.87 
_reflns.d_resolution_low                               23.56 
_reflns.details                                        ? 
_reflns.limit_h_max                                    ? 
_reflns.limit_h_min                                    ? 
_reflns.limit_k_max                                    ? 
_reflns.limit_k_min                                    ? 
_reflns.limit_l_max                                    ? 
_reflns.limit_l_min                                    ? 
_reflns.number_all                                     ? 
_reflns.number_obs                                     6459 
_reflns.observed_criterion                             ? 
_reflns.observed_criterion_F_max                       ? 
_reflns.observed_criterion_F_min                       ? 
_reflns.observed_criterion_I_max                       ? 
_reflns.observed_criterion_I_min                       ? 
_reflns.observed_criterion_sigma_F                     ? 
_reflns.observed_criterion_sigma_I                     ? 
_reflns.percent_possible_obs                           94.07 
_reflns.R_free_details                                 ? 
_reflns.Rmerge_F_all                                   ? 
_reflns.Rmerge_F_obs                                   ? 
_reflns.Friedel_coverage                               ? 
_reflns.number_gt                                      ? 
_reflns.threshold_expression                           ? 
_reflns.pdbx_redundancy                                6.6 
_reflns.pdbx_Rmerge_I_obs                              0.039 
_reflns.pdbx_Rmerge_I_all                              ? 
_reflns.pdbx_Rsym_value                                ? 
_reflns.pdbx_netI_over_av_sigmaI                       ? 
_reflns.pdbx_netI_over_sigmaI                          63.18 
_reflns.pdbx_res_netI_over_av_sigmaI_2                 ? 
_reflns.pdbx_res_netI_over_sigmaI_2                    ? 
_reflns.pdbx_chi_squared                               ? 
_reflns.pdbx_scaling_rejects                           ? 
_reflns.pdbx_d_res_high_opt                            ? 
_reflns.pdbx_d_res_low_opt                             ? 
_reflns.pdbx_d_res_opt_method                          ? 
_reflns.phase_calculation_details                      ? 
_reflns.pdbx_Rrim_I_all                                ? 
_reflns.pdbx_Rpim_I_all                                ? 
_reflns.pdbx_d_opt                                     ? 
_reflns.pdbx_number_measured_all                       ? 
_reflns.pdbx_diffrn_id                                 1 
_reflns.pdbx_ordinal                                   1 
_reflns.pdbx_CC_half                                   ? 
_reflns.pdbx_CC_star                                   ? 
_reflns.pdbx_R_split                                   ? 
_reflns.pdbx_aniso_diffraction_limit_axis_1_ortho[1]   ? 
_reflns.pdbx_aniso_diffraction_limit_axis_1_ortho[2]   ? 
_reflns.pdbx_aniso_diffraction_limit_axis_1_ortho[3]   ? 
_reflns.pdbx_aniso_diffraction_limit_axis_2_ortho[1]   ? 
_reflns.pdbx_aniso_diffraction_limit_axis_2_ortho[2]   ? 
_reflns.pdbx_aniso_diffraction_limit_axis_2_ortho[3]   ? 
_reflns.pdbx_aniso_diffraction_limit_axis_3_ortho[1]   ? 
_reflns.pdbx_aniso_diffraction_limit_axis_3_ortho[2]   ? 
_reflns.pdbx_aniso_diffraction_limit_axis_3_ortho[3]   ? 
_reflns.pdbx_aniso_diffraction_limit_1                 ? 
_reflns.pdbx_aniso_diffraction_limit_2                 ? 
_reflns.pdbx_aniso_diffraction_limit_3                 ? 
_reflns.pdbx_aniso_B_tensor_eigenvector_1_ortho[1]     ? 
_reflns.pdbx_aniso_B_tensor_eigenvector_1_ortho[2]     ? 
_reflns.pdbx_aniso_B_tensor_eigenvector_1_ortho[3]     ? 
_reflns.pdbx_aniso_B_tensor_eigenvector_2_ortho[1]     ? 
_reflns.pdbx_aniso_B_tensor_eigenvector_2_ortho[2]     ? 
_reflns.pdbx_aniso_B_tensor_eigenvector_2_ortho[3]     ? 
_reflns.pdbx_aniso_B_tensor_eigenvector_3_ortho[1]     ? 
_reflns.pdbx_aniso_B_tensor_eigenvector_3_ortho[2]     ? 
_reflns.pdbx_aniso_B_tensor_eigenvector_3_ortho[3]     ? 
_reflns.pdbx_aniso_B_tensor_eigenvalue_1               ? 
_reflns.pdbx_aniso_B_tensor_eigenvalue_2               ? 
_reflns.pdbx_aniso_B_tensor_eigenvalue_3               ? 
_reflns.pdbx_orthogonalization_convention              ? 
_reflns.pdbx_percent_possible_ellipsoidal              ? 
_reflns.pdbx_percent_possible_spherical                ? 
_reflns.pdbx_percent_possible_ellipsoidal_anomalous    ? 
_reflns.pdbx_percent_possible_spherical_anomalous      ? 
_reflns.pdbx_redundancy_anomalous                      ? 
_reflns.pdbx_CC_half_anomalous                         ? 
_reflns.pdbx_absDiff_over_sigma_anomalous              ? 
_reflns.pdbx_percent_possible_anomalous                ? 
_reflns.pdbx_observed_signal_threshold                 ? 
_reflns.pdbx_signal_type                               ? 
_reflns.pdbx_signal_details                            ? 
_reflns.pdbx_signal_software_id                        ? 
_reflns.pdbx_CC_split_method                           ? 
# 
_reflns_shell.d_res_high                                    1.87 
_reflns_shell.d_res_low                                     1.90 
_reflns_shell.meanI_over_sigI_all                           ? 
_reflns_shell.meanI_over_sigI_obs                           ? 
_reflns_shell.number_measured_all                           ? 
_reflns_shell.number_measured_obs                           ? 
_reflns_shell.number_possible                               ? 
_reflns_shell.number_unique_all                             ? 
_reflns_shell.number_unique_obs                             6455 
_reflns_shell.percent_possible_all                          ? 
_reflns_shell.percent_possible_obs                          ? 
_reflns_shell.Rmerge_F_all                                  ? 
_reflns_shell.Rmerge_F_obs                                  ? 
_reflns_shell.Rmerge_I_all                                  ? 
_reflns_shell.Rmerge_I_obs                                  0.039 
_reflns_shell.meanI_over_sigI_gt                            ? 
_reflns_shell.meanI_over_uI_all                             ? 
_reflns_shell.meanI_over_uI_gt                              ? 
_reflns_shell.number_measured_gt                            ? 
_reflns_shell.number_unique_gt                              ? 
_reflns_shell.percent_possible_gt                           ? 
_reflns_shell.Rmerge_F_gt                                   ? 
_reflns_shell.Rmerge_I_gt                                   ? 
_reflns_shell.pdbx_redundancy                               ? 
_reflns_shell.pdbx_Rsym_value                               ? 
_reflns_shell.pdbx_chi_squared                              ? 
_reflns_shell.pdbx_netI_over_sigmaI_all                     ? 
_reflns_shell.pdbx_netI_over_sigmaI_obs                     ? 
_reflns_shell.pdbx_Rrim_I_all                               ? 
_reflns_shell.pdbx_Rpim_I_all                               ? 
_reflns_shell.pdbx_rejects                                  ? 
_reflns_shell.pdbx_ordinal                                  1 
_reflns_shell.pdbx_diffrn_id                                1 
_reflns_shell.pdbx_CC_half                                  ? 
_reflns_shell.pdbx_CC_star                                  ? 
_reflns_shell.pdbx_R_split                                  ? 
_reflns_shell.pdbx_percent_possible_ellipsoidal             ? 
_reflns_shell.pdbx_percent_possible_spherical               ? 
_reflns_shell.pdbx_percent_possible_ellipsoidal_anomalous   ? 
_reflns_shell.pdbx_percent_possible_spherical_anomalous     ? 
_reflns_shell.pdbx_redundancy_anomalous                     ? 
_reflns_shell.pdbx_CC_half_anomalous                        ? 
_reflns_shell.pdbx_absDiff_over_sigma_anomalous             ? 
_reflns_shell.pdbx_percent_possible_anomalous               ? 
# 
_refine.aniso_B[1][1]                            ? 
_refine.aniso_B[1][2]                            ? 
_refine.aniso_B[1][3]                            ? 
_refine.aniso_B[2][2]                            ? 
_refine.aniso_B[2][3]                            ? 
_refine.aniso_B[3][3]                            ? 
_refine.B_iso_max                                51.800 
_refine.B_iso_mean                               20.1953 
_refine.B_iso_min                                5.700 
_refine.correlation_coeff_Fo_to_Fc               ? 
_refine.correlation_coeff_Fo_to_Fc_free          ? 
_refine.details                                  ? 
_refine.diff_density_max                         ? 
_refine.diff_density_max_esd                     ? 
_refine.diff_density_min                         ? 
_refine.diff_density_min_esd                     ? 
_refine.diff_density_rms                         ? 
_refine.diff_density_rms_esd                     ? 
_refine.entry_id                                 8H0F 
_refine.pdbx_refine_id                           'X-RAY DIFFRACTION' 
_refine.ls_abs_structure_details                 ? 
_refine.ls_abs_structure_Flack                   ? 
_refine.ls_abs_structure_Flack_esd               ? 
_refine.ls_abs_structure_Rogers                  ? 
_refine.ls_abs_structure_Rogers_esd              ? 
_refine.ls_d_res_high                            1.8700 
_refine.ls_d_res_low                             23.5600 
_refine.ls_extinction_coef                       ? 
_refine.ls_extinction_coef_esd                   ? 
_refine.ls_extinction_expression                 ? 
_refine.ls_extinction_method                     ? 
_refine.ls_goodness_of_fit_all                   ? 
_refine.ls_goodness_of_fit_all_esd               ? 
_refine.ls_goodness_of_fit_obs                   ? 
_refine.ls_goodness_of_fit_obs_esd               ? 
_refine.ls_hydrogen_treatment                    ? 
_refine.ls_matrix_type                           ? 
_refine.ls_number_constraints                    ? 
_refine.ls_number_parameters                     ? 
_refine.ls_number_reflns_all                     ? 
_refine.ls_number_reflns_obs                     6459 
_refine.ls_number_reflns_R_free                  340 
_refine.ls_number_reflns_R_work                  6119 
_refine.ls_number_restraints                     ? 
_refine.ls_percent_reflns_obs                    94.1100 
_refine.ls_percent_reflns_R_free                 5.2600 
_refine.ls_R_factor_all                          ? 
_refine.ls_R_factor_obs                          0.1758 
_refine.ls_R_factor_R_free                       0.1988 
_refine.ls_R_factor_R_free_error                 ? 
_refine.ls_R_factor_R_free_error_details         ? 
_refine.ls_R_factor_R_work                       0.1745 
_refine.ls_R_Fsqd_factor_obs                     ? 
_refine.ls_R_I_factor_obs                        ? 
_refine.ls_redundancy_reflns_all                 ? 
_refine.ls_redundancy_reflns_obs                 ? 
_refine.ls_restrained_S_all                      ? 
_refine.ls_restrained_S_obs                      ? 
_refine.ls_shift_over_esd_max                    ? 
_refine.ls_shift_over_esd_mean                   ? 
_refine.ls_structure_factor_coef                 ? 
_refine.ls_weighting_details                     ? 
_refine.ls_weighting_scheme                      ? 
_refine.ls_wR_factor_all                         ? 
_refine.ls_wR_factor_obs                         ? 
_refine.ls_wR_factor_R_free                      ? 
_refine.ls_wR_factor_R_work                      ? 
_refine.occupancy_max                            ? 
_refine.occupancy_min                            ? 
_refine.solvent_model_details                    'FLAT BULK SOLVENT MODEL' 
_refine.solvent_model_param_bsol                 ? 
_refine.solvent_model_param_ksol                 ? 
_refine.pdbx_R_complete                          ? 
_refine.ls_R_factor_gt                           ? 
_refine.ls_goodness_of_fit_gt                    ? 
_refine.ls_goodness_of_fit_ref                   ? 
_refine.ls_shift_over_su_max                     ? 
_refine.ls_shift_over_su_max_lt                  ? 
_refine.ls_shift_over_su_mean                    ? 
_refine.ls_shift_over_su_mean_lt                 ? 
_refine.pdbx_ls_sigma_I                          ? 
_refine.pdbx_ls_sigma_F                          1.340 
_refine.pdbx_ls_sigma_Fsqd                       ? 
_refine.pdbx_data_cutoff_high_absF               ? 
_refine.pdbx_data_cutoff_high_rms_absF           ? 
_refine.pdbx_data_cutoff_low_absF                ? 
_refine.pdbx_isotropic_thermal_model             ? 
_refine.pdbx_ls_cross_valid_method               THROUGHOUT 
_refine.pdbx_method_to_determine_struct          'MOLECULAR REPLACEMENT' 
_refine.pdbx_starting_model                      5YAN 
_refine.pdbx_stereochemistry_target_values       ML 
_refine.pdbx_R_Free_selection_details            ? 
_refine.pdbx_stereochem_target_val_spec_case     ? 
_refine.pdbx_overall_ESU_R                       ? 
_refine.pdbx_overall_ESU_R_Free                  ? 
_refine.pdbx_solvent_vdw_probe_radii             1.1000 
_refine.pdbx_solvent_ion_probe_radii             ? 
_refine.pdbx_solvent_shrinkage_radii             0.9000 
_refine.pdbx_real_space_R                        ? 
_refine.pdbx_density_correlation                 ? 
_refine.pdbx_pd_number_of_powder_patterns        ? 
_refine.pdbx_pd_number_of_points                 ? 
_refine.pdbx_pd_meas_number_of_points            ? 
_refine.pdbx_pd_proc_ls_prof_R_factor            ? 
_refine.pdbx_pd_proc_ls_prof_wR_factor           ? 
_refine.pdbx_pd_Marquardt_correlation_coeff      ? 
_refine.pdbx_pd_Fsqrd_R_factor                   ? 
_refine.pdbx_pd_ls_matrix_band_width             ? 
_refine.pdbx_overall_phase_error                 21.4900 
_refine.pdbx_overall_SU_R_free_Cruickshank_DPI   ? 
_refine.pdbx_overall_SU_R_free_Blow_DPI          ? 
_refine.pdbx_overall_SU_R_Blow_DPI               ? 
_refine.pdbx_TLS_residual_ADP_flag               ? 
_refine.pdbx_diffrn_id                           1 
_refine.overall_SU_B                             ? 
_refine.overall_SU_ML                            0.1400 
_refine.overall_SU_R_Cruickshank_DPI             ? 
_refine.overall_SU_R_free                        ? 
_refine.overall_FOM_free_R_set                   ? 
_refine.overall_FOM_work_R_set                   ? 
_refine.pdbx_average_fsc_overall                 ? 
_refine.pdbx_average_fsc_work                    ? 
_refine.pdbx_average_fsc_free                    ? 
# 
_refine_hist.pdbx_refine_id                   'X-RAY DIFFRACTION' 
_refine_hist.cycle_id                         final 
_refine_hist.details                          ? 
_refine_hist.d_res_high                       1.8700 
_refine_hist.d_res_low                        23.5600 
_refine_hist.number_atoms_solvent             148 
_refine_hist.number_atoms_total               770 
_refine_hist.number_reflns_all                ? 
_refine_hist.number_reflns_obs                ? 
_refine_hist.number_reflns_R_free             ? 
_refine_hist.number_reflns_R_work             ? 
_refine_hist.R_factor_all                     ? 
_refine_hist.R_factor_obs                     ? 
_refine_hist.R_factor_R_free                  ? 
_refine_hist.R_factor_R_work                  ? 
_refine_hist.pdbx_number_residues_total       94 
_refine_hist.pdbx_B_iso_mean_ligand           ? 
_refine_hist.pdbx_B_iso_mean_solvent          23.16 
_refine_hist.pdbx_number_atoms_protein        622 
_refine_hist.pdbx_number_atoms_nucleic_acid   0 
_refine_hist.pdbx_number_atoms_ligand         0 
_refine_hist.pdbx_number_atoms_lipid          ? 
_refine_hist.pdbx_number_atoms_carb           ? 
_refine_hist.pdbx_pseudo_atom_details         ? 
# 
loop_
_refine_ls_shell.pdbx_refine_id 
_refine_ls_shell.d_res_high 
_refine_ls_shell.d_res_low 
_refine_ls_shell.number_reflns_all 
_refine_ls_shell.number_reflns_obs 
_refine_ls_shell.number_reflns_R_free 
_refine_ls_shell.number_reflns_R_work 
_refine_ls_shell.percent_reflns_obs 
_refine_ls_shell.percent_reflns_R_free 
_refine_ls_shell.R_factor_all 
_refine_ls_shell.R_factor_obs 
_refine_ls_shell.R_factor_R_free 
_refine_ls_shell.R_factor_R_free_error 
_refine_ls_shell.R_factor_R_work 
_refine_ls_shell.redundancy_reflns_all 
_refine_ls_shell.redundancy_reflns_obs 
_refine_ls_shell.wR_factor_all 
_refine_ls_shell.wR_factor_obs 
_refine_ls_shell.wR_factor_R_free 
_refine_ls_shell.wR_factor_R_work 
_refine_ls_shell.pdbx_R_complete 
_refine_ls_shell.pdbx_total_number_of_bins_used 
_refine_ls_shell.pdbx_phase_error 
_refine_ls_shell.pdbx_fsc_work 
_refine_ls_shell.pdbx_fsc_free 
'X-RAY DIFFRACTION' 1.8700 2.3500  3128 . 133 2995 92.0000 . . . 0.1984 0.0000 0.1685 . . . . . . . 2 . . . 
'X-RAY DIFFRACTION' 2.3600 23.5600 3331 . 207 3124 96.0000 . . . 0.1989 0.0000 0.1775 . . . . . . . 2 . . . 
# 
_struct.entry_id                     8H0F 
_struct.title                        'Crystal structure of collagen heterotrimer with KD,ER and KE axial pairs' 
_struct.pdbx_model_details           ? 
_struct.pdbx_formula_weight          ? 
_struct.pdbx_formula_weight_method   ? 
_struct.pdbx_model_type_details      ? 
_struct.pdbx_CASP_flag               N 
# 
_struct_keywords.entry_id        8H0F 
_struct_keywords.text            'collagen, triple helix, heterotrimer, STRUCTURAL PROTEIN' 
_struct_keywords.pdbx_keywords   'STRUCTURAL PROTEIN' 
# 
loop_
_struct_asym.id 
_struct_asym.pdbx_blank_PDB_chainid_flag 
_struct_asym.pdbx_modified 
_struct_asym.entity_id 
_struct_asym.details 
A N N 1 ? 
B N N 2 ? 
C N N 3 ? 
D N N 4 ? 
E N N 4 ? 
F N N 4 ? 
# 
loop_
_struct_conn.id 
_struct_conn.conn_type_id 
_struct_conn.pdbx_leaving_atom_flag 
_struct_conn.pdbx_PDB_id 
_struct_conn.ptnr1_label_asym_id 
_struct_conn.ptnr1_label_comp_id 
_struct_conn.ptnr1_label_seq_id 
_struct_conn.ptnr1_label_atom_id 
_struct_conn.pdbx_ptnr1_label_alt_id 
_struct_conn.pdbx_ptnr1_PDB_ins_code 
_struct_conn.pdbx_ptnr1_standard_comp_id 
_struct_conn.ptnr1_symmetry 
_struct_conn.ptnr2_label_asym_id 
_struct_conn.ptnr2_label_comp_id 
_struct_conn.ptnr2_label_seq_id 
_struct_conn.ptnr2_label_atom_id 
_struct_conn.pdbx_ptnr2_label_alt_id 
_struct_conn.pdbx_ptnr2_PDB_ins_code 
_struct_conn.ptnr1_auth_asym_id 
_struct_conn.ptnr1_auth_comp_id 
_struct_conn.ptnr1_auth_seq_id 
_struct_conn.ptnr2_auth_asym_id 
_struct_conn.ptnr2_auth_comp_id 
_struct_conn.ptnr2_auth_seq_id 
_struct_conn.ptnr2_symmetry 
_struct_conn.pdbx_ptnr3_label_atom_id 
_struct_conn.pdbx_ptnr3_label_seq_id 
_struct_conn.pdbx_ptnr3_label_comp_id 
_struct_conn.pdbx_ptnr3_label_asym_id 
_struct_conn.pdbx_ptnr3_label_alt_id 
_struct_conn.pdbx_ptnr3_PDB_ins_code 
_struct_conn.details 
_struct_conn.pdbx_dist_value 
_struct_conn.pdbx_value_order 
_struct_conn.pdbx_role 
covale1  covale both ? A LYS 11 C ? ? ? 1_555 A HYP 12 N ? ? A LYS 12 A HYP 13 1_555 ? ? ? ? ? ? ? 1.327 ? ? 
covale2  covale both ? A HYP 12 C ? ? ? 1_555 A GLY 13 N ? ? A HYP 13 A GLY 14 1_555 ? ? ? ? ? ? ? 1.327 ? ? 
covale3  covale both ? A GLU 17 C ? ? ? 1_555 A HYP 18 N ? ? A GLU 18 A HYP 19 1_555 ? ? ? ? ? ? ? 1.327 ? ? 
covale4  covale both ? A HYP 18 C ? ? ? 1_555 A GLY 19 N ? ? A HYP 19 A GLY 20 1_555 ? ? ? ? ? ? ? 1.327 ? ? 
covale5  covale both ? A GLU 20 C ? ? ? 1_555 A HYP 21 N ? ? A GLU 21 A HYP 22 1_555 ? ? ? ? ? ? ? 1.329 ? ? 
covale6  covale both ? A HYP 21 C ? ? ? 1_555 A GLY 22 N ? ? A HYP 22 A GLY 23 1_555 ? ? ? ? ? ? ? 1.329 ? ? 
covale7  covale both ? A GLU 23 C ? ? ? 1_555 A HYP 24 N ? ? A GLU 24 A HYP 25 1_555 ? ? ? ? ? ? ? 1.330 ? ? 
covale8  covale both ? A HYP 24 C ? ? ? 1_555 A GLY 25 N ? ? A HYP 25 A GLY 26 1_555 ? ? ? ? ? ? ? 1.327 ? ? 
covale9  covale both ? B ASP 5  C ? ? ? 1_555 B HYP 6  N ? ? B ASP 6  B HYP 7  1_555 ? ? ? ? ? ? ? 1.328 ? ? 
covale10 covale both ? B HYP 6  C ? ? ? 1_555 B GLY 7  N ? ? B HYP 7  B GLY 8  1_555 ? ? ? ? ? ? ? 1.328 ? ? 
covale11 covale both ? B ASP 8  C ? ? ? 1_555 B HYP 9  N ? ? B ASP 9  B HYP 10 1_555 ? ? ? ? ? ? ? 1.326 ? ? 
covale12 covale both ? B HYP 9  C ? ? ? 1_555 B GLY 10 N ? ? B HYP 10 B GLY 11 1_555 ? ? ? ? ? ? ? 1.325 ? ? 
covale13 covale both ? B ASP 11 C ? ? ? 1_555 B HYP 12 N ? ? B ASP 12 B HYP 13 1_555 ? ? ? ? ? ? ? 1.325 ? ? 
covale14 covale both ? B HYP 12 C ? ? ? 1_555 B GLY 13 N ? ? B HYP 13 B GLY 14 1_555 ? ? ? ? ? ? ? 1.326 ? ? 
covale15 covale both ? B ARG 17 C ? ? ? 1_555 B HYP 18 N ? ? B ARG 18 B HYP 19 1_555 ? ? ? ? ? ? ? 1.329 ? ? 
covale16 covale both ? B HYP 18 C ? ? ? 1_555 B GLY 19 N ? ? B HYP 19 B GLY 20 1_555 ? ? ? ? ? ? ? 1.328 ? ? 
covale17 covale both ? B ASP 29 C ? ? ? 1_555 B HYP 30 N ? ? B ASP 30 B HYP 31 1_555 ? ? ? ? ? ? ? 1.330 ? ? 
covale18 covale both ? B HYP 30 C ? ? ? 1_555 B GLY 31 N ? ? B HYP 31 B GLY 32 1_555 ? ? ? ? ? ? ? 1.331 ? ? 
covale19 covale both ? C LYS 3  C ? ? ? 1_555 C HYP 4  N ? ? C LYS 3  C HYP 4  1_555 ? ? ? ? ? ? ? 1.330 ? ? 
covale20 covale both ? C HYP 4  C ? ? ? 1_555 C GLY 5  N ? ? C HYP 4  C GLY 5  1_555 ? ? ? ? ? ? ? 1.329 ? ? 
covale21 covale both ? C LYS 15 C ? ? ? 1_555 C HYP 16 N ? ? C LYS 15 C HYP 16 1_555 ? ? ? ? ? ? ? 1.328 ? ? 
covale22 covale both ? C HYP 16 C ? ? ? 1_555 C GLY 17 N ? ? C HYP 16 C GLY 17 1_555 ? ? ? ? ? ? ? 1.328 ? ? 
covale23 covale both ? C LYS 21 C ? ? ? 1_555 C HYP 22 N ? ? C LYS 21 C HYP 22 1_555 ? ? ? ? ? ? ? 1.328 ? ? 
covale24 covale both ? C HYP 22 C ? ? ? 1_555 C GLY 23 N ? ? C HYP 22 C GLY 23 1_555 ? ? ? ? ? ? ? 1.328 ? ? 
covale25 covale both ? C LYS 24 C ? ? ? 1_555 C HYP 25 N ? ? C LYS 24 C HYP 25 1_555 ? ? ? ? ? ? ? 1.328 ? ? 
covale26 covale both ? C HYP 25 C ? ? ? 1_555 C GLY 26 N ? ? C HYP 25 C GLY 26 1_555 ? ? ? ? ? ? ? 1.327 ? ? 
covale27 covale both ? C LYS 27 C ? ? ? 1_555 C HYP 28 N ? ? C LYS 27 C HYP 28 1_555 ? ? ? ? ? ? ? 1.327 ? ? 
covale28 covale both ? C HYP 28 C ? ? ? 1_555 C GLY 29 N ? ? C HYP 28 C GLY 29 1_555 ? ? ? ? ? ? ? 1.328 ? ? 
covale29 covale both ? C LYS 30 C ? ? ? 1_555 C HYP 31 N ? ? C LYS 30 C HYP 31 1_555 ? ? ? ? ? ? ? 1.327 ? ? 
covale30 covale both ? C HYP 31 C ? ? ? 1_555 C GLY 32 N ? ? C HYP 31 C GLY 32 1_555 ? ? ? ? ? ? ? 1.329 ? ? 
# 
_struct_conn_type.id          covale 
_struct_conn_type.criteria    ? 
_struct_conn_type.reference   ? 
# 
_atom_sites.entry_id                    8H0F 
_atom_sites.Cartn_transf_matrix[1][1]   ? 
_atom_sites.Cartn_transf_matrix[1][2]   ? 
_atom_sites.Cartn_transf_matrix[1][3]   ? 
_atom_sites.Cartn_transf_matrix[2][1]   ? 
_atom_sites.Cartn_transf_matrix[2][2]   ? 
_atom_sites.Cartn_transf_matrix[2][3]   ? 
_atom_sites.Cartn_transf_matrix[3][1]   ? 
_atom_sites.Cartn_transf_matrix[3][2]   ? 
_atom_sites.Cartn_transf_matrix[3][3]   ? 
_atom_sites.Cartn_transf_vector[1]      ? 
_atom_sites.Cartn_transf_vector[2]      ? 
_atom_sites.Cartn_transf_vector[3]      ? 
_atom_sites.fract_transf_matrix[1][1]   0.01152781 
_atom_sites.fract_transf_matrix[1][2]   -0.01452994 
_atom_sites.fract_transf_matrix[1][3]   0.01145522 
_atom_sites.fract_transf_matrix[2][1]   -0.03036817 
_atom_sites.fract_transf_matrix[2][2]   -0.00570224 
_atom_sites.fract_transf_matrix[2][3]   0.02332782 
_atom_sites.fract_transf_matrix[3][1]   -0.00275242 
_atom_sites.fract_transf_matrix[3][2]   -0.01318284 
_atom_sites.fract_transf_matrix[3][3]   -0.00680551 
_atom_sites.fract_transf_vector[1]      0.175553 
_atom_sites.fract_transf_vector[2]      -0.009414 
_atom_sites.fract_transf_vector[3]      0.226115 
_atom_sites.solution_primary            ? 
_atom_sites.solution_secondary          ? 
_atom_sites.solution_hydrogens          ? 
_atom_sites.special_details             ? 
# 
loop_
_atom_type.symbol 
C 
N 
O 
# 
loop_
_atom_site.group_PDB 
_atom_site.id 
_atom_site.type_symbol 
_atom_site.label_atom_id 
_atom_site.label_alt_id 
_atom_site.label_comp_id 
_atom_site.label_asym_id 
_atom_site.label_entity_id 
_atom_site.label_seq_id 
_atom_site.pdbx_PDB_ins_code 
_atom_site.Cartn_x 
_atom_site.Cartn_y 
_atom_site.Cartn_z 
_atom_site.occupancy 
_atom_site.B_iso_or_equiv 
_atom_site.pdbx_formal_charge 
_atom_site.auth_seq_id 
_atom_site.auth_comp_id 
_atom_site.auth_asym_id 
_atom_site.auth_atom_id 
_atom_site.pdbx_PDB_model_num 
ATOM   1   N N   . GLY A 1 1  ? -14.126 -29.923 -33.133 1.00 40.48 ? 2   GLY A N   1 
ATOM   2   C CA  . GLY A 1 1  ? -13.096 -29.550 -32.180 1.00 45.42 ? 2   GLY A CA  1 
ATOM   3   C C   . GLY A 1 1  ? -13.574 -28.588 -31.109 1.00 36.26 ? 2   GLY A C   1 
ATOM   4   O O   . GLY A 1 1  ? -13.990 -27.470 -31.417 1.00 38.13 ? 2   GLY A O   1 
ATOM   5   N N   . PRO A 1 2  ? -13.514 -29.013 -29.851 1.00 34.46 ? 3   PRO A N   1 
ATOM   6   C CA  . PRO A 1 2  ? -13.962 -28.155 -28.752 1.00 37.12 ? 3   PRO A CA  1 
ATOM   7   C C   . PRO A 1 2  ? -12.944 -27.064 -28.446 1.00 35.83 ? 3   PRO A C   1 
ATOM   8   O O   . PRO A 1 2  ? -11.793 -27.097 -28.883 1.00 30.77 ? 3   PRO A O   1 
ATOM   9   C CB  . PRO A 1 2  ? -14.115 -29.116 -27.565 1.00 40.08 ? 3   PRO A CB  1 
ATOM   10  C CG  . PRO A 1 2  ? -13.466 -30.410 -27.978 1.00 44.49 ? 3   PRO A CG  1 
ATOM   11  C CD  . PRO A 1 2  ? -12.956 -30.293 -29.383 1.00 44.77 ? 3   PRO A CD  1 
ATOM   12  N N   . LYS A 1 3  ? -13.402 -26.076 -27.682 1.00 33.89 ? 4   LYS A N   1 
ATOM   13  C CA  . LYS A 1 3  ? -12.559 -24.948 -27.314 1.00 25.46 ? 4   LYS A CA  1 
ATOM   14  C C   . LYS A 1 3  ? -11.488 -25.382 -26.322 1.00 23.59 ? 4   LYS A C   1 
ATOM   15  O O   . LYS A 1 3  ? -11.713 -26.240 -25.466 1.00 29.88 ? 4   LYS A O   1 
ATOM   16  C CB  . LYS A 1 3  ? -13.418 -23.833 -26.717 1.00 24.32 ? 4   LYS A CB  1 
ATOM   17  C CG  . LYS A 1 3  ? -12.688 -22.540 -26.400 1.00 26.29 ? 4   LYS A CG  1 
ATOM   18  C CD  . LYS A 1 3  ? -13.652 -21.516 -25.807 1.00 21.73 ? 4   LYS A CD  1 
ATOM   19  C CE  . LYS A 1 3  ? -14.622 -22.182 -24.842 1.00 20.70 ? 4   LYS A CE  1 
ATOM   20  N NZ  . LYS A 1 3  ? -15.666 -21.251 -24.331 1.00 20.41 ? 4   LYS A NZ  1 
ATOM   21  N N   . GLY A 1 4  ? -10.308 -24.777 -26.440 1.00 24.11 ? 5   GLY A N   1 
ATOM   22  C CA  . GLY A 1 4  ? -9.218  -25.063 -25.541 1.00 23.06 ? 5   GLY A CA  1 
ATOM   23  C C   . GLY A 1 4  ? -9.538  -24.663 -24.116 1.00 17.87 ? 5   GLY A C   1 
ATOM   24  O O   . GLY A 1 4  ? -10.513 -23.952 -23.851 1.00 17.60 ? 5   GLY A O   1 
ATOM   25  N N   . PRO A 1 5  ? -8.724  -25.122 -23.165 1.00 16.55 ? 6   PRO A N   1 
ATOM   26  C CA  . PRO A 1 5  ? -8.944  -24.735 -21.767 1.00 14.07 ? 6   PRO A CA  1 
ATOM   27  C C   . PRO A 1 5  ? -8.815  -23.229 -21.579 1.00 13.01 ? 6   PRO A C   1 
ATOM   28  O O   . PRO A 1 5  ? -8.006  -22.566 -22.232 1.00 12.66 ? 6   PRO A O   1 
ATOM   29  C CB  . PRO A 1 5  ? -7.844  -25.491 -21.008 1.00 18.86 ? 6   PRO A CB  1 
ATOM   30  C CG  . PRO A 1 5  ? -7.370  -26.561 -21.954 1.00 22.33 ? 6   PRO A CG  1 
ATOM   31  C CD  . PRO A 1 5  ? -7.552  -25.997 -23.326 1.00 17.76 ? 6   PRO A CD  1 
ATOM   32  N N   . LYS A 1 6  ? -9.641  -22.695 -20.682 1.00 10.46 ? 7   LYS A N   1 
ATOM   33  C CA  . LYS A 1 6  ? -9.557  -21.285 -20.324 1.00 8.77  ? 7   LYS A CA  1 
ATOM   34  C C   . LYS A 1 6  ? -8.177  -20.973 -19.754 1.00 9.85  ? 7   LYS A C   1 
ATOM   35  O O   . LYS A 1 6  ? -7.559  -21.797 -19.073 1.00 9.80  ? 7   LYS A O   1 
ATOM   36  C CB  . LYS A 1 6  ? -10.653 -20.935 -19.314 1.00 9.09  ? 7   LYS A CB  1 
ATOM   37  C CG  . LYS A 1 6  ? -10.685 -19.484 -18.846 1.00 8.00  ? 7   LYS A CG  1 
ATOM   38  C CD  . LYS A 1 6  ? -12.030 -19.158 -18.199 1.00 9.12  ? 7   LYS A CD  1 
ATOM   39  C CE  . LYS A 1 6  ? -11.975 -17.874 -17.384 1.00 9.24  ? 7   LYS A CE  1 
ATOM   40  N NZ  . LYS A 1 6  ? -13.298 -17.552 -16.766 1.00 12.00 ? 7   LYS A NZ  1 
ATOM   41  N N   . GLY A 1 7  ? -7.682  -19.777 -20.054 1.00 8.00  ? 8   GLY A N   1 
ATOM   42  C CA  . GLY A 1 7  ? -6.344  -19.393 -19.672 1.00 9.24  ? 8   GLY A CA  1 
ATOM   43  C C   . GLY A 1 7  ? -6.159  -19.252 -18.174 1.00 8.29  ? 8   GLY A C   1 
ATOM   44  O O   . GLY A 1 7  ? -7.125  -19.175 -17.409 1.00 9.74  ? 8   GLY A O   1 
ATOM   45  N N   . PRO A 1 8  ? -4.903  -19.222 -17.729 1.00 6.74  ? 9   PRO A N   1 
ATOM   46  C CA  . PRO A 1 8  ? -4.627  -19.050 -16.299 1.00 8.81  ? 9   PRO A CA  1 
ATOM   47  C C   . PRO A 1 8  ? -5.183  -17.739 -15.763 1.00 10.19 ? 9   PRO A C   1 
ATOM   48  O O   . PRO A 1 8  ? -5.263  -16.734 -16.471 1.00 7.79  ? 9   PRO A O   1 
ATOM   49  C CB  . PRO A 1 8  ? -3.095  -19.060 -16.233 1.00 9.43  ? 9   PRO A CB  1 
ATOM   50  C CG  . PRO A 1 8  ? -2.665  -19.793 -17.455 1.00 12.89 ? 9   PRO A CG  1 
ATOM   51  C CD  . PRO A 1 8  ? -3.672  -19.434 -18.509 1.00 10.28 ? 9   PRO A CD  1 
ATOM   52  N N   . LYS A 1 9  ? -5.568  -17.768 -14.489 1.00 9.10  ? 10  LYS A N   1 
ATOM   53  C CA  . LYS A 1 9  ? -5.950  -16.551 -13.787 1.00 9.53  ? 10  LYS A CA  1 
ATOM   54  C C   . LYS A 1 9  ? -4.810  -15.540 -13.797 1.00 9.38  ? 10  LYS A C   1 
ATOM   55  O O   . LYS A 1 9  ? -3.633  -15.904 -13.697 1.00 7.60  ? 10  LYS A O   1 
ATOM   56  C CB  . LYS A 1 9  ? -6.338  -16.877 -12.345 1.00 8.84  ? 10  LYS A CB  1 
ATOM   57  C CG  . LYS A 1 9  ? -6.957  -15.721 -11.583 1.00 11.62 ? 10  LYS A CG  1 
ATOM   58  C CD  . LYS A 1 9  ? -7.440  -16.178 -10.215 1.00 11.16 ? 10  LYS A CD  1 
ATOM   59  C CE  . LYS A 1 9  ? -7.981  -15.015 -9.403  1.00 15.32 ? 10  LYS A CE  1 
ATOM   60  N NZ  . LYS A 1 9  ? -8.394  -15.463 -8.042  1.00 15.43 ? 10  LYS A NZ  1 
ATOM   61  N N   . GLY A 1 10 ? -5.163  -14.263 -13.910 1.00 6.51  ? 11  GLY A N   1 
ATOM   62  C CA  . GLY A 1 10 ? -4.164  -13.218 -13.833 1.00 7.66  ? 11  GLY A CA  1 
ATOM   63  C C   . GLY A 1 10 ? -3.453  -13.205 -12.494 1.00 8.34  ? 11  GLY A C   1 
ATOM   64  O O   . GLY A 1 10 ? -3.905  -13.777 -11.501 1.00 7.95  ? 11  GLY A O   1 
ATOM   65  N N   . LYS A 1 11 ? -2.301  -12.551 -12.474 1.00 8.30  ? 12  LYS A N   1 
ATOM   66  C CA  . LYS A 1 11 ? -1.557  -12.427 -11.233 1.00 11.19 ? 12  LYS A CA  1 
ATOM   67  C C   . LYS A 1 11 ? -2.145  -11.297 -10.398 1.00 10.00 ? 12  LYS A C   1 
ATOM   68  O O   . LYS A 1 11 ? -2.883  -10.452 -10.911 1.00 6.64  ? 12  LYS A O   1 
ATOM   69  C CB  . LYS A 1 11 ? -0.064  -12.215 -11.510 1.00 9.14  ? 12  LYS A CB  1 
ATOM   70  C CG  . LYS A 1 11 ? 0.305   -10.923 -12.199 1.00 10.00 ? 12  LYS A CG  1 
ATOM   71  C CD  . LYS A 1 11 ? 1.804   -10.920 -12.481 1.00 12.74 ? 12  LYS A CD  1 
ATOM   72  C CE  . LYS A 1 11 ? 2.274   -9.609  -13.070 1.00 15.72 ? 12  LYS A CE  1 
ATOM   73  N NZ  . LYS A 1 11 ? 1.867   -9.494  -14.495 1.00 14.52 ? 12  LYS A NZ  1 
HETATM 74  N N   . HYP A 1 12 ? -1.848  -11.305 -9.105  1.00 8.40  ? 13  HYP A N   1 
HETATM 75  C CA  . HYP A 1 12 ? -2.410  -10.288 -8.189  1.00 8.42  ? 13  HYP A CA  1 
HETATM 76  C C   . HYP A 1 12 ? -2.060  -8.827  -8.632  1.00 8.41  ? 13  HYP A C   1 
HETATM 77  O O   . HYP A 1 12 ? -0.969  -8.584  -9.177  1.00 7.10  ? 13  HYP A O   1 
HETATM 78  C CB  . HYP A 1 12 ? -1.876  -10.595 -6.781  1.00 11.40 ? 13  HYP A CB  1 
HETATM 79  C CG  . HYP A 1 12 ? -1.694  -12.109 -6.821  1.00 14.26 ? 13  HYP A CG  1 
HETATM 80  C CD  . HYP A 1 12 ? -1.098  -12.243 -8.233  1.00 8.57  ? 13  HYP A CD  1 
HETATM 81  O OD1 . HYP A 1 12 ? -2.868  -12.841 -6.683  1.00 13.46 ? 13  HYP A OD1 1 
ATOM   82  N N   . GLY A 1 13 ? -2.988  -7.903  -8.416  1.00 9.16  ? 14  GLY A N   1 
ATOM   83  C CA  . GLY A 1 13 ? -2.759  -6.518  -8.771  1.00 7.63  ? 14  GLY A CA  1 
ATOM   84  C C   . GLY A 1 13 ? -1.696  -5.860  -7.917  1.00 8.30  ? 14  GLY A C   1 
ATOM   85  O O   . GLY A 1 13 ? -1.250  -6.439  -6.927  1.00 8.57  ? 14  GLY A O   1 
ATOM   86  N N   . PRO A 1 14 ? -1.283  -4.652  -8.301  1.00 6.36  ? 15  PRO A N   1 
ATOM   87  C CA  . PRO A 1 14 ? -0.245  -3.953  -7.537  1.00 9.60  ? 15  PRO A CA  1 
ATOM   88  C C   . PRO A 1 14 ? -0.686  -3.694  -6.104  1.00 6.83  ? 15  PRO A C   1 
ATOM   89  O O   . PRO A 1 14 ? -1.875  -3.577  -5.804  1.00 6.53  ? 15  PRO A O   1 
ATOM   90  C CB  . PRO A 1 14 ? -0.065  -2.639  -8.308  1.00 10.26 ? 15  PRO A CB  1 
ATOM   91  C CG  . PRO A 1 14 ? -0.511  -2.960  -9.697  1.00 9.43  ? 15  PRO A CG  1 
ATOM   92  C CD  . PRO A 1 14 ? -1.664  -3.911  -9.514  1.00 7.90  ? 15  PRO A CD  1 
ATOM   93  N N   . GLU A 1 15 ? 0.298   -3.621  -5.214  1.00 6.75  ? 16  GLU A N   1 
ATOM   94  C CA  . GLU A 1 15 ? 0.028   -3.237  -3.836  1.00 8.76  ? 16  GLU A CA  1 
ATOM   95  C C   . GLU A 1 15 ? -0.415  -1.778  -3.794  1.00 10.51 ? 16  GLU A C   1 
ATOM   96  O O   . GLU A 1 15 ? 0.050   -0.949  -4.581  1.00 9.12  ? 16  GLU A O   1 
ATOM   97  C CB  . GLU A 1 15 ? 1.277   -3.482  -2.978  1.00 11.22 ? 16  GLU A CB  1 
ATOM   98  C CG  . GLU A 1 15 ? 1.235   -2.962  -1.540  1.00 12.52 ? 16  GLU A CG  1 
ATOM   99  C CD  . GLU A 1 15 ? 2.585   -3.102  -0.832  1.00 20.52 ? 16  GLU A CD  1 
ATOM   100 O OE1 . GLU A 1 15 ? 3.550   -3.575  -1.472  1.00 14.44 ? 16  GLU A OE1 1 
ATOM   101 O OE2 . GLU A 1 15 ? 2.682   -2.735  0.359   1.00 16.86 ? 16  GLU A OE2 1 
ATOM   102 N N   . GLY A 1 16 ? -1.355  -1.475  -2.904  1.00 9.70  ? 17  GLY A N   1 
ATOM   103 C CA  . GLY A 1 16 ? -1.847  -0.116  -2.798  1.00 11.89 ? 17  GLY A CA  1 
ATOM   104 C C   . GLY A 1 16 ? -0.751  0.864   -2.424  1.00 12.66 ? 17  GLY A C   1 
ATOM   105 O O   . GLY A 1 16 ? 0.311   0.500   -1.914  1.00 12.47 ? 17  GLY A O   1 
ATOM   106 N N   . GLU A 1 17 ? -1.016  2.135   -2.701  1.00 14.31 ? 18  GLU A N   1 
ATOM   107 C CA  . GLU A 1 17 ? -0.120  3.208   -2.293  1.00 13.33 ? 18  GLU A CA  1 
ATOM   108 C C   . GLU A 1 17 ? 0.003   3.246   -0.772  1.00 14.00 ? 18  GLU A C   1 
ATOM   109 O O   . GLU A 1 17 ? -0.942  2.915   -0.058  1.00 18.38 ? 18  GLU A O   1 
ATOM   110 C CB  . GLU A 1 17 ? -0.624  4.559   -2.816  1.00 18.21 ? 18  GLU A CB  1 
ATOM   111 C CG  . GLU A 1 17 ? -0.432  4.787   -4.311  1.00 23.83 ? 18  GLU A CG  1 
ATOM   112 C CD  . GLU A 1 17 ? 0.981   4.486   -4.771  1.00 24.77 ? 18  GLU A CD  1 
ATOM   113 O OE1 . GLU A 1 17 ? 1.915   5.153   -4.280  1.00 35.13 ? 18  GLU A OE1 1 
ATOM   114 O OE2 . GLU A 1 17 ? 1.162   3.599   -5.633  1.00 22.88 ? 18  GLU A OE2 1 
HETATM 115 N N   . HYP A 1 18 ? 1.169   3.638   -0.276  1.00 17.00 ? 19  HYP A N   1 
HETATM 116 C CA  . HYP A 1 18 ? 1.321   3.875   1.171   1.00 17.25 ? 19  HYP A CA  1 
HETATM 117 C C   . HYP A 1 18 ? 0.388   5.051   1.647   1.00 18.73 ? 19  HYP A C   1 
HETATM 118 O O   . HYP A 1 18 ? 0.036   5.927   0.836   1.00 24.30 ? 19  HYP A O   1 
HETATM 119 C CB  . HYP A 1 18 ? 2.803   4.177   1.459   1.00 23.78 ? 19  HYP A CB  1 
HETATM 120 C CG  . HYP A 1 18 ? 3.557   3.749   0.188   1.00 23.59 ? 19  HYP A CG  1 
HETATM 121 C CD  . HYP A 1 18 ? 2.472   3.979   -0.885  1.00 18.84 ? 19  HYP A CD  1 
HETATM 122 O OD1 . HYP A 1 18 ? 4.049   2.445   0.190   1.00 21.50 ? 19  HYP A OD1 1 
ATOM   123 N N   . GLY A 1 19 ? -0.009  5.046   2.913   1.00 23.49 ? 20  GLY A N   1 
ATOM   124 C CA  . GLY A 1 19 ? -0.864  6.101   3.420   1.00 20.28 ? 20  GLY A CA  1 
ATOM   125 C C   . GLY A 1 19 ? -0.175  7.454   3.438   1.00 26.44 ? 20  GLY A C   1 
ATOM   126 O O   . GLY A 1 19 ? 1.023   7.554   3.185   1.00 24.33 ? 20  GLY A O   1 
ATOM   127 N N   . GLU A 1 20 ? -0.939  8.502   3.724   1.00 28.40 ? 21  GLU A N   1 
ATOM   128 C CA  . GLU A 1 20 ? -0.379  9.835   3.879   1.00 25.69 ? 21  GLU A CA  1 
ATOM   129 C C   . GLU A 1 20 ? 0.435   9.917   5.164   1.00 31.25 ? 21  GLU A C   1 
ATOM   130 O O   . GLU A 1 20 ? 0.217   9.141   6.098   1.00 27.64 ? 21  GLU A O   1 
ATOM   131 C CB  . GLU A 1 20 ? -1.495  10.881  3.868   1.00 29.23 ? 21  GLU A CB  1 
ATOM   132 C CG  . GLU A 1 20 ? -2.714  10.497  4.681   1.00 39.42 ? 21  GLU A CG  1 
ATOM   133 C CD  . GLU A 1 20 ? -3.493  11.700  5.164   1.00 43.57 ? 21  GLU A CD  1 
ATOM   134 O OE1 . GLU A 1 20 ? -4.472  11.518  5.918   1.00 49.94 ? 21  GLU A OE1 1 
ATOM   135 O OE2 . GLU A 1 20 ? -3.123  12.832  4.792   1.00 48.85 ? 21  GLU A OE2 1 
HETATM 136 N N   . HYP A 1 21 ? 1.388   10.844  5.196   1.00 28.42 ? 22  HYP A N   1 
HETATM 137 C CA  . HYP A 1 21 ? 2.286   11.003  6.372   1.00 33.24 ? 22  HYP A CA  1 
HETATM 138 C C   . HYP A 1 21 ? 1.508   11.292  7.711   1.00 25.34 ? 22  HYP A C   1 
HETATM 139 O O   . HYP A 1 21 ? 0.458   11.957  7.687   1.00 30.01 ? 22  HYP A O   1 
HETATM 140 C CB  . HYP A 1 21 ? 3.268   12.141  6.052   1.00 34.38 ? 22  HYP A CB  1 
HETATM 141 C CG  . HYP A 1 21 ? 3.272   12.239  4.520   1.00 29.27 ? 22  HYP A CG  1 
HETATM 142 C CD  . HYP A 1 21 ? 1.819   11.846  4.193   1.00 27.92 ? 22  HYP A CD  1 
HETATM 143 O OD1 . HYP A 1 21 ? 4.203   11.431  3.877   1.00 38.62 ? 22  HYP A OD1 1 
ATOM   144 N N   . GLY A 1 22 ? 2.028   10.784  8.824   1.00 24.37 ? 23  GLY A N   1 
ATOM   145 C CA  . GLY A 1 22 ? 1.415   11.002  10.117  1.00 28.80 ? 23  GLY A CA  1 
ATOM   146 C C   . GLY A 1 22 ? 1.518   12.442  10.577  1.00 31.97 ? 23  GLY A C   1 
ATOM   147 O O   . GLY A 1 22 ? 2.219   13.248  9.968   1.00 28.69 ? 23  GLY A O   1 
ATOM   148 N N   . GLU A 1 23 ? 0.812   12.768  11.653  1.00 27.70 ? 24  GLU A N   1 
ATOM   149 C CA  . GLU A 1 23 ? 0.819   14.125  12.179  1.00 26.58 ? 24  GLU A CA  1 
ATOM   150 C C   . GLU A 1 23 ? 2.158   14.422  12.846  1.00 22.54 ? 24  GLU A C   1 
ATOM   151 O O   . GLU A 1 23 ? 2.832   13.511  13.324  1.00 22.38 ? 24  GLU A O   1 
ATOM   152 C CB  . GLU A 1 23 ? -0.327  14.326  13.172  1.00 30.06 ? 24  GLU A CB  1 
ATOM   153 C CG  . GLU A 1 23 ? -1.694  14.419  12.514  1.00 32.68 ? 24  GLU A CG  1 
ATOM   154 C CD  . GLU A 1 23 ? -1.799  15.588  11.555  1.00 41.60 ? 24  GLU A CD  1 
ATOM   155 O OE1 . GLU A 1 23 ? -1.537  16.737  11.976  1.00 38.00 ? 24  GLU A OE1 1 
ATOM   156 O OE2 . GLU A 1 23 ? -2.139  15.357  10.375  1.00 43.42 ? 24  GLU A OE2 1 
HETATM 157 N N   . HYP A 1 24 ? 2.547   15.693  12.866  1.00 24.63 ? 25  HYP A N   1 
HETATM 158 C CA  . HYP A 1 24 ? 3.808   16.097  13.544  1.00 28.53 ? 25  HYP A CA  1 
HETATM 159 C C   . HYP A 1 24 ? 3.827   15.719  15.067  1.00 22.93 ? 25  HYP A C   1 
HETATM 160 O O   . HYP A 1 24 ? 2.774   15.744  15.729  1.00 23.52 ? 25  HYP A O   1 
HETATM 161 C CB  . HYP A 1 24 ? 3.982   17.608  13.373  1.00 24.90 ? 25  HYP A CB  1 
HETATM 162 C CG  . HYP A 1 24 ? 3.180   17.968  12.122  1.00 26.36 ? 25  HYP A CG  1 
HETATM 163 C CD  . HYP A 1 24 ? 2.053   16.892  12.141  1.00 31.38 ? 25  HYP A CD  1 
HETATM 164 O OD1 . HYP A 1 24 ? 3.911   17.993  10.939  1.00 28.07 ? 25  HYP A OD1 1 
ATOM   165 N N   . GLY A 1 25 ? 5.001   15.365  15.576  1.00 24.36 ? 26  GLY A N   1 
ATOM   166 C CA  . GLY A 1 25 ? 5.149   15.077  16.987  1.00 25.21 ? 26  GLY A CA  1 
ATOM   167 C C   . GLY A 1 25 ? 4.941   16.335  17.803  1.00 26.92 ? 26  GLY A C   1 
ATOM   168 O O   . GLY A 1 25 ? 5.185   17.437  17.311  1.00 22.69 ? 26  GLY A O   1 
ATOM   169 N N   . PRO A 1 26 ? 4.480   16.182  19.041  1.00 26.18 ? 27  PRO A N   1 
ATOM   170 C CA  . PRO A 1 26 ? 4.266   17.361  19.888  1.00 22.43 ? 27  PRO A CA  1 
ATOM   171 C C   . PRO A 1 26 ? 5.586   17.952  20.347  1.00 25.78 ? 27  PRO A C   1 
ATOM   172 O O   . PRO A 1 26 ? 6.610   17.269  20.425  1.00 19.39 ? 27  PRO A O   1 
ATOM   173 C CB  . PRO A 1 26 ? 3.465   16.820  21.077  1.00 23.50 ? 27  PRO A CB  1 
ATOM   174 C CG  . PRO A 1 26 ? 3.589   15.337  21.032  1.00 33.46 ? 27  PRO A CG  1 
ATOM   175 C CD  . PRO A 1 26 ? 4.100   14.918  19.691  1.00 27.03 ? 27  PRO A CD  1 
ATOM   176 N N   . LYS A 1 27 ? 5.550   19.248  20.648  1.00 27.09 ? 28  LYS A N   1 
ATOM   177 C CA  . LYS A 1 27 ? 6.694   19.903  21.262  1.00 22.21 ? 28  LYS A CA  1 
ATOM   178 C C   . LYS A 1 27 ? 7.011   19.243  22.599  1.00 18.25 ? 28  LYS A C   1 
ATOM   179 O O   . LYS A 1 27 ? 6.120   18.788  23.319  1.00 19.59 ? 28  LYS A O   1 
ATOM   180 C CB  . LYS A 1 27 ? 6.410   21.392  21.470  1.00 22.40 ? 28  LYS A CB  1 
ATOM   181 C CG  . LYS A 1 27 ? 7.635   22.211  21.839  1.00 25.04 ? 28  LYS A CG  1 
ATOM   182 C CD  . LYS A 1 27 ? 7.435   23.692  21.556  1.00 22.41 ? 28  LYS A CD  1 
ATOM   183 C CE  . LYS A 1 27 ? 6.156   24.211  22.193  1.00 28.34 ? 28  LYS A CE  1 
ATOM   184 N NZ  . LYS A 1 27 ? 6.138   25.704  22.267  1.00 28.89 ? 28  LYS A NZ  1 
ATOM   185 N N   . GLY A 1 28 ? 8.299   19.177  22.922  1.00 17.82 ? 29  GLY A N   1 
ATOM   186 C CA  . GLY A 1 28 ? 8.729   18.681  24.207  1.00 20.17 ? 29  GLY A CA  1 
ATOM   187 C C   . GLY A 1 28 ? 8.269   19.584  25.332  1.00 16.71 ? 29  GLY A C   1 
ATOM   188 O O   . GLY A 1 28 ? 7.832   20.716  25.109  1.00 14.65 ? 29  GLY A O   1 
ATOM   189 N N   . PRO A 1 29 ? 8.349   19.096  26.567  1.00 16.71 ? 30  PRO A N   1 
ATOM   190 C CA  . PRO A 1 29 ? 7.950   19.930  27.707  1.00 16.08 ? 30  PRO A CA  1 
ATOM   191 C C   . PRO A 1 29 ? 8.870   21.134  27.858  1.00 14.23 ? 30  PRO A C   1 
ATOM   192 O O   . PRO A 1 29 ? 10.053  21.089  27.511  1.00 13.78 ? 30  PRO A O   1 
ATOM   193 C CB  . PRO A 1 29 ? 8.058   18.988  28.911  1.00 16.44 ? 30  PRO A CB  1 
ATOM   194 C CG  . PRO A 1 29 ? 8.760   17.767  28.442  1.00 18.89 ? 30  PRO A CG  1 
ATOM   195 C CD  . PRO A 1 29 ? 8.793   17.746  26.952  1.00 14.04 ? 30  PRO A CD  1 
ATOM   196 N N   . LYS A 1 30 ? 8.307   22.224  28.374  1.00 10.04 ? 31  LYS A N   1 
ATOM   197 C CA  . LYS A 1 30 ? 9.093   23.428  28.601  1.00 11.01 ? 31  LYS A CA  1 
ATOM   198 C C   . LYS A 1 30 ? 10.163  23.178  29.656  1.00 11.48 ? 31  LYS A C   1 
ATOM   199 O O   . LYS A 1 30 ? 9.966   22.417  30.608  1.00 9.00  ? 31  LYS A O   1 
ATOM   200 C CB  . LYS A 1 30 ? 8.194   24.585  29.043  1.00 13.81 ? 31  LYS A CB  1 
ATOM   201 C CG  . LYS A 1 30 ? 8.874   25.949  28.992  1.00 12.65 ? 31  LYS A CG  1 
ATOM   202 C CD  . LYS A 1 30 ? 7.929   27.078  29.357  1.00 11.80 ? 31  LYS A CD  1 
ATOM   203 C CE  . LYS A 1 30 ? 8.612   28.432  29.192  1.00 14.49 ? 31  LYS A CE  1 
ATOM   204 N NZ  . LYS A 1 30 ? 7.784   29.547  29.724  1.00 24.55 ? 31  LYS A NZ  1 
ATOM   205 N N   . GLY A 1 31 ? 11.309  23.828  29.477  1.00 10.45 ? 32  GLY A N   1 
ATOM   206 C CA  . GLY A 1 31 ? 12.382  23.750  30.447  1.00 11.41 ? 32  GLY A CA  1 
ATOM   207 C C   . GLY A 1 31 ? 12.107  24.605  31.668  1.00 10.94 ? 32  GLY A C   1 
ATOM   208 O O   . GLY A 1 31 ? 12.913  24.667  32.592  1.00 11.11 ? 32  GLY A O   1 
ATOM   209 O OXT . GLY A 1 31 ? 11.071  25.266  31.771  1.00 11.33 ? 32  GLY A OXT 1 
ATOM   210 N N   . GLY B 2 1  ? -9.563  -27.303 -32.978 1.00 32.00 ? 2   GLY B N   1 
ATOM   211 C CA  . GLY B 2 1  ? -10.438 -26.516 -32.128 1.00 35.32 ? 2   GLY B CA  1 
ATOM   212 C C   . GLY B 2 1  ? -9.933  -25.106 -31.874 1.00 31.93 ? 2   GLY B C   1 
ATOM   213 O O   . GLY B 2 1  ? -8.749  -24.822 -32.078 1.00 31.29 ? 2   GLY B O   1 
ATOM   214 N N   . PRO B 2 2  ? -10.813 -24.222 -31.424 1.00 31.39 ? 3   PRO B N   1 
ATOM   215 C CA  . PRO B 2 2  ? -10.411 -22.831 -31.191 1.00 25.71 ? 3   PRO B CA  1 
ATOM   216 C C   . PRO B 2 2  ? -9.633  -22.675 -29.889 1.00 24.05 ? 3   PRO B C   1 
ATOM   217 O O   . PRO B 2 2  ? -9.733  -23.480 -28.962 1.00 20.26 ? 3   PRO B O   1 
ATOM   218 C CB  . PRO B 2 2  ? -11.751 -22.095 -31.130 1.00 28.57 ? 3   PRO B CB  1 
ATOM   219 C CG  . PRO B 2 2  ? -12.682 -23.109 -30.535 1.00 30.17 ? 3   PRO B CG  1 
ATOM   220 C CD  . PRO B 2 2  ? -12.216 -24.461 -31.028 1.00 28.34 ? 3   PRO B CD  1 
ATOM   221 N N   . ASP B 2 3  ? -8.840  -21.604 -29.844 1.00 19.26 ? 4   ASP B N   1 
ATOM   222 C CA  . ASP B 2 3  ? -8.076  -21.304 -28.643 1.00 19.90 ? 4   ASP B CA  1 
ATOM   223 C C   . ASP B 2 3  ? -9.017  -21.038 -27.478 1.00 15.16 ? 4   ASP B C   1 
ATOM   224 O O   . ASP B 2 3  ? -10.151 -20.583 -27.657 1.00 14.96 ? 4   ASP B O   1 
ATOM   225 C CB  . ASP B 2 3  ? -7.170  -20.093 -28.871 1.00 18.69 ? 4   ASP B CB  1 
ATOM   226 C CG  . ASP B 2 3  ? -6.052  -20.376 -29.856 1.00 33.40 ? 4   ASP B CG  1 
ATOM   227 O OD1 . ASP B 2 3  ? -5.975  -21.516 -30.356 1.00 30.70 ? 4   ASP B OD1 1 
ATOM   228 O OD2 . ASP B 2 3  ? -5.256  -19.452 -30.137 1.00 35.71 ? 4   ASP B OD2 1 
ATOM   229 N N   . GLY B 2 4  ? -8.540  -21.331 -26.275 1.00 14.92 ? 5   GLY B N   1 
ATOM   230 C CA  . GLY B 2 4  ? -9.335  -21.117 -25.086 1.00 13.06 ? 5   GLY B CA  1 
ATOM   231 C C   . GLY B 2 4  ? -9.574  -19.644 -24.795 1.00 13.56 ? 5   GLY B C   1 
ATOM   232 O O   . GLY B 2 4  ? -8.937  -18.742 -25.346 1.00 12.14 ? 5   GLY B O   1 
ATOM   233 N N   . ASP B 2 5  ? -10.531 -19.407 -23.901 1.00 9.97  ? 6   ASP B N   1 
ATOM   234 C CA  . ASP B 2 5  ? -10.888 -18.060 -23.486 1.00 9.40  ? 6   ASP B CA  1 
ATOM   235 C C   . ASP B 2 5  ? -9.808  -17.464 -22.594 1.00 8.64  ? 6   ASP B C   1 
ATOM   236 O O   . ASP B 2 5  ? -9.084  -18.190 -21.910 1.00 8.91  ? 6   ASP B O   1 
ATOM   237 C CB  . ASP B 2 5  ? -12.213 -18.062 -22.727 1.00 8.88  ? 6   ASP B CB  1 
ATOM   238 C CG  . ASP B 2 5  ? -13.366 -18.562 -23.564 1.00 12.49 ? 6   ASP B CG  1 
ATOM   239 O OD1 . ASP B 2 5  ? -13.405 -18.260 -24.775 1.00 11.29 ? 6   ASP B OD1 1 
ATOM   240 O OD2 . ASP B 2 5  ? -14.233 -19.263 -23.000 1.00 10.32 ? 6   ASP B OD2 1 
HETATM 241 N N   . HYP B 2 6  ? -9.719  -16.139 -22.588 1.00 8.49  ? 7   HYP B N   1 
HETATM 242 C CA  . HYP B 2 6  ? -8.845  -15.438 -21.643 1.00 6.60  ? 7   HYP B CA  1 
HETATM 243 C C   . HYP B 2 6  ? -9.135  -15.843 -20.156 1.00 7.31  ? 7   HYP B C   1 
HETATM 244 O O   . HYP B 2 6  ? -10.304 -16.059 -19.789 1.00 8.18  ? 7   HYP B O   1 
HETATM 245 C CB  . HYP B 2 6  ? -9.053  -13.923 -21.845 1.00 9.02  ? 7   HYP B CB  1 
HETATM 246 C CG  . HYP B 2 6  ? -9.438  -13.810 -23.313 1.00 6.73  ? 7   HYP B CG  1 
HETATM 247 C CD  . HYP B 2 6  ? -10.298 -15.092 -23.470 1.00 8.62  ? 7   HYP B CD  1 
HETATM 248 O OD1 . HYP B 2 6  ? -8.359  -13.770 -24.184 1.00 10.03 ? 7   HYP B OD1 1 
ATOM   249 N N   . GLY B 2 7  ? -8.084  -15.946 -19.352 1.00 8.71  ? 8   GLY B N   1 
ATOM   250 C CA  . GLY B 2 7  ? -8.246  -16.235 -17.941 1.00 10.35 ? 8   GLY B CA  1 
ATOM   251 C C   . GLY B 2 7  ? -8.944  -15.114 -17.196 1.00 7.49  ? 8   GLY B C   1 
ATOM   252 O O   . GLY B 2 7  ? -9.046  -13.995 -17.696 1.00 6.41  ? 8   GLY B O   1 
ATOM   253 N N   . ASP B 2 8  ? -9.437  -15.422 -16.003 1.00 8.56  ? 9   ASP B N   1 
ATOM   254 C CA  . ASP B 2 8  ? -10.051 -14.425 -15.141 1.00 8.28  ? 9   ASP B CA  1 
ATOM   255 C C   . ASP B 2 8  ? -9.031  -13.387 -14.709 1.00 8.01  ? 9   ASP B C   1 
ATOM   256 O O   . ASP B 2 8  ? -7.833  -13.661 -14.680 1.00 7.70  ? 9   ASP B O   1 
ATOM   257 C CB  . ASP B 2 8  ? -10.668 -15.086 -13.909 1.00 10.83 ? 9   ASP B CB  1 
ATOM   258 C CG  . ASP B 2 8  ? -11.883 -15.925 -14.243 1.00 12.95 ? 9   ASP B CG  1 
ATOM   259 O OD1 . ASP B 2 8  ? -12.651 -15.528 -15.141 1.00 10.92 ? 9   ASP B OD1 1 
ATOM   260 O OD2 . ASP B 2 8  ? -12.058 -16.986 -13.615 1.00 17.46 ? 9   ASP B OD2 1 
HETATM 261 N N   . HYP B 2 9  ? -9.509  -12.196 -14.378 1.00 7.56  ? 10  HYP B N   1 
HETATM 262 C CA  . HYP B 2 9  ? -8.640  -11.172 -13.768 1.00 8.81  ? 10  HYP B CA  1 
HETATM 263 C C   . HYP B 2 9  ? -7.992  -11.694 -12.445 1.00 7.54  ? 10  HYP B C   1 
HETATM 264 O O   . HYP B 2 9  ? -8.619  -12.494 -11.730 1.00 8.56  ? 10  HYP B O   1 
HETATM 265 C CB  . HYP B 2 9  ? -9.486  -9.925  -13.503 1.00 10.64 ? 10  HYP B CB  1 
HETATM 266 C CG  . HYP B 2 9  ? -10.616 -10.028 -14.517 1.00 8.09  ? 10  HYP B CG  1 
HETATM 267 C CD  . HYP B 2 9  ? -10.834 -11.558 -14.524 1.00 9.51  ? 10  HYP B CD  1 
HETATM 268 O OD1 . HYP B 2 9  ? -10.313 -9.519  -15.767 1.00 7.73  ? 10  HYP B OD1 1 
ATOM   269 N N   . GLY B 2 10 ? -6.772  -11.260 -12.161 1.00 5.70  ? 11  GLY B N   1 
ATOM   270 C CA  . GLY B 2 10 ? -6.128  -11.611 -10.912 1.00 8.13  ? 11  GLY B CA  1 
ATOM   271 C C   . GLY B 2 10 ? -6.831  -10.989 -9.723  1.00 10.89 ? 11  GLY B C   1 
ATOM   272 O O   . GLY B 2 10 ? -7.693  -10.122 -9.883  1.00 7.52  ? 11  GLY B O   1 
ATOM   273 N N   . ASP B 2 11 ? -6.468  -11.444 -8.528  1.00 9.09  ? 12  ASP B N   1 
ATOM   274 C CA  . ASP B 2 11 ? -6.979  -10.867 -7.294  1.00 12.24 ? 12  ASP B CA  1 
ATOM   275 C C   . ASP B 2 11 ? -6.565  -9.409  -7.170  1.00 11.00 ? 12  ASP B C   1 
ATOM   276 O O   . ASP B 2 11 ? -5.545  -8.997  -7.719  1.00 9.13  ? 12  ASP B O   1 
ATOM   277 C CB  . ASP B 2 11 ? -6.465  -11.644 -6.080  1.00 12.45 ? 12  ASP B CB  1 
ATOM   278 C CG  . ASP B 2 11 ? -6.991  -13.058 -6.027  1.00 12.65 ? 12  ASP B CG  1 
ATOM   279 O OD1 . ASP B 2 11 ? -8.108  -13.302 -6.529  1.00 14.05 ? 12  ASP B OD1 1 
ATOM   280 O OD2 . ASP B 2 11 ? -6.276  -13.927 -5.489  1.00 16.13 ? 12  ASP B OD2 1 
HETATM 281 N N   . HYP B 2 12 ? -7.353  -8.633  -6.440  1.00 10.08 ? 13  HYP B N   1 
HETATM 282 C CA  . HYP B 2 12 ? -6.942  -7.265  -6.095  1.00 12.89 ? 13  HYP B CA  1 
HETATM 283 C C   . HYP B 2 12 ? -5.587  -7.284  -5.310  1.00 10.78 ? 13  HYP B C   1 
HETATM 284 O O   . HYP B 2 12 ? -5.350  -8.216  -4.522  1.00 9.27  ? 13  HYP B O   1 
HETATM 285 C CB  . HYP B 2 12 ? -8.068  -6.627  -5.261  1.00 14.29 ? 13  HYP B CB  1 
HETATM 286 C CG  . HYP B 2 12 ? -9.303  -7.462  -5.609  1.00 14.09 ? 13  HYP B CG  1 
HETATM 287 C CD  . HYP B 2 12 ? -8.648  -8.845  -5.748  1.00 14.75 ? 13  HYP B CD  1 
HETATM 288 O OD1 . HYP B 2 12 ? -9.965  -7.072  -6.768  1.00 14.67 ? 13  HYP B OD1 1 
ATOM   289 N N   . GLY B 2 13 ? -4.726  -6.305  -5.554  1.00 7.14  ? 14  GLY B N   1 
ATOM   290 C CA  . GLY B 2 13 ? -3.501  -6.198  -4.788  1.00 9.25  ? 14  GLY B CA  1 
ATOM   291 C C   . GLY B 2 13 ? -3.828  -5.900  -3.340  1.00 10.77 ? 14  GLY B C   1 
ATOM   292 O O   . GLY B 2 13 ? -4.911  -5.398  -3.044  1.00 9.87  ? 14  GLY B O   1 
ATOM   293 N N   . PRO B 2 14 ? -2.910  -6.219  -2.432  1.00 10.31 ? 15  PRO B N   1 
ATOM   294 C CA  . PRO B 2 14 ? -3.151  -5.918  -1.019  1.00 10.43 ? 15  PRO B CA  1 
ATOM   295 C C   . PRO B 2 14 ? -3.160  -4.418  -0.777  1.00 10.65 ? 15  PRO B C   1 
ATOM   296 O O   . PRO B 2 14 ? -2.484  -3.648  -1.463  1.00 12.71 ? 15  PRO B O   1 
ATOM   297 C CB  . PRO B 2 14 ? -1.973  -6.592  -0.307  1.00 13.80 ? 15  PRO B CB  1 
ATOM   298 C CG  . PRO B 2 14 ? -0.902  -6.647  -1.345  1.00 19.76 ? 15  PRO B CG  1 
ATOM   299 C CD  . PRO B 2 14 ? -1.629  -6.913  -2.635  1.00 11.57 ? 15  PRO B CD  1 
ATOM   300 N N   . ASP B 2 15 ? -3.957  -4.003  0.201   1.00 11.54 ? 16  ASP B N   1 
ATOM   301 C CA  . ASP B 2 15 ? -3.979  -2.598  0.573   1.00 10.70 ? 16  ASP B CA  1 
ATOM   302 C C   . ASP B 2 15 ? -2.589  -2.152  1.013   1.00 11.93 ? 16  ASP B C   1 
ATOM   303 O O   . ASP B 2 15 ? -1.780  -2.947  1.501   1.00 11.54 ? 16  ASP B O   1 
ATOM   304 C CB  . ASP B 2 15 ? -5.006  -2.355  1.676   1.00 13.07 ? 16  ASP B CB  1 
ATOM   305 C CG  . ASP B 2 15 ? -6.434  -2.497  1.181   1.00 23.36 ? 16  ASP B CG  1 
ATOM   306 O OD1 . ASP B 2 15 ? -6.629  -2.710  -0.039  1.00 20.19 ? 16  ASP B OD1 1 
ATOM   307 O OD2 . ASP B 2 15 ? -7.363  -2.388  2.007   1.00 20.39 ? 16  ASP B OD2 1 
ATOM   308 N N   . GLY B 2 16 ? -2.312  -0.868  0.821   1.00 12.77 ? 17  GLY B N   1 
ATOM   309 C CA  . GLY B 2 16 ? -0.976  -0.344  1.025   1.00 14.30 ? 17  GLY B CA  1 
ATOM   310 C C   . GLY B 2 16 ? -0.534  -0.385  2.477   1.00 18.89 ? 17  GLY B C   1 
ATOM   311 O O   . GLY B 2 16 ? -1.303  -0.620  3.410   1.00 18.81 ? 17  GLY B O   1 
ATOM   312 N N   . ARG B 2 17 ? 0.758   -0.145  2.655   1.00 18.61 ? 18  ARG B N   1 
ATOM   313 C CA  . ARG B 2 17 ? 1.365   -0.110  3.975   1.00 25.10 ? 18  ARG B CA  1 
ATOM   314 C C   . ARG B 2 17 ? 1.090   1.253   4.609   1.00 19.41 ? 18  ARG B C   1 
ATOM   315 O O   . ARG B 2 17 ? 0.705   2.190   3.914   1.00 17.37 ? 18  ARG B O   1 
ATOM   316 C CB  . ARG B 2 17 ? 2.865   -0.395  3.864   1.00 23.84 ? 18  ARG B CB  1 
ATOM   317 C CG  . ARG B 2 17 ? 3.218   -1.852  4.136   1.00 31.76 ? 18  ARG B CG  1 
ATOM   318 C CD  . ARG B 2 17 ? 4.654   -2.166  3.757   1.00 36.46 ? 18  ARG B CD  1 
ATOM   319 N NE  . ARG B 2 17 ? 4.900   -1.955  2.335   1.00 35.15 ? 18  ARG B NE  1 
ATOM   320 C CZ  . ARG B 2 17 ? 6.009   -1.425  1.839   1.00 39.21 ? 18  ARG B CZ  1 
ATOM   321 N NH1 . ARG B 2 17 ? 6.990   -1.013  2.626   1.00 43.23 ? 18  ARG B NH1 1 
ATOM   322 N NH2 . ARG B 2 17 ? 6.138   -1.305  0.521   1.00 39.32 ? 18  ARG B NH2 1 
HETATM 323 N N   . HYP B 2 18 ? 1.260   1.362   5.923   1.00 24.07 ? 19  HYP B N   1 
HETATM 324 C CA  . HYP B 2 18 ? 1.003   2.657   6.607   1.00 20.28 ? 19  HYP B CA  1 
HETATM 325 C C   . HYP B 2 18 ? 1.930   3.802   6.076   1.00 20.68 ? 19  HYP B C   1 
HETATM 326 O O   . HYP B 2 18 ? 3.056   3.527   5.629   1.00 24.03 ? 19  HYP B O   1 
HETATM 327 C CB  . HYP B 2 18 ? 1.206   2.448   8.113   1.00 26.07 ? 19  HYP B CB  1 
HETATM 328 C CG  . HYP B 2 18 ? 1.094   0.938   8.320   1.00 25.65 ? 19  HYP B CG  1 
HETATM 329 C CD  . HYP B 2 18 ? 1.665   0.416   6.990   1.00 22.54 ? 19  HYP B CD  1 
HETATM 330 O OD1 . HYP B 2 18 ? -0.189  0.464   8.576   1.00 26.13 ? 19  HYP B OD1 1 
ATOM   331 N N   . GLY B 2 19 ? 1.445   5.037   6.119   1.00 20.57 ? 20  GLY B N   1 
ATOM   332 C CA  . GLY B 2 19 ? 2.239   6.171   5.691   1.00 24.31 ? 20  GLY B CA  1 
ATOM   333 C C   . GLY B 2 19 ? 3.456   6.367   6.567   1.00 26.55 ? 20  GLY B C   1 
ATOM   334 O O   . GLY B 2 19 ? 3.536   5.805   7.659   1.00 26.90 ? 20  GLY B O   1 
ATOM   335 N N   . PRO B 2 20 ? 4.410   7.167   6.104   1.00 29.15 ? 21  PRO B N   1 
ATOM   336 C CA  . PRO B 2 20 ? 5.605   7.417   6.911   1.00 29.04 ? 21  PRO B CA  1 
ATOM   337 C C   . PRO B 2 20 ? 5.262   8.208   8.163   1.00 31.85 ? 21  PRO B C   1 
ATOM   338 O O   . PRO B 2 20 ? 4.239   8.893   8.243   1.00 27.80 ? 21  PRO B O   1 
ATOM   339 C CB  . PRO B 2 20 ? 6.519   8.213   5.974   1.00 26.92 ? 21  PRO B CB  1 
ATOM   340 C CG  . PRO B 2 20 ? 5.636   8.764   4.909   1.00 32.92 ? 21  PRO B CG  1 
ATOM   341 C CD  . PRO B 2 20 ? 4.296   8.086   4.959   1.00 28.37 ? 21  PRO B CD  1 
ATOM   342 N N   . ASP B 2 21 ? 6.136   8.080   9.159   1.00 33.05 ? 22  ASP B N   1 
ATOM   343 C CA  . ASP B 2 21 ? 5.933   8.758   10.430  1.00 26.87 ? 22  ASP B CA  1 
ATOM   344 C C   . ASP B 2 21 ? 5.842   10.265  10.221  1.00 26.65 ? 22  ASP B C   1 
ATOM   345 O O   . ASP B 2 21 ? 6.420   10.820  9.284   1.00 26.91 ? 22  ASP B O   1 
ATOM   346 C CB  . ASP B 2 21 ? 7.082   8.456   11.396  1.00 31.24 ? 22  ASP B CB  1 
ATOM   347 C CG  . ASP B 2 21 ? 7.154   6.995   11.785  1.00 35.84 ? 22  ASP B CG  1 
ATOM   348 O OD1 . ASP B 2 21 ? 6.122   6.303   11.706  1.00 35.97 ? 22  ASP B OD1 1 
ATOM   349 O OD2 . ASP B 2 21 ? 8.247   6.539   12.182  1.00 43.62 ? 22  ASP B OD2 1 
ATOM   350 N N   . GLY B 2 22 ? 5.107   10.927  11.108  1.00 25.55 ? 23  GLY B N   1 
ATOM   351 C CA  . GLY B 2 22 ? 5.127   12.368  11.163  1.00 27.62 ? 23  GLY B CA  1 
ATOM   352 C C   . GLY B 2 22 ? 6.502   12.851  11.578  1.00 25.11 ? 23  GLY B C   1 
ATOM   353 O O   . GLY B 2 22 ? 7.283   12.111  12.183  1.00 27.97 ? 23  GLY B O   1 
ATOM   354 N N   . PRO B 2 23 ? 6.835   14.095  11.247  1.00 25.71 ? 24  PRO B N   1 
ATOM   355 C CA  . PRO B 2 23 ? 8.139   14.628  11.648  1.00 25.05 ? 24  PRO B CA  1 
ATOM   356 C C   . PRO B 2 23 ? 8.240   14.733  13.160  1.00 27.38 ? 24  PRO B C   1 
ATOM   357 O O   . PRO B 2 23 ? 7.254   14.993  13.856  1.00 25.43 ? 24  PRO B O   1 
ATOM   358 C CB  . PRO B 2 23 ? 8.180   16.011  10.987  1.00 31.77 ? 24  PRO B CB  1 
ATOM   359 C CG  . PRO B 2 23 ? 6.751   16.372  10.774  1.00 31.69 ? 24  PRO B CG  1 
ATOM   360 C CD  . PRO B 2 23 ? 6.026   15.086  10.521  1.00 29.42 ? 24  PRO B CD  1 
ATOM   361 N N   . ASP B 2 24 ? 9.451   14.508  13.667  1.00 30.42 ? 25  ASP B N   1 
ATOM   362 C CA  . ASP B 2 24 ? 9.679   14.558  15.104  1.00 29.05 ? 25  ASP B CA  1 
ATOM   363 C C   . ASP B 2 24 ? 9.397   15.957  15.636  1.00 27.31 ? 25  ASP B C   1 
ATOM   364 O O   . ASP B 2 24 ? 9.729   16.961  15.000  1.00 27.53 ? 25  ASP B O   1 
ATOM   365 C CB  . ASP B 2 24 ? 11.118  14.158  15.432  1.00 33.10 ? 25  ASP B CB  1 
ATOM   366 C CG  . ASP B 2 24 ? 11.441  12.734  15.017  1.00 42.65 ? 25  ASP B CG  1 
ATOM   367 O OD1 . ASP B 2 24 ? 10.500  11.940  14.802  1.00 39.70 ? 25  ASP B OD1 1 
ATOM   368 O OD2 . ASP B 2 24 ? 12.643  12.415  14.895  1.00 36.47 ? 25  ASP B OD2 1 
ATOM   369 N N   . GLY B 2 25 ? 8.775   16.017  16.811  1.00 26.20 ? 26  GLY B N   1 
ATOM   370 C CA  . GLY B 2 25 ? 8.472   17.276  17.448  1.00 24.35 ? 26  GLY B CA  1 
ATOM   371 C C   . GLY B 2 25 ? 9.726   18.004  17.892  1.00 21.75 ? 26  GLY B C   1 
ATOM   372 O O   . GLY B 2 25 ? 10.761  17.394  18.173  1.00 23.91 ? 26  GLY B O   1 
ATOM   373 N N   . PRO B 2 26 ? 9.654   19.328  17.965  1.00 24.53 ? 27  PRO B N   1 
ATOM   374 C CA  . PRO B 2 26 ? 10.815  20.108  18.394  1.00 26.17 ? 27  PRO B CA  1 
ATOM   375 C C   . PRO B 2 26 ? 11.000  20.033  19.900  1.00 20.66 ? 27  PRO B C   1 
ATOM   376 O O   . PRO B 2 26 ? 10.067  19.766  20.659  1.00 21.97 ? 27  PRO B O   1 
ATOM   377 C CB  . PRO B 2 26 ? 10.457  21.529  17.953  1.00 26.81 ? 27  PRO B CB  1 
ATOM   378 C CG  . PRO B 2 26 ? 8.968   21.568  18.102  1.00 25.74 ? 27  PRO B CG  1 
ATOM   379 C CD  . PRO B 2 26 ? 8.482   20.184  17.710  1.00 25.43 ? 27  PRO B CD  1 
ATOM   380 N N   . ALA B 2 27 ? 12.237  20.277  20.326  1.00 23.87 ? 28  ALA B N   1 
ATOM   381 C CA  . ALA B 2 27 ? 12.520  20.323  21.752  1.00 17.93 ? 28  ALA B CA  1 
ATOM   382 C C   . ALA B 2 27 ? 11.717  21.440  22.411  1.00 15.74 ? 28  ALA B C   1 
ATOM   383 O O   . ALA B 2 27 ? 11.378  22.448  21.784  1.00 18.97 ? 28  ALA B O   1 
ATOM   384 C CB  . ALA B 2 27 ? 14.017  20.527  21.994  1.00 24.81 ? 28  ALA B CB  1 
ATOM   385 N N   . GLY B 2 28 ? 11.396  21.243  23.688  1.00 17.34 ? 29  GLY B N   1 
ATOM   386 C CA  . GLY B 2 28 ? 10.626  22.235  24.411  1.00 14.34 ? 29  GLY B CA  1 
ATOM   387 C C   . GLY B 2 28 ? 11.354  23.560  24.523  1.00 13.89 ? 29  GLY B C   1 
ATOM   388 O O   . GLY B 2 28 ? 12.569  23.657  24.338  1.00 14.06 ? 29  GLY B O   1 
ATOM   389 N N   . ASP B 2 29 ? 10.579  24.603  24.815  1.00 12.52 ? 30  ASP B N   1 
ATOM   390 C CA  . ASP B 2 29 ? 11.120  25.942  25.008  1.00 11.59 ? 30  ASP B CA  1 
ATOM   391 C C   . ASP B 2 29 ? 12.009  25.985  26.246  1.00 11.37 ? 30  ASP B C   1 
ATOM   392 O O   . ASP B 2 29 ? 11.847  25.177  27.159  1.00 11.04 ? 30  ASP B O   1 
ATOM   393 C CB  . ASP B 2 29 ? 9.988   26.962  25.161  1.00 11.00 ? 30  ASP B CB  1 
ATOM   394 C CG  . ASP B 2 29 ? 9.144   27.107  23.905  1.00 15.00 ? 30  ASP B CG  1 
ATOM   395 O OD1 . ASP B 2 29 ? 9.512   26.541  22.861  1.00 14.59 ? 30  ASP B OD1 1 
ATOM   396 O OD2 . ASP B 2 29 ? 8.101   27.789  23.976  1.00 22.13 ? 30  ASP B OD2 1 
HETATM 397 N N   . HYP B 2 30 ? 12.935  26.939  26.282  1.00 12.55 ? 31  HYP B N   1 
HETATM 398 C CA  . HYP B 2 30 ? 13.760  27.161  27.493  1.00 11.30 ? 31  HYP B CA  1 
HETATM 399 C C   . HYP B 2 30 ? 12.911  27.636  28.721  1.00 15.96 ? 31  HYP B C   1 
HETATM 400 O O   . HYP B 2 30 ? 11.808  28.176  28.534  1.00 11.48 ? 31  HYP B O   1 
HETATM 401 C CB  . HYP B 2 30 ? 14.827  28.208  27.148  1.00 14.00 ? 31  HYP B CB  1 
HETATM 402 C CG  . HYP B 2 30 ? 15.047  28.017  25.654  1.00 11.60 ? 31  HYP B CG  1 
HETATM 403 C CD  . HYP B 2 30 ? 13.592  27.722  25.199  1.00 15.27 ? 31  HYP B CD  1 
HETATM 404 O OD1 . HYP B 2 30 ? 15.936  27.001  25.321  1.00 12.55 ? 31  HYP B OD1 1 
ATOM   405 N N   . GLY B 2 31 ? 13.434  27.431  29.928  1.00 10.71 ? 32  GLY B N   1 
ATOM   406 C CA  . GLY B 2 31 ? 12.778  27.916  31.127  1.00 9.95  ? 32  GLY B CA  1 
ATOM   407 C C   . GLY B 2 31 ? 12.669  29.427  31.154  1.00 12.95 ? 32  GLY B C   1 
ATOM   408 O O   . GLY B 2 31 ? 11.832  29.982  31.868  1.00 12.05 ? 32  GLY B O   1 
ATOM   409 O OXT . GLY B 2 31 ? 13.415  30.122  30.457  1.00 10.77 ? 32  GLY B OXT 1 
ATOM   410 N N   . TYR C 3 1  ? -9.169  -30.608 -28.726 1.00 36.27 ? 1   TYR C N   1 
ATOM   411 C CA  . TYR C 3 1  ? -9.522  -29.225 -28.428 1.00 34.43 ? 1   TYR C CA  1 
ATOM   412 C C   . TYR C 3 1  ? -8.347  -28.273 -28.680 1.00 33.52 ? 1   TYR C C   1 
ATOM   413 O O   . TYR C 3 1  ? -7.224  -28.715 -28.920 1.00 33.01 ? 1   TYR C O   1 
ATOM   414 C CB  . TYR C 3 1  ? -10.038 -29.110 -26.986 1.00 33.85 ? 1   TYR C CB  1 
ATOM   415 C CG  . TYR C 3 1  ? -9.138  -29.709 -25.922 1.00 34.82 ? 1   TYR C CG  1 
ATOM   416 C CD1 . TYR C 3 1  ? -8.109  -28.969 -25.353 1.00 28.58 ? 1   TYR C CD1 1 
ATOM   417 C CD2 . TYR C 3 1  ? -9.322  -31.015 -25.486 1.00 35.11 ? 1   TYR C CD2 1 
ATOM   418 C CE1 . TYR C 3 1  ? -7.290  -29.511 -24.372 1.00 33.94 ? 1   TYR C CE1 1 
ATOM   419 C CE2 . TYR C 3 1  ? -8.507  -31.570 -24.509 1.00 38.36 ? 1   TYR C CE2 1 
ATOM   420 C CZ  . TYR C 3 1  ? -7.491  -30.813 -23.955 1.00 40.01 ? 1   TYR C CZ  1 
ATOM   421 O OH  . TYR C 3 1  ? -6.679  -31.361 -22.986 1.00 33.66 ? 1   TYR C OH  1 
ATOM   422 N N   . GLY C 3 2  ? -8.615  -26.968 -28.639 1.00 30.50 ? 2   GLY C N   1 
ATOM   423 C CA  . GLY C 3 2  ? -7.630  -25.978 -29.026 1.00 29.87 ? 2   GLY C CA  1 
ATOM   424 C C   . GLY C 3 2  ? -6.601  -25.672 -27.946 1.00 28.09 ? 2   GLY C C   1 
ATOM   425 O O   . GLY C 3 2  ? -6.536  -26.305 -26.892 1.00 33.65 ? 2   GLY C O   1 
ATOM   426 N N   . LYS C 3 3  ? -5.772  -24.671 -28.242 1.00 21.46 ? 3   LYS C N   1 
ATOM   427 C CA  . LYS C 3 3  ? -4.721  -24.200 -27.337 1.00 19.75 ? 3   LYS C CA  1 
ATOM   428 C C   . LYS C 3 3  ? -5.291  -23.631 -26.044 1.00 15.78 ? 3   LYS C C   1 
ATOM   429 O O   . LYS C 3 3  ? -6.432  -23.180 -26.009 1.00 17.50 ? 3   LYS C O   1 
ATOM   430 C CB  . LYS C 3 3  ? -3.878  -23.119 -28.021 1.00 27.52 ? 3   LYS C CB  1 
ATOM   431 C CG  . LYS C 3 3  ? -2.840  -23.625 -29.006 1.00 36.02 ? 3   LYS C CG  1 
ATOM   432 C CD  . LYS C 3 3  ? -2.168  -22.457 -29.719 1.00 36.57 ? 3   LYS C CD  1 
ATOM   433 C CE  . LYS C 3 3  ? -0.653  -22.527 -29.620 1.00 40.46 ? 3   LYS C CE  1 
ATOM   434 N NZ  . LYS C 3 3  ? 0.011   -21.654 -30.630 1.00 42.88 ? 3   LYS C NZ  1 
HETATM 435 N N   . HYP C 3 4  ? -4.490  -23.636 -24.982 1.00 15.80 ? 4   HYP C N   1 
HETATM 436 C CA  . HYP C 3 4  ? -4.883  -22.935 -23.746 1.00 12.32 ? 4   HYP C CA  1 
HETATM 437 C C   . HYP C 3 4  ? -5.061  -21.393 -23.997 1.00 12.77 ? 4   HYP C C   1 
HETATM 438 O O   . HYP C 3 4  ? -4.310  -20.808 -24.799 1.00 12.20 ? 4   HYP C O   1 
HETATM 439 C CB  . HYP C 3 4  ? -3.806  -23.219 -22.686 1.00 12.64 ? 4   HYP C CB  1 
HETATM 440 C CG  . HYP C 3 4  ? -3.264  -24.595 -23.091 1.00 15.18 ? 4   HYP C CG  1 
HETATM 441 C CD  . HYP C 3 4  ? -3.294  -24.455 -24.627 1.00 14.98 ? 4   HYP C CD  1 
HETATM 442 O OD1 . HYP C 3 4  ? -4.007  -25.676 -22.636 1.00 15.79 ? 4   HYP C OD1 1 
ATOM   443 N N   . GLY C 3 5  ? -6.045  -20.787 -23.341 1.00 11.82 ? 5   GLY C N   1 
ATOM   444 C CA  . GLY C 3 5  ? -6.311  -19.370 -23.508 1.00 12.02 ? 5   GLY C CA  1 
ATOM   445 C C   . GLY C 3 5  ? -5.232  -18.495 -22.901 1.00 13.01 ? 5   GLY C C   1 
ATOM   446 O O   . GLY C 3 5  ? -4.415  -18.969 -22.111 1.00 10.71 ? 5   GLY C O   1 
ATOM   447 N N   . PRO C 3 6  ? -5.217  -17.218 -23.272 1.00 11.58 ? 6   PRO C N   1 
ATOM   448 C CA  . PRO C 3 6  ? -4.215  -16.302 -22.718 1.00 9.09  ? 6   PRO C CA  1 
ATOM   449 C C   . PRO C 3 6  ? -4.408  -16.094 -21.224 1.00 8.82  ? 6   PRO C C   1 
ATOM   450 O O   . PRO C 3 6  ? -5.504  -16.247 -20.681 1.00 6.59  ? 6   PRO C O   1 
ATOM   451 C CB  . PRO C 3 6  ? -4.450  -14.995 -23.486 1.00 9.75  ? 6   PRO C CB  1 
ATOM   452 C CG  . PRO C 3 6  ? -5.286  -15.365 -24.681 1.00 15.45 ? 6   PRO C CG  1 
ATOM   453 C CD  . PRO C 3 6  ? -6.060  -16.588 -24.303 1.00 10.67 ? 6   PRO C CD  1 
ATOM   454 N N   . ASP C 3 7  ? -3.309  -15.734 -20.560 1.00 10.59 ? 7   ASP C N   1 
ATOM   455 C CA  . ASP C 3 7  ? -3.384  -15.374 -19.150 1.00 11.93 ? 7   ASP C CA  1 
ATOM   456 C C   . ASP C 3 7  ? -4.364  -14.226 -18.963 1.00 9.77  ? 7   ASP C C   1 
ATOM   457 O O   . ASP C 3 7  ? -4.433  -13.310 -19.787 1.00 7.45  ? 7   ASP C O   1 
ATOM   458 C CB  . ASP C 3 7  ? -2.019  -14.940 -18.609 1.00 11.40 ? 7   ASP C CB  1 
ATOM   459 C CG  . ASP C 3 7  ? -0.928  -15.949 -18.870 1.00 20.39 ? 7   ASP C CG  1 
ATOM   460 O OD1 . ASP C 3 7  ? -1.223  -17.160 -18.933 1.00 17.72 ? 7   ASP C OD1 1 
ATOM   461 O OD2 . ASP C 3 7  ? 0.238   -15.515 -19.012 1.00 22.11 ? 7   ASP C OD2 1 
ATOM   462 N N   . GLY C 3 8  ? -5.122  -14.279 -17.871 1.00 8.37  ? 8   GLY C N   1 
ATOM   463 C CA  . GLY C 3 8  ? -5.975  -13.178 -17.492 1.00 7.27  ? 8   GLY C CA  1 
ATOM   464 C C   . GLY C 3 8  ? -5.161  -11.950 -17.139 1.00 6.29  ? 8   GLY C C   1 
ATOM   465 O O   . GLY C 3 8  ? -3.954  -12.024 -16.886 1.00 7.31  ? 8   GLY C O   1 
ATOM   466 N N   . PRO C 3 9  ? -5.804  -10.789 -17.118 1.00 8.96  ? 9   PRO C N   1 
ATOM   467 C CA  . PRO C 3 9  ? -5.084  -9.559  -16.785 1.00 6.22  ? 9   PRO C CA  1 
ATOM   468 C C   . PRO C 3 9  ? -4.723  -9.508  -15.309 1.00 7.08  ? 9   PRO C C   1 
ATOM   469 O O   . PRO C 3 9  ? -5.308  -10.200 -14.471 1.00 5.97  ? 9   PRO C O   1 
ATOM   470 C CB  . PRO C 3 9  ? -6.079  -8.453  -17.139 1.00 7.75  ? 9   PRO C CB  1 
ATOM   471 C CG  . PRO C 3 9  ? -7.409  -9.098  -17.021 1.00 7.28  ? 9   PRO C CG  1 
ATOM   472 C CD  . PRO C 3 9  ? -7.243  -10.560 -17.321 1.00 6.63  ? 9   PRO C CD  1 
ATOM   473 N N   . ASP C 3 10 ? -3.741  -8.663  -15.002 1.00 6.64  ? 10  ASP C N   1 
ATOM   474 C CA  . ASP C 3 10 ? -3.427  -8.347  -13.616 1.00 8.30  ? 10  ASP C CA  1 
ATOM   475 C C   . ASP C 3 10 ? -4.676  -7.857  -12.895 1.00 7.39  ? 10  ASP C C   1 
ATOM   476 O O   . ASP C 3 10 ? -5.566  -7.248  -13.495 1.00 7.47  ? 10  ASP C O   1 
ATOM   477 C CB  . ASP C 3 10 ? -2.346  -7.267  -13.538 1.00 9.67  ? 10  ASP C CB  1 
ATOM   478 C CG  . ASP C 3 10 ? -0.961  -7.789  -13.860 1.00 10.22 ? 10  ASP C CG  1 
ATOM   479 O OD1 . ASP C 3 10 ? -0.845  -8.843  -14.514 1.00 14.16 ? 10  ASP C OD1 1 
ATOM   480 O OD2 . ASP C 3 10 ? 0.015   -7.129  -13.456 1.00 12.10 ? 10  ASP C OD2 1 
ATOM   481 N N   . GLY C 3 11 ? -4.738  -8.127  -11.595 1.00 8.19  ? 11  GLY C N   1 
ATOM   482 C CA  . GLY C 3 11 ? -5.812  -7.623  -10.774 1.00 8.20  ? 11  GLY C CA  1 
ATOM   483 C C   . GLY C 3 11 ? -5.691  -6.124  -10.580 1.00 6.68  ? 11  GLY C C   1 
ATOM   484 O O   . GLY C 3 11 ? -4.689  -5.509  -10.955 1.00 7.01  ? 11  GLY C O   1 
ATOM   485 N N   . PRO C 3 12 ? -6.715  -5.507  -9.996  1.00 7.99  ? 12  PRO C N   1 
ATOM   486 C CA  . PRO C 3 12 ? -6.654  -4.064  -9.731  1.00 8.07  ? 12  PRO C CA  1 
ATOM   487 C C   . PRO C 3 12 ? -5.721  -3.738  -8.573  1.00 10.14 ? 12  PRO C C   1 
ATOM   488 O O   . PRO C 3 12 ? -5.415  -4.576  -7.721  1.00 8.02  ? 12  PRO C O   1 
ATOM   489 C CB  . PRO C 3 12 ? -8.104  -3.702  -9.393  1.00 11.85 ? 12  PRO C CB  1 
ATOM   490 C CG  . PRO C 3 12 ? -8.697  -4.974  -8.884  1.00 13.07 ? 12  PRO C CG  1 
ATOM   491 C CD  . PRO C 3 12 ? -8.018  -6.089  -9.632  1.00 10.44 ? 12  PRO C CD  1 
ATOM   492 N N   . LYS C 3 13 ? -5.268  -2.486  -8.558  1.00 9.23  ? 13  LYS C N   1 
ATOM   493 C CA  . LYS C 3 13 ? -4.392  -2.010  -7.498  1.00 6.92  ? 13  LYS C CA  1 
ATOM   494 C C   . LYS C 3 13 ? -5.143  -1.957  -6.171  1.00 12.02 ? 13  LYS C C   1 
ATOM   495 O O   . LYS C 3 13 ? -6.327  -1.608  -6.122  1.00 9.79  ? 13  LYS C O   1 
ATOM   496 C CB  . LYS C 3 13 ? -3.842  -0.625  -7.853  1.00 9.89  ? 13  LYS C CB  1 
ATOM   497 C CG  . LYS C 3 13 ? -2.937  0.004   -6.799  1.00 9.90  ? 13  LYS C CG  1 
ATOM   498 C CD  . LYS C 3 13 ? -2.323  1.300   -7.320  1.00 12.77 ? 13  LYS C CD  1 
ATOM   499 C CE  . LYS C 3 13 ? -1.125  1.737   -6.498  1.00 14.95 ? 13  LYS C CE  1 
ATOM   500 N NZ  . LYS C 3 13 ? 0.091   0.891   -6.708  1.00 13.25 ? 13  LYS C NZ  1 
ATOM   501 N N   . GLY C 3 14 ? -4.449  -2.313  -5.093  1.00 7.39  ? 14  GLY C N   1 
ATOM   502 C CA  . GLY C 3 14 ? -5.050  -2.277  -3.777  1.00 9.31  ? 14  GLY C CA  1 
ATOM   503 C C   . GLY C 3 14 ? -5.323  -0.860  -3.305  1.00 11.98 ? 14  GLY C C   1 
ATOM   504 O O   . GLY C 3 14 ? -4.866  0.130   -3.879  1.00 9.61  ? 14  GLY C O   1 
ATOM   505 N N   . LYS C 3 15 ? -6.095  -0.767  -2.225  1.00 11.77 ? 15  LYS C N   1 
ATOM   506 C CA  . LYS C 3 15 ? -6.433  0.524   -1.632  1.00 13.39 ? 15  LYS C CA  1 
ATOM   507 C C   . LYS C 3 15 ? -5.219  1.125   -0.929  1.00 12.63 ? 15  LYS C C   1 
ATOM   508 O O   . LYS C 3 15 ? -4.314  0.403   -0.515  1.00 12.33 ? 15  LYS C O   1 
ATOM   509 C CB  . LYS C 3 15 ? -7.593  0.379   -0.645  1.00 14.97 ? 15  LYS C CB  1 
ATOM   510 C CG  . LYS C 3 15 ? -8.797  -0.358  -1.201  1.00 23.18 ? 15  LYS C CG  1 
ATOM   511 C CD  . LYS C 3 15 ? -9.675  0.556   -2.034  1.00 28.02 ? 15  LYS C CD  1 
ATOM   512 C CE  . LYS C 3 15 ? -10.990 -0.120  -2.375  1.00 40.82 ? 15  LYS C CE  1 
ATOM   513 N NZ  . LYS C 3 15 ? -11.884 -0.206  -1.186  1.00 38.17 ? 15  LYS C NZ  1 
HETATM 514 N N   . HYP C 3 16 ? -5.202  2.447   -0.792  1.00 12.94 ? 16  HYP C N   1 
HETATM 515 C CA  . HYP C 3 16 ? -4.092  3.124   -0.079  1.00 16.10 ? 16  HYP C CA  1 
HETATM 516 C C   . HYP C 3 16 ? -3.985  2.669   1.422   1.00 14.71 ? 16  HYP C C   1 
HETATM 517 O O   . HYP C 3 16 ? -5.005  2.305   2.033   1.00 18.60 ? 16  HYP C O   1 
HETATM 518 C CB  . HYP C 3 16 ? -4.323  4.643   -0.183  1.00 16.99 ? 16  HYP C CB  1 
HETATM 519 C CG  . HYP C 3 16 ? -5.267  4.812   -1.378  1.00 18.47 ? 16  HYP C CG  1 
HETATM 520 C CD  . HYP C 3 16 ? -6.101  3.524   -1.264  1.00 19.13 ? 16  HYP C CD  1 
HETATM 521 O OD1 . HYP C 3 16 ? -4.644  4.934   -2.612  1.00 20.58 ? 16  HYP C OD1 1 
ATOM   522 N N   . GLY C 3 17 ? -2.776  2.685   1.971   1.00 14.89 ? 17  GLY C N   1 
ATOM   523 C CA  . GLY C 3 17 ? -2.578  2.327   3.361   1.00 21.86 ? 17  GLY C CA  1 
ATOM   524 C C   . GLY C 3 17 ? -3.154  3.361   4.309   1.00 24.52 ? 17  GLY C C   1 
ATOM   525 O O   . GLY C 3 17 ? -3.616  4.417   3.874   1.00 19.96 ? 17  GLY C O   1 
ATOM   526 N N   . PRO C 3 18 ? -3.132  3.064   5.604   1.00 19.91 ? 18  PRO C N   1 
ATOM   527 C CA  . PRO C 3 18 ? -3.622  4.034   6.589   1.00 21.21 ? 18  PRO C CA  1 
ATOM   528 C C   . PRO C 3 18 ? -2.644  5.187   6.775   1.00 23.35 ? 18  PRO C C   1 
ATOM   529 O O   . PRO C 3 18 ? -1.482  5.129   6.374   1.00 23.28 ? 18  PRO C O   1 
ATOM   530 C CB  . PRO C 3 18 ? -3.743  3.201   7.866   1.00 30.22 ? 18  PRO C CB  1 
ATOM   531 C CG  . PRO C 3 18 ? -2.694  2.153   7.706   1.00 29.69 ? 18  PRO C CG  1 
ATOM   532 C CD  . PRO C 3 18 ? -2.671  1.817   6.238   1.00 21.18 ? 18  PRO C CD  1 
ATOM   533 N N   . LYS C 3 19 ? -3.149  6.254   7.392   1.00 20.88 ? 19  LYS C N   1 
ATOM   534 C CA  . LYS C 3 19 ? -2.302  7.392   7.723   1.00 30.26 ? 19  LYS C CA  1 
ATOM   535 C C   . LYS C 3 19 ? -1.157  6.952   8.627   1.00 21.72 ? 19  LYS C C   1 
ATOM   536 O O   . LYS C 3 19 ? -1.301  6.052   9.458   1.00 26.04 ? 19  LYS C O   1 
ATOM   537 C CB  . LYS C 3 19 ? -3.118  8.484   8.418   1.00 32.68 ? 19  LYS C CB  1 
ATOM   538 C CG  . LYS C 3 19 ? -2.388  9.810   8.585   1.00 30.50 ? 19  LYS C CG  1 
ATOM   539 C CD  . LYS C 3 19 ? -3.373  10.952  8.774   1.00 32.40 ? 19  LYS C CD  1 
ATOM   540 C CE  . LYS C 3 19 ? -2.844  11.992  9.741   1.00 29.51 ? 19  LYS C CE  1 
ATOM   541 N NZ  . LYS C 3 19 ? -2.395  13.200  8.998   1.00 42.67 ? 19  LYS C NZ  1 
ATOM   542 N N   . GLY C 3 20 ? -0.008  7.591   8.449   1.00 29.42 ? 20  GLY C N   1 
ATOM   543 C CA  . GLY C 3 20 ? 1.131   7.323   9.304   1.00 23.57 ? 20  GLY C CA  1 
ATOM   544 C C   . GLY C 3 20 ? 0.849   7.672   10.755  1.00 25.13 ? 20  GLY C C   1 
ATOM   545 O O   . GLY C 3 20 ? -0.115  8.354   11.100  1.00 23.17 ? 20  GLY C O   1 
ATOM   546 N N   . LYS C 3 21 ? 1.721   7.173   11.623  1.00 25.14 ? 21  LYS C N   1 
ATOM   547 C CA  . LYS C 3 21 ? 1.622   7.470   13.044  1.00 30.40 ? 21  LYS C CA  1 
ATOM   548 C C   . LYS C 3 21 ? 2.255   8.830   13.323  1.00 29.56 ? 21  LYS C C   1 
ATOM   549 O O   . LYS C 3 21 ? 3.124   9.283   12.576  1.00 27.66 ? 21  LYS C O   1 
ATOM   550 C CB  . LYS C 3 21 ? 2.293   6.371   13.862  1.00 30.58 ? 21  LYS C CB  1 
ATOM   551 C CG  . LYS C 3 21 ? 3.786   6.281   13.644  1.00 32.10 ? 21  LYS C CG  1 
ATOM   552 C CD  . LYS C 3 21 ? 4.526   5.948   14.924  1.00 43.68 ? 21  LYS C CD  1 
ATOM   553 C CE  . LYS C 3 21 ? 4.126   4.564   15.415  1.00 51.80 ? 21  LYS C CE  1 
ATOM   554 N NZ  . LYS C 3 21 ? 5.297   3.760   15.856  1.00 50.75 ? 21  LYS C NZ  1 
HETATM 555 N N   . HYP C 3 22 ? 1.813   9.481   14.392  1.00 24.05 ? 22  HYP C N   1 
HETATM 556 C CA  . HYP C 3 22 ? 2.334   10.819  14.728  1.00 24.59 ? 22  HYP C CA  1 
HETATM 557 C C   . HYP C 3 22 ? 3.878   10.800  15.031  1.00 24.48 ? 22  HYP C C   1 
HETATM 558 O O   . HYP C 3 22 ? 4.420   9.756   15.434  1.00 28.76 ? 22  HYP C O   1 
HETATM 559 C CB  . HYP C 3 22 ? 1.531   11.346  15.930  1.00 34.87 ? 22  HYP C CB  1 
HETATM 560 C CG  . HYP C 3 22 ? 0.254   10.492  15.976  1.00 31.76 ? 22  HYP C CG  1 
HETATM 561 C CD  . HYP C 3 22 ? 0.777   9.164   15.406  1.00 29.87 ? 22  HYP C CD  1 
HETATM 562 O OD1 . HYP C 3 22 ? -0.836  10.994  15.269  1.00 31.38 ? 22  HYP C OD1 1 
ATOM   563 N N   . GLY C 3 23 ? 4.542   11.930  14.814  1.00 28.47 ? 23  GLY C N   1 
ATOM   564 C CA  . GLY C 3 23 ? 5.970   12.029  15.046  1.00 33.26 ? 23  GLY C CA  1 
ATOM   565 C C   . GLY C 3 23 ? 6.358   11.830  16.495  1.00 23.86 ? 23  GLY C C   1 
ATOM   566 O O   . GLY C 3 23 ? 5.510   11.877  17.385  1.00 24.05 ? 23  GLY C O   1 
ATOM   567 N N   . LYS C 3 24 ? 7.646   11.599  16.731  1.00 28.91 ? 24  LYS C N   1 
ATOM   568 C CA  . LYS C 3 24 ? 8.158   11.428  18.084  1.00 29.42 ? 24  LYS C CA  1 
ATOM   569 C C   . LYS C 3 24 ? 8.068   12.741  18.842  1.00 30.86 ? 24  LYS C C   1 
ATOM   570 O O   . LYS C 3 24 ? 8.339   13.806  18.287  1.00 28.22 ? 24  LYS C O   1 
ATOM   571 C CB  . LYS C 3 24 ? 9.595   10.924  18.059  1.00 27.11 ? 24  LYS C CB  1 
HETATM 572 N N   . HYP C 3 25 ? 7.673   12.662  20.108  1.00 29.16 ? 25  HYP C N   1 
HETATM 573 C CA  . HYP C 3 25 ? 7.609   13.861  20.964  1.00 22.26 ? 25  HYP C CA  1 
HETATM 574 C C   . HYP C 3 25 ? 9.012   14.558  21.096  1.00 21.14 ? 25  HYP C C   1 
HETATM 575 O O   . HYP C 3 25 ? 10.052  13.874  21.063  1.00 26.67 ? 25  HYP C O   1 
HETATM 576 C CB  . HYP C 3 25 ? 7.068   13.434  22.333  1.00 31.96 ? 25  HYP C CB  1 
HETATM 577 C CG  . HYP C 3 25 ? 6.320   12.119  22.083  1.00 23.93 ? 25  HYP C CG  1 
HETATM 578 C CD  . HYP C 3 25 ? 7.121   11.536  20.897  1.00 31.87 ? 25  HYP C CD  1 
HETATM 579 O OD1 . HYP C 3 25 ? 4.961   12.246  21.821  1.00 31.34 ? 25  HYP C OD1 1 
ATOM   580 N N   . GLY C 3 26 ? 9.013   15.880  21.215  1.00 19.74 ? 26  GLY C N   1 
ATOM   581 C CA  . GLY C 3 26 ? 10.252  16.618  21.347  1.00 18.82 ? 26  GLY C CA  1 
ATOM   582 C C   . GLY C 3 26 ? 10.939  16.329  22.663  1.00 21.72 ? 26  GLY C C   1 
ATOM   583 O O   . GLY C 3 26 ? 10.298  15.916  23.632  1.00 19.82 ? 26  GLY C O   1 
ATOM   584 N N   . LYS C 3 27 ? 12.250  16.536  22.698  1.00 19.43 ? 27  LYS C N   1 
ATOM   585 C CA  . LYS C 3 27 ? 13.004  16.386  23.932  1.00 25.08 ? 27  LYS C CA  1 
ATOM   586 C C   . LYS C 3 27 ? 12.633  17.510  24.893  1.00 22.00 ? 27  LYS C C   1 
ATOM   587 O O   . LYS C 3 27 ? 12.131  18.555  24.477  1.00 18.37 ? 27  LYS C O   1 
ATOM   588 C CB  . LYS C 3 27 ? 14.506  16.386  23.649  1.00 29.31 ? 27  LYS C CB  1 
HETATM 589 N N   . HYP C 3 28 ? 12.876  17.288  26.179  1.00 20.06 ? 28  HYP C N   1 
HETATM 590 C CA  . HYP C 3 28 ? 12.586  18.315  27.196  1.00 22.34 ? 28  HYP C CA  1 
HETATM 591 C C   . HYP C 3 28 ? 13.411  19.638  26.984  1.00 20.85 ? 28  HYP C C   1 
HETATM 592 O O   . HYP C 3 28 ? 14.583  19.579  26.574  1.00 17.51 ? 28  HYP C O   1 
HETATM 593 C CB  . HYP C 3 28 ? 12.883  17.697  28.574  1.00 20.75 ? 28  HYP C CB  1 
HETATM 594 C CG  . HYP C 3 28 ? 12.694  16.201  28.345  1.00 21.97 ? 28  HYP C CG  1 
HETATM 595 C CD  . HYP C 3 28 ? 13.275  16.072  26.931  1.00 25.93 ? 28  HYP C CD  1 
HETATM 596 O OD1 . HYP C 3 28 ? 11.381  15.765  28.410  1.00 28.53 ? 28  HYP C OD1 1 
ATOM   597 N N   . GLY C 3 29 ? 12.786  20.778  27.253  1.00 13.75 ? 29  GLY C N   1 
ATOM   598 C CA  . GLY C 3 29 ? 13.464  22.054  27.143  1.00 15.96 ? 29  GLY C CA  1 
ATOM   599 C C   . GLY C 3 29 ? 14.586  22.210  28.150  1.00 12.77 ? 29  GLY C C   1 
ATOM   600 O O   . GLY C 3 29 ? 14.627  21.515  29.167  1.00 12.48 ? 29  GLY C O   1 
ATOM   601 N N   . LYS C 3 30 ? 15.498  23.129  27.858  1.00 12.30 ? 30  LYS C N   1 
ATOM   602 C CA  . LYS C 3 30 ? 16.619  23.423  28.739  1.00 12.62 ? 30  LYS C CA  1 
ATOM   603 C C   . LYS C 3 30 ? 16.201  24.382  29.844  1.00 12.14 ? 30  LYS C C   1 
ATOM   604 O O   . LYS C 3 30 ? 15.467  25.335  29.596  1.00 11.37 ? 30  LYS C O   1 
ATOM   605 C CB  . LYS C 3 30 ? 17.771  24.049  27.956  1.00 19.30 ? 30  LYS C CB  1 
ATOM   606 C CG  . LYS C 3 30 ? 18.341  23.197  26.845  1.00 22.45 ? 30  LYS C CG  1 
ATOM   607 C CD  . LYS C 3 30 ? 19.622  23.826  26.324  1.00 24.12 ? 30  LYS C CD  1 
ATOM   608 C CE  . LYS C 3 30 ? 20.127  23.099  25.096  1.00 24.43 ? 30  LYS C CE  1 
ATOM   609 N NZ  . LYS C 3 30 ? 19.330  23.504  23.913  1.00 27.56 ? 30  LYS C NZ  1 
HETATM 610 N N   . HYP C 3 31 ? 16.687  24.146  31.056  1.00 13.75 ? 31  HYP C N   1 
HETATM 611 C CA  . HYP C 3 31 ? 16.518  25.136  32.147  1.00 11.28 ? 31  HYP C CA  1 
HETATM 612 C C   . HYP C 3 31 ? 17.106  26.547  31.772  1.00 13.83 ? 31  HYP C C   1 
HETATM 613 O O   . HYP C 3 31 ? 16.516  27.583  32.123  1.00 12.12 ? 31  HYP C O   1 
HETATM 614 C CB  . HYP C 3 31 ? 17.200  24.570  33.394  1.00 11.61 ? 31  HYP C CB  1 
HETATM 615 C CG  . HYP C 3 31 ? 17.055  23.059  33.220  1.00 11.90 ? 31  HYP C CG  1 
HETATM 616 C CD  . HYP C 3 31 ? 17.241  22.925  31.685  1.00 12.74 ? 31  HYP C CD  1 
HETATM 617 O OD1 . HYP C 3 31 ? 15.849  22.539  33.657  1.00 12.93 ? 31  HYP C OD1 1 
ATOM   618 N N   . GLY C 3 32 ? 18.230  26.547  31.063  1.00 13.95 ? 32  GLY C N   1 
ATOM   619 C CA  . GLY C 3 32 ? 18.888  27.778  30.669  1.00 12.58 ? 32  GLY C CA  1 
ATOM   620 C C   . GLY C 3 32 ? 19.695  28.410  31.786  1.00 16.01 ? 32  GLY C C   1 
ATOM   621 O O   . GLY C 3 32 ? 20.374  29.416  31.575  1.00 15.30 ? 32  GLY C O   1 
ATOM   622 O OXT . GLY C 3 32 ? 19.688  27.936  32.926  1.00 17.00 ? 32  GLY C OXT 1 
HETATM 623 O O   . HOH D 4 .  ? 12.633  26.007  34.569  1.00 11.80 ? 101 HOH A O   1 
HETATM 624 O O   . HOH D 4 .  ? -3.707  -12.800 -4.425  1.00 22.61 ? 102 HOH A O   1 
HETATM 625 O O   . HOH D 4 .  ? 4.177   26.347  23.664  1.00 30.44 ? 103 HOH A O   1 
HETATM 626 O O   . HOH D 4 .  ? -17.581 -21.643 -26.083 1.00 18.82 ? 104 HOH A O   1 
HETATM 627 O O   . HOH D 4 .  ? 2.187   0.526   0.166   1.00 14.97 ? 105 HOH A O   1 
HETATM 628 O O   . HOH D 4 .  ? 6.175   -3.598  -0.956  1.00 26.33 ? 106 HOH A O   1 
HETATM 629 O O   . HOH D 4 .  ? 11.184  20.039  30.767  1.00 19.49 ? 107 HOH A O   1 
HETATM 630 O O   . HOH D 4 .  ? -5.163  -22.768 -18.359 1.00 12.72 ? 108 HOH A O   1 
HETATM 631 O O   . HOH D 4 .  ? 6.638   3.105   0.598   1.00 30.10 ? 109 HOH A O   1 
HETATM 632 O O   . HOH D 4 .  ? 2.224   17.988  8.780   1.00 33.59 ? 110 HOH A O   1 
HETATM 633 O O   . HOH D 4 .  ? 1.212   -7.007  -5.833  1.00 16.51 ? 111 HOH A O   1 
HETATM 634 O O   . HOH D 4 .  ? -13.690 -19.747 -15.141 1.00 17.17 ? 112 HOH A O   1 
HETATM 635 O O   . HOH D 4 .  ? -14.653 -16.798 -19.053 1.00 14.48 ? 113 HOH A O   1 
HETATM 636 O O   . HOH D 4 .  ? -1.993  7.651   0.074   1.00 24.70 ? 114 HOH A O   1 
HETATM 637 O O   . HOH D 4 .  ? -1.168  -15.707 -14.955 1.00 21.17 ? 115 HOH A O   1 
HETATM 638 O O   . HOH D 4 .  ? -0.858  10.704  12.496  1.00 29.60 ? 116 HOH A O   1 
HETATM 639 O O   . HOH D 4 .  ? 7.745   29.361  32.539  1.00 26.32 ? 117 HOH A O   1 
HETATM 640 O O   . HOH D 4 .  ? 3.015   -6.334  -1.093  1.00 19.10 ? 118 HOH A O   1 
HETATM 641 O O   . HOH D 4 .  ? -16.214 -26.189 -27.288 1.00 34.41 ? 119 HOH A O   1 
HETATM 642 O O   . HOH D 4 .  ? -4.659  -19.978 -12.933 1.00 9.58  ? 120 HOH A O   1 
HETATM 643 O O   . HOH D 4 .  ? -0.347  18.601  10.045  1.00 39.62 ? 121 HOH A O   1 
HETATM 644 O O   . HOH D 4 .  ? -2.843  -16.600 -10.957 1.00 19.08 ? 122 HOH A O   1 
HETATM 645 O O   . HOH D 4 .  ? -12.950 -25.009 -22.598 1.00 18.30 ? 123 HOH A O   1 
HETATM 646 O O   . HOH D 4 .  ? 0.645   -10.095 -17.111 1.00 27.92 ? 124 HOH A O   1 
HETATM 647 O O   . HOH D 4 .  ? 1.613   15.425  7.934   1.00 38.92 ? 125 HOH A O   1 
HETATM 648 O O   . HOH D 4 .  ? 1.189   -6.212  1.173   1.00 18.04 ? 126 HOH A O   1 
HETATM 649 O O   . HOH D 4 .  ? 6.109   27.175  32.916  1.00 26.86 ? 127 HOH A O   1 
HETATM 650 O O   . HOH D 4 .  ? 4.381   26.760  30.415  1.00 28.08 ? 128 HOH A O   1 
HETATM 651 O O   . HOH D 4 .  ? -12.604 -16.641 -7.035  1.00 27.95 ? 129 HOH A O   1 
HETATM 652 O O   . HOH E 4 .  ? 10.741  25.233  21.568  1.00 17.30 ? 101 HOH B O   1 
HETATM 653 O O   . HOH E 4 .  ? -6.480  -23.729 -30.866 1.00 27.74 ? 102 HOH B O   1 
HETATM 654 O O   . HOH E 4 .  ? -8.556  -20.269 -31.892 1.00 30.94 ? 103 HOH B O   1 
HETATM 655 O O   . HOH E 4 .  ? -11.502 -5.110  -6.592  1.00 27.99 ? 104 HOH B O   1 
HETATM 656 O O   . HOH E 4 .  ? -8.739  -14.175 -26.628 1.00 11.91 ? 105 HOH B O   1 
HETATM 657 O O   . HOH E 4 .  ? -3.758  -9.971  -3.652  1.00 20.16 ? 106 HOH B O   1 
HETATM 658 O O   . HOH E 4 .  ? 8.208   6.635   9.136   1.00 28.98 ? 107 HOH B O   1 
HETATM 659 O O   . HOH E 4 .  ? -7.825  -15.891 -5.113  1.00 23.71 ? 108 HOH B O   1 
HETATM 660 O O   . HOH E 4 .  ? -11.001 -13.053 -10.980 1.00 17.22 ? 109 HOH B O   1 
HETATM 661 O O   . HOH E 4 .  ? -7.141  -4.774  -1.479  1.00 21.44 ? 110 HOH B O   1 
HETATM 662 O O   . HOH E 4 .  ? -6.622  -11.951 -23.441 1.00 11.23 ? 111 HOH B O   1 
HETATM 663 O O   . HOH E 4 .  ? 11.139  17.327  12.799  1.00 35.03 ? 112 HOH B O   1 
HETATM 664 O O   . HOH E 4 .  ? -5.640  -8.746  -1.952  1.00 23.23 ? 113 HOH B O   1 
HETATM 665 O O   . HOH E 4 .  ? 5.393   4.227   4.621   1.00 25.82 ? 114 HOH B O   1 
HETATM 666 O O   . HOH E 4 .  ? 16.039  29.802  30.486  1.00 12.25 ? 115 HOH B O   1 
HETATM 667 O O   . HOH E 4 .  ? 3.875   5.543   10.275  1.00 29.10 ? 116 HOH B O   1 
HETATM 668 O O   . HOH E 4 .  ? -9.247  -29.367 -31.328 1.00 38.77 ? 117 HOH B O   1 
HETATM 669 O O   . HOH E 4 .  ? 11.536  32.581  32.470  1.00 15.05 ? 118 HOH B O   1 
HETATM 670 O O   . HOH E 4 .  ? 0.746   -3.651  2.108   1.00 18.81 ? 119 HOH B O   1 
HETATM 671 O O   . HOH E 4 .  ? -12.321 -17.246 -27.080 1.00 14.33 ? 120 HOH B O   1 
HETATM 672 O O   . HOH E 4 .  ? -12.857 -15.552 -20.660 1.00 8.91  ? 121 HOH B O   1 
HETATM 673 O O   . HOH E 4 .  ? 12.666  31.893  28.492  1.00 18.06 ? 122 HOH B O   1 
HETATM 674 O O   . HOH E 4 .  ? 6.396   28.881  22.066  1.00 27.99 ? 123 HOH B O   1 
HETATM 675 O O   . HOH E 4 .  ? 10.105  28.702  33.648  1.00 14.91 ? 124 HOH B O   1 
HETATM 676 O O   . HOH E 4 .  ? 11.031  29.843  26.427  1.00 12.41 ? 125 HOH B O   1 
HETATM 677 O O   . HOH E 4 .  ? -11.514 -18.543 -29.010 1.00 14.12 ? 126 HOH B O   1 
HETATM 678 O O   . HOH E 4 .  ? -8.276  -16.857 -27.321 1.00 13.82 ? 127 HOH B O   1 
HETATM 679 O O   . HOH E 4 .  ? -9.817  -6.782  -15.327 1.00 10.14 ? 128 HOH B O   1 
HETATM 680 O O   . HOH E 4 .  ? 7.942   23.833  25.439  1.00 18.00 ? 129 HOH B O   1 
HETATM 681 O O   . HOH E 4 .  ? -13.370 -13.524 -16.999 1.00 12.91 ? 130 HOH B O   1 
HETATM 682 O O   . HOH E 4 .  ? -15.348 -19.031 -20.406 1.00 17.12 ? 131 HOH B O   1 
HETATM 683 O O   . HOH E 4 .  ? -10.172 -8.808  -9.401  1.00 20.80 ? 132 HOH B O   1 
HETATM 684 O O   . HOH E 4 .  ? -11.929 -21.642 -22.820 1.00 12.23 ? 133 HOH B O   1 
HETATM 685 O O   . HOH E 4 .  ? -4.694  -13.673 -8.756  1.00 10.03 ? 134 HOH B O   1 
HETATM 686 O O   . HOH E 4 .  ? -8.979  -18.208 -15.363 1.00 10.52 ? 135 HOH B O   1 
HETATM 687 O O   . HOH E 4 .  ? 18.213  27.698  27.008  1.00 13.12 ? 136 HOH B O   1 
HETATM 688 O O   . HOH E 4 .  ? -5.715  -6.026  1.407   1.00 21.71 ? 137 HOH B O   1 
HETATM 689 O O   . HOH E 4 .  ? -11.581 -15.857 -10.903 1.00 27.50 ? 138 HOH B O   1 
HETATM 690 O O   . HOH E 4 .  ? 8.427   27.681  20.276  1.00 22.02 ? 139 HOH B O   1 
HETATM 691 O O   . HOH E 4 .  ? -5.678  -17.359 -27.926 1.00 22.16 ? 140 HOH B O   1 
HETATM 692 O O   . HOH E 4 .  ? 6.563   13.340  7.505   1.00 29.10 ? 141 HOH B O   1 
HETATM 693 O O   . HOH E 4 .  ? -15.570 -15.870 -13.945 1.00 33.58 ? 142 HOH B O   1 
HETATM 694 O O   . HOH E 4 .  ? -7.624  -12.384 -2.894  1.00 21.80 ? 143 HOH B O   1 
HETATM 695 O O   . HOH E 4 .  ? 6.012   26.447  26.197  1.00 26.83 ? 144 HOH B O   1 
HETATM 696 O O   . HOH E 4 .  ? -10.295 -15.306 -4.597  1.00 25.56 ? 145 HOH B O   1 
HETATM 697 O O   . HOH E 4 .  ? -7.865  -17.592 -31.901 1.00 26.83 ? 146 HOH B O   1 
HETATM 698 O O   . HOH E 4 .  ? -6.294  -17.117 -3.546  1.00 22.73 ? 147 HOH B O   1 
HETATM 699 O O   . HOH E 4 .  ? -4.193  -24.601 -31.828 1.00 29.00 ? 148 HOH B O   1 
HETATM 700 O O   . HOH E 4 .  ? -11.101 -11.224 -4.993  1.00 28.63 ? 149 HOH B O   1 
HETATM 701 O O   . HOH E 4 .  ? -12.583 -5.435  -9.478  1.00 28.69 ? 150 HOH B O   1 
HETATM 702 O O   . HOH E 4 .  ? -9.162  -3.767  -3.136  1.00 23.85 ? 151 HOH B O   1 
HETATM 703 O O   . HOH E 4 .  ? 7.261   4.186   6.707   1.00 30.66 ? 152 HOH B O   1 
HETATM 704 O O   . HOH E 4 .  ? -4.655  -8.731  0.453   1.00 25.98 ? 153 HOH B O   1 
HETATM 705 O O   . HOH E 4 .  ? -11.564 -4.965  -3.300  1.00 27.37 ? 154 HOH B O   1 
HETATM 706 O O   . HOH E 4 .  ? -1.046  -10.352 -3.129  1.00 21.04 ? 155 HOH B O   1 
HETATM 707 O O   . HOH E 4 .  ? -5.842  -12.768 -27.894 1.00 34.03 ? 156 HOH B O   1 
HETATM 708 O O   . HOH E 4 .  ? -12.353 -10.316 -10.122 1.00 35.01 ? 157 HOH B O   1 
HETATM 709 O O   . HOH E 4 .  ? -11.583 -7.027  -11.138 1.00 25.82 ? 158 HOH B O   1 
HETATM 710 O O   . HOH E 4 .  ? -4.102  -11.660 -24.326 1.00 12.37 ? 159 HOH B O   1 
HETATM 711 O O   . HOH E 4 .  ? -4.252  -14.891 -28.445 1.00 51.21 ? 160 HOH B O   1 
HETATM 712 O O   . HOH F 4 .  ? -7.784  -32.438 -28.146 1.00 32.71 ? 101 HOH C O   1 
HETATM 713 O O   . HOH F 4 .  ? -3.669  -27.911 -23.857 1.00 19.84 ? 102 HOH C O   1 
HETATM 714 O O   . HOH F 4 .  ? 5.398   5.192   17.994  1.00 48.25 ? 103 HOH C O   1 
HETATM 715 O O   . HOH F 4 .  ? -1.980  -19.536 -21.476 1.00 25.71 ? 104 HOH C O   1 
HETATM 716 O O   . HOH F 4 .  ? 4.082   11.272  19.597  1.00 25.68 ? 105 HOH C O   1 
HETATM 717 O O   . HOH F 4 .  ? -0.122  -18.923 -20.464 1.00 32.28 ? 106 HOH C O   1 
HETATM 718 O O   . HOH F 4 .  ? 18.205  27.690  35.035  1.00 20.14 ? 107 HOH C O   1 
HETATM 719 O O   . HOH F 4 .  ? -8.607  -2.461  -5.133  1.00 23.76 ? 108 HOH C O   1 
HETATM 720 O O   . HOH F 4 .  ? -1.835  -11.189 -15.187 1.00 8.86  ? 109 HOH C O   1 
HETATM 721 O O   . HOH F 4 .  ? 16.565  20.245  34.747  1.00 17.75 ? 110 HOH C O   1 
HETATM 722 O O   . HOH F 4 .  ? -5.009  -28.452 -26.691 1.00 25.80 ? 111 HOH C O   1 
HETATM 723 O O   . HOH F 4 .  ? -8.129  -6.585  -13.334 1.00 8.75  ? 112 HOH C O   1 
HETATM 724 O O   . HOH F 4 .  ? -4.028  -18.582 -26.219 1.00 14.60 ? 113 HOH C O   1 
HETATM 725 O O   . HOH F 4 .  ? 14.121  21.027  31.728  1.00 18.90 ? 114 HOH C O   1 
HETATM 726 O O   . HOH F 4 .  ? 0.730   0.638   -9.274  1.00 18.37 ? 115 HOH C O   1 
HETATM 727 O O   . HOH F 4 .  ? 16.388  20.367  24.744  1.00 23.26 ? 116 HOH C O   1 
HETATM 728 O O   . HOH F 4 .  ? -3.629  2.641   -3.609  1.00 13.38 ? 117 HOH C O   1 
HETATM 729 O O   . HOH F 4 .  ? -2.844  -12.189 -21.658 1.00 15.14 ? 118 HOH C O   1 
HETATM 730 O O   . HOH F 4 .  ? -2.986  7.083   -2.651  1.00 31.77 ? 119 HOH C O   1 
HETATM 731 O O   . HOH F 4 .  ? -1.587  -20.967 -24.720 1.00 19.51 ? 120 HOH C O   1 
HETATM 732 O O   . HOH F 4 .  ? -2.435  -7.385  -17.049 1.00 10.50 ? 121 HOH C O   1 
HETATM 733 O O   . HOH F 4 .  ? 11.515  13.820  18.732  1.00 28.19 ? 122 HOH C O   1 
HETATM 734 O O   . HOH F 4 .  ? 15.200  23.839  36.005  1.00 12.86 ? 123 HOH C O   1 
HETATM 735 O O   . HOH F 4 .  ? 15.201  24.238  25.342  1.00 13.79 ? 124 HOH C O   1 
HETATM 736 O O   . HOH F 4 .  ? 1.683   -15.640 -21.370 1.00 33.06 ? 125 HOH C O   1 
HETATM 737 O O   . HOH F 4 .  ? -6.247  -11.471 -20.855 1.00 7.17  ? 126 HOH C O   1 
HETATM 738 O O   . HOH F 4 .  ? -4.515  -25.408 -19.872 1.00 20.25 ? 127 HOH C O   1 
HETATM 739 O O   . HOH F 4 .  ? -3.065  -3.707  -12.408 1.00 10.59 ? 128 HOH C O   1 
HETATM 740 O O   . HOH F 4 .  ? 10.060  14.603  26.152  1.00 30.83 ? 129 HOH C O   1 
HETATM 741 O O   . HOH F 4 .  ? -0.933  -15.277 -22.090 1.00 13.75 ? 130 HOH C O   1 
HETATM 742 O O   . HOH F 4 .  ? 0.396   -12.627 -18.878 1.00 28.27 ? 131 HOH C O   1 
HETATM 743 O O   . HOH F 4 .  ? -5.806  1.005   4.497   1.00 34.33 ? 132 HOH C O   1 
HETATM 744 O O   . HOH F 4 .  ? -3.682  7.312   4.131   1.00 32.22 ? 133 HOH C O   1 
HETATM 745 O O   . HOH F 4 .  ? -4.488  -29.656 -22.075 1.00 24.63 ? 134 HOH C O   1 
HETATM 746 O O   . HOH F 4 .  ? 20.348  24.607  30.454  1.00 16.52 ? 135 HOH C O   1 
HETATM 747 O O   . HOH F 4 .  ? 19.796  30.907  29.069  1.00 18.46 ? 136 HOH C O   1 
HETATM 748 O O   . HOH F 4 .  ? -1.751  -10.912 -18.553 1.00 30.70 ? 137 HOH C O   1 
HETATM 749 O O   . HOH F 4 .  ? -7.962  2.779   2.085   1.00 29.58 ? 138 HOH C O   1 
HETATM 750 O O   . HOH F 4 .  ? 17.638  31.580  31.763  1.00 15.80 ? 139 HOH C O   1 
HETATM 751 O O   . HOH F 4 .  ? -0.409  -5.082  -16.365 1.00 24.38 ? 140 HOH C O   1 
HETATM 752 O O   . HOH F 4 .  ? -4.279  4.121   -6.088  1.00 25.68 ? 141 HOH C O   1 
HETATM 753 O O   . HOH F 4 .  ? -5.153  8.465   -3.568  1.00 40.14 ? 142 HOH C O   1 
HETATM 754 O O   . HOH F 4 .  ? -13.638 -3.017  -3.270  1.00 37.97 ? 143 HOH C O   1 
HETATM 755 O O   . HOH F 4 .  ? 21.656  26.713  24.170  1.00 17.53 ? 144 HOH C O   1 
HETATM 756 O O   . HOH F 4 .  ? 2.115   5.382   17.768  1.00 34.70 ? 145 HOH C O   1 
HETATM 757 O O   . HOH F 4 .  ? 1.511   12.647  19.423  1.00 33.33 ? 146 HOH C O   1 
HETATM 758 O O   . HOH F 4 .  ? -2.954  -9.303  -20.450 1.00 16.31 ? 147 HOH C O   1 
HETATM 759 O O   . HOH F 4 .  ? -1.258  -8.853  -18.919 1.00 37.31 ? 148 HOH C O   1 
HETATM 760 O O   . HOH F 4 .  ? -0.157  -18.243 -23.197 1.00 34.17 ? 149 HOH C O   1 
HETATM 761 O O   . HOH F 4 .  ? 22.107  25.909  28.900  1.00 21.19 ? 150 HOH C O   1 
HETATM 762 O O   . HOH F 4 .  ? -14.182 -4.003  -0.420  1.00 30.03 ? 151 HOH C O   1 
HETATM 763 O O   . HOH F 4 .  ? 22.072  29.967  27.406  1.00 21.77 ? 152 HOH C O   1 
HETATM 764 O O   . HOH F 4 .  ? -1.322  -17.201 -25.645 1.00 28.83 ? 153 HOH C O   1 
HETATM 765 O O   . HOH F 4 .  ? -10.828 -2.301  -7.045  1.00 23.85 ? 154 HOH C O   1 
HETATM 766 O O   . HOH F 4 .  ? 21.676  28.606  37.109  1.00 28.79 ? 155 HOH C O   1 
HETATM 767 O O   . HOH F 4 .  ? 21.005  27.373  26.650  1.00 17.83 ? 156 HOH C O   1 
HETATM 768 O O   . HOH F 4 .  ? -3.342  -13.096 -26.459 1.00 30.55 ? 157 HOH C O   1 
HETATM 769 O O   . HOH F 4 .  ? -1.314  -7.466  -21.333 1.00 24.05 ? 158 HOH C O   1 
HETATM 770 O O   . HOH F 4 .  ? -1.477  -8.051  -24.050 0.50 24.58 ? 159 HOH C O   1 
# 
loop_
_atom_site_anisotrop.id 
_atom_site_anisotrop.type_symbol 
_atom_site_anisotrop.pdbx_label_atom_id 
_atom_site_anisotrop.pdbx_label_alt_id 
_atom_site_anisotrop.pdbx_label_comp_id 
_atom_site_anisotrop.pdbx_label_asym_id 
_atom_site_anisotrop.pdbx_label_seq_id 
_atom_site_anisotrop.pdbx_PDB_ins_code 
_atom_site_anisotrop.U[1][1] 
_atom_site_anisotrop.U[2][2] 
_atom_site_anisotrop.U[3][3] 
_atom_site_anisotrop.U[1][2] 
_atom_site_anisotrop.U[1][3] 
_atom_site_anisotrop.U[2][3] 
_atom_site_anisotrop.pdbx_auth_seq_id 
_atom_site_anisotrop.pdbx_auth_comp_id 
_atom_site_anisotrop.pdbx_auth_asym_id 
_atom_site_anisotrop.pdbx_auth_atom_id 
1   N N   . GLY A 1  ? 0.5131 0.4739 0.5509 -0.0726 -0.0640 -0.0825 2  GLY A N   
2   C CA  . GLY A 1  ? 0.5807 0.5291 0.6158 -0.0690 -0.0594 -0.0781 2  GLY A CA  
3   C C   . GLY A 1  ? 0.4621 0.4177 0.4981 -0.0622 -0.0588 -0.0715 2  GLY A C   
4   O O   . GLY A 1  ? 0.4861 0.4478 0.5147 -0.0556 -0.0614 -0.0700 2  GLY A O   
5   N N   . PRO A 2  ? 0.4365 0.3913 0.4815 -0.0637 -0.0554 -0.0676 3  PRO A N   
6   C CA  . PRO A 2  ? 0.4674 0.4289 0.5141 -0.0575 -0.0546 -0.0611 3  PRO A CA  
7   C C   . PRO A 2  ? 0.4585 0.4084 0.4943 -0.0500 -0.0520 -0.0576 3  PRO A C   
8   O O   . PRO A 2  ? 0.4017 0.3371 0.4300 -0.0501 -0.0501 -0.0596 3  PRO A O   
9   C CB  . PRO A 2  ? 0.4999 0.4629 0.5600 -0.0626 -0.0515 -0.0587 3  PRO A CB  
10  C CG  . PRO A 2  ? 0.5576 0.5112 0.6214 -0.0707 -0.0500 -0.0635 3  PRO A CG  
11  C CD  . PRO A 2  ? 0.5668 0.5138 0.6205 -0.0710 -0.0521 -0.0689 3  PRO A CD  
12  N N   . LYS A 3  ? 0.4320 0.3887 0.4668 -0.0434 -0.0521 -0.0522 4  LYS A N   
13  C CA  . LYS A 3  ? 0.3318 0.2790 0.3566 -0.0356 -0.0499 -0.0482 4  LYS A CA  
14  C C   . LYS A 3  ? 0.3115 0.2455 0.3394 -0.0370 -0.0445 -0.0456 4  LYS A C   
15  O O   . LYS A 3  ? 0.3865 0.3229 0.4257 -0.0417 -0.0425 -0.0442 4  LYS A O   
16  C CB  . LYS A 3  ? 0.3135 0.2728 0.3378 -0.0285 -0.0514 -0.0432 4  LYS A CB  
17  C CG  . LYS A 3  ? 0.3448 0.2961 0.3581 -0.0198 -0.0497 -0.0390 4  LYS A CG  
18  C CD  . LYS A 3  ? 0.2825 0.2470 0.2963 -0.0133 -0.0515 -0.0341 4  LYS A CD  
19  C CE  . LYS A 3  ? 0.2606 0.2371 0.2886 -0.0170 -0.0511 -0.0318 4  LYS A CE  
20  N NZ  . LYS A 3  ? 0.2520 0.2424 0.2811 -0.0112 -0.0532 -0.0274 4  LYS A NZ  
21  N N   . GLY A 4  ? 0.3263 0.2460 0.3437 -0.0328 -0.0423 -0.0449 5  GLY A N   
22  C CA  . GLY A 4  ? 0.3170 0.2232 0.3358 -0.0334 -0.0371 -0.0421 5  GLY A CA  
23  C C   . GLY A 4  ? 0.2478 0.1588 0.2725 -0.0297 -0.0348 -0.0355 5  GLY A C   
24  O O   . GLY A 4  ? 0.2397 0.1636 0.2653 -0.0255 -0.0372 -0.0327 5  GLY A O   
25  N N   . PRO A 5  ? 0.2330 0.1339 0.2618 -0.0315 -0.0302 -0.0330 6  PRO A N   
26  C CA  . PRO A 5  ? 0.1987 0.1030 0.2328 -0.0279 -0.0277 -0.0266 6  PRO A CA  
27  C C   . PRO A 5  ? 0.1887 0.0929 0.2127 -0.0183 -0.0279 -0.0224 6  PRO A C   
28  O O   . PRO A 5  ? 0.1915 0.0859 0.2035 -0.0144 -0.0279 -0.0235 6  PRO A O   
29  C CB  . PRO A 5  ? 0.2627 0.1531 0.3008 -0.0316 -0.0226 -0.0255 6  PRO A CB  
30  C CG  . PRO A 5  ? 0.3088 0.1947 0.3448 -0.0380 -0.0217 -0.0309 6  PRO A CG  
31  C CD  . PRO A 5  ? 0.2536 0.1389 0.2821 -0.0365 -0.0270 -0.0359 6  PRO A CD  
32  N N   . LYS A 6  ? 0.1348 0.1425 0.1200 -0.0028 -0.0019 0.0268  7  LYS A N   
33  C CA  . LYS A 6  ? 0.1070 0.1239 0.1024 -0.0012 0.0002  0.0246  7  LYS A CA  
34  C C   . LYS A 6  ? 0.1257 0.1343 0.1139 0.0027  -0.0062 0.0288  7  LYS A C   
35  O O   . LYS A 6  ? 0.1363 0.1295 0.1065 -0.0001 -0.0099 0.0318  7  LYS A O   
36  C CB  . LYS A 6  ? 0.1126 0.1294 0.1035 -0.0104 0.0083  0.0192  7  LYS A CB  
37  C CG  . LYS A 6  ? 0.0924 0.1184 0.0930 -0.0096 0.0111  0.0164  7  LYS A CG  
38  C CD  . LYS A 6  ? 0.1053 0.1353 0.1059 -0.0181 0.0200  0.0103  7  LYS A CD  
39  C CE  . LYS A 6  ? 0.1039 0.1386 0.1085 -0.0192 0.0225  0.0080  7  LYS A CE  
40  N NZ  . LYS A 6  ? 0.1375 0.1764 0.1423 -0.0275 0.0311  0.0019  7  LYS A NZ  
41  N N   . GLY A 7  ? 0.0941 0.1133 0.0965 0.0091  -0.0076 0.0289  8  GLY A N   
42  C CA  . GLY A 7  ? 0.1133 0.1266 0.1113 0.0138  -0.0138 0.0329  8  GLY A CA  
43  C C   . GLY A 7  ? 0.1101 0.1121 0.0926 0.0073  -0.0125 0.0322  8  GLY A C   
44  O O   . GLY A 7  ? 0.1304 0.1315 0.1081 -0.0006 -0.0060 0.0279  8  GLY A O   
45  N N   . PRO A 8  ? 0.0964 0.0890 0.0707 0.0107  -0.0183 0.0352  9  PRO A N   
46  C CA  . PRO A 8  ? 0.1311 0.1130 0.0906 0.0052  -0.0179 0.0357  9  PRO A CA  
47  C C   . PRO A 8  ? 0.1421 0.1340 0.1111 0.0031  -0.0121 0.0314  9  PRO A C   
48  O O   . PRO A 8  ? 0.1006 0.1074 0.0880 0.0086  -0.0112 0.0301  9  PRO A O   
49  C CB  . PRO A 8  ? 0.1383 0.1196 0.1004 0.0128  -0.0189 0.0338  9  PRO A CB  
50  C CG  . PRO A 8  ? 0.1774 0.1646 0.1478 0.0175  -0.0170 0.0304  9  PRO A CG  
51  C CD  . PRO A 8  ? 0.1424 0.1297 0.1184 0.0173  -0.0204 0.0275  9  PRO A CD  
52  N N   . LYS A 9  ? 0.1355 0.1188 0.0914 -0.0049 -0.0082 0.0291  10 LYS A N   
53  C CA  . LYS A 9  ? 0.1365 0.1270 0.0986 -0.0073 -0.0034 0.0254  10 LYS A CA  
54  C C   . LYS A 9  ? 0.1308 0.1252 0.1005 0.0003  -0.0082 0.0278  10 LYS A C   
55  O O   . LYS A 9  ? 0.1142 0.0991 0.0756 0.0042  -0.0149 0.0324  10 LYS A O   
56  C CB  . LYS A 9  ? 0.1379 0.1159 0.0819 -0.0168 0.0003  0.0235  10 LYS A CB  
57  C CG  . LYS A 9  ? 0.1687 0.1543 0.1186 -0.0206 0.0062  0.0190  10 LYS A CG  
58  C CD  . LYS A 9  ? 0.1731 0.1462 0.1048 -0.0306 0.0101  0.0169  10 LYS A CD  
59  C CE  . LYS A 9  ? 0.2218 0.2017 0.1586 -0.0342 0.0157  0.0128  10 LYS A CE  
60  N NZ  . LYS A 9  ? 0.2336 0.2007 0.1520 -0.0438 0.0192  0.0110  10 LYS A NZ  
61  N N   . GLY A 10 ? 0.0845 0.0930 0.0699 0.0022  -0.0047 0.0248  11 GLY A N   
62  C CA  . GLY A 10 ? 0.0953 0.1080 0.0879 0.0088  -0.0085 0.0266  11 GLY A CA  
63  C C   . GLY A 10 ? 0.1137 0.1128 0.0902 0.0056  -0.0104 0.0280  11 GLY A C   
64  O O   . GLY A 10 ? 0.1176 0.1059 0.0786 -0.0026 -0.0074 0.0266  11 GLY A O   
65  N N   . LYS A 11 ? 0.1119 0.1115 0.0920 0.0122  -0.0156 0.0309  12 LYS A N   
66  C CA  . LYS A 11 ? 0.1573 0.1447 0.1233 0.0100  -0.0177 0.0323  12 LYS A CA  
67  C C   . LYS A 11 ? 0.1383 0.1326 0.1092 0.0061  -0.0119 0.0281  12 LYS A C   
68  O O   . LYS A 11 ? 0.0853 0.0946 0.0725 0.0071  -0.0075 0.0247  12 LYS A O   
69  C CB  . LYS A 11 ? 0.1299 0.1172 0.1003 0.0182  -0.0199 0.0302  12 LYS A CB  
70  C CG  . LYS A 11 ? 0.1336 0.1260 0.1203 0.0191  -0.0230 0.0244  12 LYS A CG  
71  C CD  . LYS A 11 ? 0.1682 0.1570 0.1587 0.0175  -0.0253 0.0216  12 LYS A CD  
72  C CE  . LYS A 11 ? 0.1993 0.1972 0.2008 0.0208  -0.0233 0.0191  12 LYS A CE  
73  N NZ  . LYS A 11 ? 0.1786 0.1846 0.1885 0.0225  -0.0208 0.0175  12 LYS A NZ  
74  N N   . HYP A 12 ? 0.1267 0.1095 0.0830 0.0014  -0.0117 0.0280  13 HYP A N   
75  C CA  . HYP A 12 ? 0.1244 0.1122 0.0835 -0.0031 -0.0062 0.0241  13 HYP A CA  
76  C C   . HYP A 12 ? 0.1128 0.1158 0.0912 0.0040  -0.0067 0.0235  13 HYP A C   
77  O O   . HYP A 12 ? 0.0939 0.0982 0.0778 0.0121  -0.0128 0.0271  13 HYP A O   
78  C CB  . HYP A 12 ? 0.1739 0.1456 0.1136 -0.0078 -0.0075 0.0252  13 HYP A CB  
79  C CG  . HYP A 12 ? 0.2205 0.1775 0.1437 -0.0103 -0.0105 0.0279  13 HYP A CG  
80  C CD  . HYP A 12 ? 0.1423 0.1061 0.0771 -0.0014 -0.0158 0.0311  13 HYP A CD  
81  O OD1 . HYP A 12 ? 0.2133 0.1679 0.1302 -0.0181 -0.0050 0.0250  13 HYP A OD1 
82  N N   . GLY A 13 ? 0.1152 0.1295 0.1036 0.0010  -0.0004 0.0189  14 GLY A N   
83  C CA  . GLY A 13 ? 0.0850 0.1137 0.0913 0.0069  -0.0003 0.0179  14 GLY A CA  
84  C C   . GLY A 13 ? 0.0966 0.1201 0.0985 0.0095  -0.0038 0.0199  14 GLY A C   
85  O O   . GLY A 13 ? 0.1110 0.1194 0.0952 0.0057  -0.0056 0.0215  14 GLY A O   
86  N N   . PRO A 14 ? 0.0629 0.0984 0.0804 0.0160  -0.0050 0.0199  15 PRO A N   
87  C CA  . PRO A 14 ? 0.1062 0.1376 0.1209 0.0191  -0.0084 0.0217  15 PRO A CA  
88  C C   . PRO A 14 ? 0.0768 0.1022 0.0807 0.0112  -0.0040 0.0189  15 PRO A C   
89  O O   . PRO A 14 ? 0.0710 0.1009 0.0761 0.0046  0.0025  0.0146  15 PRO A O   
90  C CB  . PRO A 14 ? 0.1051 0.1475 0.1372 0.0234  -0.0080 0.0182  15 PRO A CB  
91  C CG  . PRO A 14 ? 0.0939 0.1348 0.1297 0.0218  -0.0072 0.0139  15 PRO A CG  
92  C CD  . PRO A 14 ? 0.0694 0.1224 0.1082 0.0216  -0.0036 0.0184  15 PRO A CD  
93  N N   . GLU A 15 ? 0.0829 0.0976 0.0760 0.0120  -0.0078 0.0214  16 GLU A N   
94  C CA  . GLU A 15 ? 0.1131 0.1226 0.0972 0.0057  -0.0043 0.0190  16 GLU A CA  
95  C C   . GLU A 15 ? 0.1246 0.1496 0.1251 0.0068  -0.0003 0.0156  16 GLU A C   
96  O O   . GLU A 15 ? 0.0980 0.1343 0.1141 0.0145  -0.0026 0.0165  16 GLU A O   
97  C CB  . GLU A 15 ? 0.1540 0.1487 0.1235 0.0072  -0.0098 0.0227  16 GLU A CB  
98  C CG  . GLU A 15 ? 0.1752 0.1644 0.1359 0.0021  -0.0071 0.0209  16 GLU A CG  
99  C CD  . GLU A 15 ? 0.2849 0.2610 0.2336 0.0052  -0.0132 0.0246  16 GLU A CD  
100 O OE1 . GLU A 15 ? 0.2099 0.1815 0.1573 0.0114  -0.0196 0.0286  16 GLU A OE1 
101 O OE2 . GLU A 15 ? 0.2433 0.2135 0.1838 0.0015  -0.0118 0.0236  16 GLU A OE2 
102 N N   . GLY A 16 ? 0.1151 0.1410 0.1122 -0.0008 0.0059  0.0115  17 GLY A N   
103 C CA  . GLY A 16 ? 0.1331 0.1735 0.1450 -0.0003 0.0099  0.0080  17 GLY A CA  
104 C C   . GLY A 16 ? 0.1410 0.1828 0.1571 0.0056  0.0060  0.0100  17 GLY A C   
105 O O   . GLY A 16 ? 0.1465 0.1760 0.1511 0.0076  0.0010  0.0135  17 GLY A O   
106 N N   . GLU A 17 ? 0.2370 0.1763 0.1304 -0.0142 0.0155  -0.0620 18 GLU A N   
107 C CA  . GLU A 17 ? 0.2316 0.1574 0.1176 -0.0159 0.0154  -0.0611 18 GLU A CA  
108 C C   . GLU A 17 ? 0.2313 0.1699 0.1309 -0.0132 0.0144  -0.0610 18 GLU A C   
109 O O   . GLU A 17 ? 0.2787 0.2325 0.1870 -0.0068 0.0106  -0.0621 18 GLU A O   
110 C CB  . GLU A 17 ? 0.3067 0.2141 0.1710 -0.0108 0.0090  -0.0618 18 GLU A CB  
111 C CG  . GLU A 17 ? 0.3890 0.2790 0.2375 -0.0150 0.0103  -0.0616 18 GLU A CG  
112 C CD  . GLU A 17 ? 0.4026 0.2853 0.2532 -0.0253 0.0180  -0.0601 18 GLU A CD  
113 O OE1 . GLU A 17 ? 0.5373 0.4121 0.3855 -0.0282 0.0194  -0.0591 18 GLU A OE1 
114 O OE2 . GLU A 17 ? 0.3768 0.2616 0.2309 -0.0307 0.0227  -0.0599 18 GLU A OE2 
115 N N   . HYP A 18 ? 0.2706 0.2034 0.1721 -0.0180 0.0180  -0.0596 19 HYP A N   
116 C CA  . HYP A 18 ? 0.2670 0.2093 0.1791 -0.0153 0.0167  -0.0593 19 HYP A CA  
117 C C   . HYP A 18 ? 0.2913 0.2284 0.1919 -0.0059 0.0081  -0.0604 19 HYP A C   
118 O O   . HYP A 18 ? 0.3736 0.2944 0.2555 -0.0033 0.0042  -0.0609 19 HYP A O   
119 C CB  . HYP A 18 ? 0.3519 0.2861 0.2655 -0.0229 0.0223  -0.0573 19 HYP A CB  
120 C CG  . HYP A 18 ? 0.3546 0.2789 0.2627 -0.0311 0.0281  -0.0566 19 HYP A CG  
121 C CD  . HYP A 18 ? 0.3017 0.2186 0.1956 -0.0264 0.0232  -0.0580 19 HYP A CD  
122 O OD1 . HYP A 18 ? 0.3182 0.2557 0.2430 -0.0370 0.0348  -0.0561 19 HYP A OD1 
123 N N   . GLY A 19 ? 0.3434 0.2941 0.2550 -0.0010 0.0052  -0.0609 20 GLY A N   
124 C CA  . GLY A 19 ? 0.3071 0.2540 0.2093 0.0078  -0.0027 -0.0619 20 GLY A CA  
125 C C   . GLY A 19 ? 0.3968 0.3240 0.2836 0.0070  -0.0040 -0.0609 20 GLY A C   
126 O O   . GLY A 19 ? 0.3740 0.2916 0.2589 -0.0005 0.0015  -0.0592 20 GLY A O   
127 N N   . GLU A 20 ? 0.4277 0.3486 0.3030 0.0149  -0.0113 -0.0618 21 GLU A N   
128 C CA  . GLU A 20 ? 0.4042 0.3072 0.2649 0.0151  -0.0132 -0.0609 21 GLU A CA  
129 C C   . GLU A 20 ? 0.4682 0.3779 0.3411 0.0126  -0.0105 -0.0594 21 GLU A C   
130 O O   . GLU A 20 ? 0.4099 0.3390 0.3014 0.0137  -0.0096 -0.0597 21 GLU A O   
131 C CB  . GLU A 20 ? 0.4565 0.3519 0.3023 0.0247  -0.0220 -0.0624 21 GLU A CB  
132 C CG  . GLU A 20 ? 0.5756 0.4898 0.4323 0.0328  -0.0270 -0.0642 21 GLU A CG  
133 C CD  . GLU A 20 ? 0.6314 0.5423 0.4817 0.0403  -0.0339 -0.0628 21 GLU A CD  
134 O OE1 . GLU A 20 ? 0.7040 0.6297 0.5638 0.0466  -0.0380 -0.0633 21 GLU A OE1 
135 O OE2 . GLU A 20 ? 0.7085 0.6024 0.5453 0.0395  -0.0350 -0.0608 21 GLU A OE2 
136 N N   . HYP A 21 ? 0.4412 0.3350 0.3037 0.0091  -0.0090 -0.0578 22 HYP A N   
137 C CA  . HYP A 21 ? 0.4974 0.3956 0.3700 0.0060  -0.0059 -0.0561 22 HYP A CA  
138 C C   . HYP A 21 ? 0.3903 0.3011 0.2713 0.0138  -0.0113 -0.0569 22 HYP A C   
139 O O   . HYP A 21 ? 0.4540 0.3614 0.3249 0.0220  -0.0186 -0.0584 22 HYP A O   
140 C CB  . HYP A 21 ? 0.5248 0.4011 0.3803 0.0021  -0.0049 -0.0545 22 HYP A CB  
141 C CG  . HYP A 21 ? 0.4704 0.3315 0.3101 -0.0005 -0.0045 -0.0550 22 HYP A CG  
142 C CD  . HYP A 21 ? 0.4502 0.3202 0.2906 0.0070  -0.0098 -0.0573 22 HYP A CD  
143 O OD1 . HYP A 21 ? 0.5871 0.4479 0.4324 -0.0095 0.0030  -0.0540 22 HYP A OD1 
144 N N   . GLY A 22 ? 0.3674 0.2921 0.2663 0.0111  -0.0078 -0.0559 23 GLY A N   
145 C CA  . GLY A 22 ? 0.4163 0.3534 0.3244 0.0174  -0.0123 -0.0565 23 GLY A CA  
146 C C   . GLY A 22 ? 0.4660 0.3888 0.3600 0.0211  -0.0165 -0.0557 23 GLY A C   
147 O O   . GLY A 22 ? 0.4363 0.3397 0.3141 0.0177  -0.0154 -0.0545 23 GLY A O   
148 N N   . GLU A 23 ? 0.4069 0.3392 0.3066 0.0278  -0.0216 -0.0565 24 GLU A N   
149 C CA  . GLU A 23 ? 0.4009 0.3210 0.2878 0.0320  -0.0261 -0.0560 24 GLU A CA  
150 C C   . GLU A 23 ? 0.3499 0.2657 0.2408 0.0251  -0.0207 -0.0532 24 GLU A C   
151 O O   . GLU A 23 ? 0.3379 0.2662 0.2463 0.0191  -0.0146 -0.0521 24 GLU A O   
152 C CB  . GLU A 23 ? 0.4388 0.3715 0.3319 0.0410  -0.0330 -0.0577 24 GLU A CB  
153 C CG  . GLU A 23 ? 0.4751 0.4077 0.3589 0.0491  -0.0398 -0.0603 24 GLU A CG  
154 C CD  . GLU A 23 ? 0.6023 0.5137 0.4646 0.0506  -0.0426 -0.0587 24 GLU A CD  
155 O OE1 . GLU A 23 ? 0.5630 0.4640 0.4169 0.0520  -0.0446 -0.0567 24 GLU A OE1 
156 O OE2 . GLU A 23 ? 0.6293 0.5357 0.4848 0.0499  -0.0424 -0.0587 24 GLU A OE2 
157 N N   . HYP A 24 ? 0.3880 0.2858 0.2621 0.0259  -0.0227 -0.0520 25 HYP A N   
158 C CA  . HYP A 24 ? 0.4385 0.3310 0.3147 0.0197  -0.0178 -0.0491 25 HYP A CA  
159 C C   . HYP A 24 ? 0.3543 0.2659 0.2512 0.0204  -0.0170 -0.0486 25 HYP A C   
160 O O   . HYP A 24 ? 0.3561 0.2789 0.2588 0.0280  -0.0227 -0.0503 25 HYP A O   
161 C CB  . HYP A 24 ? 0.4072 0.2780 0.2608 0.0221  -0.0216 -0.0483 25 HYP A CB  
162 C CG  . HYP A 24 ? 0.4358 0.2943 0.2715 0.0265  -0.0265 -0.0503 25 HYP A CG  
163 C CD  . HYP A 24 ? 0.4881 0.3662 0.3381 0.0311  -0.0287 -0.0528 25 HYP A CD  
164 O OD1 . HYP A 24 ? 0.4656 0.3102 0.2907 0.0200  -0.0226 -0.0492 25 HYP A OD1 
165 N N   . GLY A 25 ? 0.3677 0.2826 0.2753 0.0126  -0.0101 -0.0462 26 GLY A N   
166 C CA  . GLY A 25 ? 0.3668 0.2979 0.2931 0.0124  -0.0088 -0.0453 26 GLY A CA  
167 C C   . GLY A 25 ? 0.3940 0.3176 0.3111 0.0176  -0.0138 -0.0446 26 GLY A C   
168 O O   . GLY A 25 ? 0.3538 0.2575 0.2507 0.0184  -0.0158 -0.0438 26 GLY A O   
169 N N   . PRO A 26 ? 0.3745 0.3139 0.3065 0.0214  -0.0161 -0.0450 27 PRO A N   
170 C CA  . PRO A 26 ? 0.3315 0.2648 0.2559 0.0264  -0.0209 -0.0444 27 PRO A CA  
171 C C   . PRO A 26 ? 0.3782 0.3017 0.2997 0.0197  -0.0157 -0.0409 27 PRO A C   
172 O O   . PRO A 26 ? 0.2921 0.2200 0.2245 0.0114  -0.0083 -0.0391 27 PRO A O   
173 C CB  . PRO A 26 ? 0.3310 0.2868 0.2753 0.0310  -0.0239 -0.0458 27 PRO A CB  
174 C CG  . PRO A 26 ? 0.4445 0.4180 0.4087 0.0264  -0.0190 -0.0465 27 PRO A CG  
175 C CD  . PRO A 26 ? 0.3692 0.3329 0.3252 0.0211  -0.0146 -0.0462 27 PRO A CD  
176 N N   . LYS A 27 ? 0.4045 0.3141 0.3109 0.0235  -0.0197 -0.0400 28 LYS A N   
177 C CA  . LYS A 27 ? 0.3463 0.2474 0.2499 0.0181  -0.0156 -0.0367 28 LYS A CA  
178 C C   . LYS A 27 ? 0.2817 0.2025 0.2092 0.0152  -0.0121 -0.0355 28 LYS A C   
179 O O   . LYS A 27 ? 0.2883 0.2262 0.2300 0.0203  -0.0156 -0.0374 28 LYS A O   
180 C CB  . LYS A 27 ? 0.3607 0.2456 0.2449 0.0237  -0.0215 -0.0362 28 LYS A CB  
181 C CG  . LYS A 27 ? 0.4012 0.2728 0.2773 0.0180  -0.0174 -0.0326 28 LYS A CG  
182 C CD  . LYS A 27 ? 0.3835 0.2337 0.2343 0.0227  -0.0229 -0.0323 28 LYS A CD  
183 C CE  . LYS A 27 ? 0.4569 0.3126 0.3072 0.0330  -0.0312 -0.0344 28 LYS A CE  
184 N NZ  . LYS A 27 ? 0.4775 0.3139 0.3062 0.0369  -0.0358 -0.0333 28 LYS A NZ  
185 N N   . GLY A 28 ? 0.2755 0.1938 0.2075 0.0068  -0.0050 -0.0323 29 GLY A N   
186 C CA  . GLY A 28 ? 0.2929 0.2276 0.2460 0.0035  -0.0012 -0.0308 29 GLY A CA  
187 C C   . GLY A 28 ? 0.2489 0.1847 0.2013 0.0092  -0.0063 -0.0304 29 GLY A C   
188 O O   . GLY A 28 ? 0.2341 0.1552 0.1675 0.0148  -0.0119 -0.0307 29 GLY A O   
189 N N   . PRO A 29 ? 0.2361 0.1896 0.2091 0.0080  -0.0045 -0.0297 30 PRO A N   
190 C CA  . PRO A 29 ? 0.2274 0.1827 0.2008 0.0130  -0.0090 -0.0291 30 PRO A CA  
191 C C   . PRO A 29 ? 0.2155 0.1520 0.1730 0.0100  -0.0071 -0.0257 30 PRO A C   
192 O O   . PRO A 29 ? 0.2138 0.1417 0.1679 0.0020  -0.0004 -0.0231 30 PRO A O   
193 C CB  . PRO A 29 ? 0.2151 0.1937 0.2159 0.0101  -0.0059 -0.0287 30 PRO A CB  
194 C CG  . PRO A 29 ? 0.2394 0.2258 0.2525 0.0025  0.0013  -0.0284 30 PRO A CG  
195 C CD  . PRO A 29 ? 0.1881 0.1604 0.1849 0.0019  0.0016  -0.0294 30 PRO A CD  
196 N N   . LYS A 30 ? 0.1683 0.0980 0.1154 0.0165  -0.0132 -0.0257 31 LYS A N   
197 C CA  . LYS A 30 ? 0.1916 0.1037 0.1232 0.0143  -0.0120 -0.0225 31 LYS A CA  
198 C C   . LYS A 30 ? 0.1898 0.1098 0.1366 0.0068  -0.0051 -0.0191 31 LYS A C   
199 O O   . LYS A 30 ? 0.1442 0.0843 0.1133 0.0063  -0.0040 -0.0195 31 LYS A O   
200 C CB  . LYS A 30 ? 0.2334 0.1385 0.1527 0.0233  -0.0201 -0.0235 31 LYS A CB  
201 C CG  . LYS A 30 ? 0.2333 0.1164 0.1310 0.0222  -0.0201 -0.0206 31 LYS A CG  
202 C CD  . LYS A 30 ? 0.2290 0.1051 0.1141 0.0314  -0.0285 -0.0217 31 LYS A CD  
203 C CE  . LYS A 30 ? 0.2788 0.1313 0.1405 0.0302  -0.0285 -0.0188 31 LYS A CE  
204 N NZ  . LYS A 30 ? 0.4118 0.2583 0.2625 0.0387  -0.0361 -0.0196 31 LYS A NZ  
205 N N   . GLY A 31 ? 0.1862 0.0904 0.1205 0.0008  -0.0004 -0.0157 32 GLY A N   
206 C CA  . GLY A 31 ? 0.1928 0.1021 0.1387 -0.0065 0.0061  -0.0121 32 GLY A CA  
207 C C   . GLY A 31 ? 0.1860 0.0967 0.1329 -0.0026 0.0027  -0.0107 32 GLY A C   
208 O O   . GLY A 31 ? 0.1838 0.0985 0.1398 -0.0078 0.0074  -0.0076 32 GLY A O   
209 O OXT . GLY A 31 ? 0.1947 0.1024 0.1331 0.0060  -0.0050 -0.0128 32 GLY A OXT 
210 N N   . GLY B 1  ? 0.3400 0.4105 0.4653 0.0135  -0.0368 -0.0823 2  GLY B N   
211 C CA  . GLY B 1  ? 0.3830 0.4571 0.5020 0.0117  -0.0364 -0.0754 2  GLY B CA  
212 C C   . GLY B 1  ? 0.3433 0.4159 0.4540 0.0142  -0.0341 -0.0751 2  GLY B C   
213 O O   . GLY B 1  ? 0.3381 0.4039 0.4470 0.0155  -0.0326 -0.0772 2  GLY B O   
214 N N   . PRO B 2  ? 0.3358 0.4154 0.4416 0.0154  -0.0335 -0.0722 3  PRO B N   
215 C CA  . PRO B 2  ? 0.2668 0.3465 0.3635 0.0187  -0.0312 -0.0718 3  PRO B CA  
216 C C   . PRO B 2  ? 0.2489 0.3176 0.3472 0.0143  -0.0308 -0.0655 3  PRO B C   
217 O O   . PRO B 2  ? 0.2008 0.2643 0.3048 0.0086  -0.0322 -0.0596 3  PRO B O   
218 C CB  . PRO B 2  ? 0.3007 0.3928 0.3921 0.0223  -0.0304 -0.0695 3  PRO B CB  
219 C CG  . PRO B 2  ? 0.3174 0.4113 0.4179 0.0175  -0.0327 -0.0653 3  PRO B CG  
220 C CD  . PRO B 2  ? 0.2933 0.3817 0.4018 0.0142  -0.0348 -0.0685 3  PRO B CD  
221 N N   . ASP B 3  ? 0.1916 0.2571 0.2831 0.0170  -0.0288 -0.0666 4  ASP B N   
222 C CA  . ASP B 3  ? 0.2029 0.2580 0.2951 0.0132  -0.0282 -0.0610 4  ASP B CA  
223 C C   . ASP B 3  ? 0.1414 0.2005 0.2340 0.0107  -0.0284 -0.0541 4  ASP B C   
224 O O   . ASP B 3  ? 0.1357 0.2072 0.2256 0.0148  -0.0276 -0.0537 4  ASP B O   
225 C CB  . ASP B 3  ? 0.1911 0.2436 0.2755 0.0175  -0.0260 -0.0639 4  ASP B CB  
226 C CG  . ASP B 3  ? 0.3789 0.4258 0.4640 0.0192  -0.0255 -0.0700 4  ASP B CG  
227 O OD1 . ASP B 3  ? 0.3426 0.3889 0.4349 0.0180  -0.0264 -0.0711 4  ASP B OD1 
228 O OD2 . ASP B 3  ? 0.4107 0.4580 0.4882 0.0195  -0.0249 -0.0677 4  ASP B OD2 
229 N N   . GLY B 4  ? 0.1410 0.1896 0.2361 0.0045  -0.0288 -0.0477 5  GLY B N   
230 C CA  . GLY B 4  ? 0.1161 0.1678 0.2121 0.0012  -0.0289 -0.0410 5  GLY B CA  
231 C C   . GLY B 4  ? 0.1218 0.1806 0.2126 0.0067  -0.0262 -0.0405 5  GLY B C   
232 O O   . GLY B 4  ? 0.1106 0.1629 0.1876 0.0125  -0.0213 -0.0416 5  GLY B O   
233 N N   . ASP B 5  ? 0.0762 0.1386 0.1640 0.0055  -0.0244 -0.0338 6  ASP B N   
234 C CA  . ASP B 5  ? 0.0769 0.1353 0.1450 0.0112  -0.0166 -0.0275 6  ASP B CA  
235 C C   . ASP B 5  ? 0.0765 0.1169 0.1348 0.0080  -0.0131 -0.0223 6  ASP B C   
236 O O   . ASP B 5  ? 0.0795 0.1117 0.1475 -0.0002 -0.0171 -0.0211 6  ASP B O   
237 C CB  . ASP B 5  ? 0.0668 0.1347 0.1359 0.0102  -0.0160 -0.0222 6  ASP B CB  
238 C CG  . ASP B 5  ? 0.1035 0.1897 0.1815 0.0137  -0.0191 -0.0270 6  ASP B CG  
239 O OD1 . ASP B 5  ? 0.0876 0.1798 0.1615 0.0210  -0.0182 -0.0326 6  ASP B OD1 
240 O OD2 . ASP B 5  ? 0.0693 0.1640 0.1587 0.0091  -0.0226 -0.0249 6  ASP B OD2 
241 N N   . HYP B 6  ? 0.0828 0.1172 0.1223 0.0145  -0.0057 -0.0191 7  HYP B N   
242 C CA  . HYP B 6  ? 0.0680 0.0859 0.0968 0.0121  -0.0016 -0.0135 7  HYP B CA  
243 C C   . HYP B 6  ? 0.0763 0.0913 0.1102 0.0036  -0.0032 -0.0067 7  HYP B C   
244 O O   . HYP B 6  ? 0.0823 0.1084 0.1199 0.0030  -0.0038 -0.0042 7  HYP B O   
245 C CB  . HYP B 6  ? 0.1064 0.1215 0.1149 0.0211  0.0069  -0.0106 7  HYP B CB  
246 C CG  . HYP B 6  ? 0.0739 0.1002 0.0816 0.0290  0.0069  -0.0168 7  HYP B CG  
247 C CD  . HYP B 6  ? 0.0870 0.1278 0.1127 0.0250  -0.0002 -0.0201 7  HYP B CD  
248 O OD1 . HYP B 6  ? 0.1182 0.1383 0.1245 0.0311  0.0068  -0.0219 7  HYP B OD1 
249 N N   . GLY B 7  ? 0.0986 0.0996 0.1326 -0.0026 -0.0038 -0.0039 8  GLY B N   
250 C CA  . GLY B 7  ? 0.1195 0.1170 0.1567 -0.0104 -0.0049 0.0029  8  GLY B CA  
251 C C   . GLY B 7  ? 0.0886 0.0859 0.1102 -0.0068 0.0020  0.0092  8  GLY B C   
252 O O   . GLY B 7  ? 0.0801 0.0762 0.0872 0.0014  0.0081  0.0086  8  GLY B O   
253 N N   . ASP B 8  ? 0.1005 0.0992 0.1255 -0.0132 0.0009  0.0150  9  ASP B N   
254 C CA  . ASP B 8  ? 0.1018 0.0999 0.1130 -0.0110 0.0072  0.0210  9  ASP B CA  
255 C C   . ASP B 8  ? 0.1085 0.0910 0.1050 -0.0096 0.0127  0.0234  9  ASP B C   
256 O O   . ASP B 8  ? 0.1075 0.0784 0.1065 -0.0133 0.0105  0.0222  9  ASP B O   
257 C CB  . ASP B 8  ? 0.1298 0.1326 0.1489 -0.0192 0.0044  0.0267  9  ASP B CB  
258 C CG  . ASP B 8  ? 0.1467 0.1664 0.1788 -0.0198 0.0003  0.0251  9  ASP B CG  
259 O OD1 . ASP B 8  ? 0.1189 0.1483 0.1476 -0.0119 0.0025  0.0217  9  ASP B OD1 
260 O OD2 . ASP B 8  ? 0.1982 0.2213 0.2441 -0.0281 -0.0052 0.0274  9  ASP B OD2 
261 N N   . HYP B 9  ? 0.1081 0.0897 0.0893 -0.0041 0.0198  0.0266  10 HYP B N   
262 C CA  . HYP B 9  ? 0.1313 0.1018 0.1016 -0.0035 0.0224  0.0270  10 HYP B CA  
263 C C   . HYP B 9  ? 0.1127 0.0824 0.0913 -0.0125 0.0153  0.0283  10 HYP B C   
264 O O   . HYP B 9  ? 0.1242 0.0956 0.1054 -0.0186 0.0129  0.0298  10 HYP B O   
265 C CB  . HYP B 9  ? 0.1547 0.1320 0.1176 0.0020  0.0252  0.0257  10 HYP B CB  
266 C CG  . HYP B 9  ? 0.1197 0.1068 0.0807 0.0087  0.0286  0.0260  10 HYP B CG  
267 C CD  . HYP B 9  ? 0.1311 0.1246 0.1059 0.0024  0.0239  0.0277  10 HYP B CD  
268 O OD1 . HYP B 9  ? 0.1167 0.1029 0.0742 0.0161  0.0300  0.0217  10 HYP B OD1 
269 N N   . GLY B 10 ? 0.0896 0.0568 0.0701 -0.0117 0.0127  0.0255  11 GLY B N   
270 C CA  . GLY B 10 ? 0.1177 0.0854 0.1056 -0.0148 0.0099  0.0270  11 GLY B CA  
271 C C   . GLY B 10 ? 0.1532 0.1243 0.1363 -0.0151 0.0120  0.0296  11 GLY B C   
272 O O   . GLY B 10 ? 0.1130 0.0857 0.0868 -0.0126 0.0153  0.0291  11 GLY B O   
273 N N   . ASP B 11 ? 0.1284 0.0992 0.1180 -0.0161 0.0123  0.0305  12 ASP B N   
274 C CA  . ASP B 11 ? 0.1689 0.1419 0.1544 -0.0164 0.0141  0.0327  12 ASP B CA  
275 C C   . ASP B 11 ? 0.1594 0.1267 0.1319 -0.0148 0.0159  0.0294  12 ASP B C   
276 O O   . ASP B 11 ? 0.1395 0.0995 0.1080 -0.0123 0.0169  0.0244  12 ASP B O   
277 C CB  . ASP B 11 ? 0.1732 0.1397 0.1601 -0.0195 0.0150  0.0318  12 ASP B CB  
278 C CG  . ASP B 11 ? 0.1747 0.1413 0.1646 -0.0249 0.0120  0.0309  12 ASP B CG  
279 O OD1 . ASP B 11 ? 0.1912 0.1612 0.1815 -0.0251 0.0131  0.0319  12 ASP B OD1 
280 O OD2 . ASP B 11 ? 0.2174 0.1841 0.2113 -0.0289 0.0067  0.0303  12 ASP B OD2 
281 N N   . HYP B 12 ? 0.1487 0.1184 0.1161 -0.0141 0.0181  0.0306  13 HYP B N   
282 C CA  . HYP B 12 ? 0.1898 0.1516 0.1485 -0.0100 0.0221  0.0261  13 HYP B CA  
283 C C   . HYP B 12 ? 0.1652 0.1209 0.1236 -0.0117 0.0210  0.0238  13 HYP B C   
284 O O   . HYP B 12 ? 0.1428 0.1019 0.1074 -0.0162 0.0177  0.0273  13 HYP B O   
285 C CB  . HYP B 12 ? 0.2068 0.1737 0.1626 -0.0098 0.0240  0.0285  13 HYP B CB  
286 C CG  . HYP B 12 ? 0.1995 0.1770 0.1589 -0.0129 0.0222  0.0329  13 HYP B CG  
287 C CD  . HYP B 12 ? 0.2038 0.1832 0.1735 -0.0162 0.0179  0.0354  13 HYP B CD  
288 O OD1 . HYP B 12 ? 0.2078 0.1857 0.1640 -0.0084 0.0246  0.0306  13 HYP B OD1 
289 N N   . GLY B 13 ? 0.1243 0.0709 0.0764 -0.0076 0.0241  0.0184  14 GLY B N   
290 C CA  . GLY B 13 ? 0.1534 0.0949 0.1032 -0.0092 0.0234  0.0159  14 GLY B CA  
291 C C   . GLY B 13 ? 0.1726 0.1155 0.1212 -0.0117 0.0234  0.0184  14 GLY B C   
292 O O   . GLY B 13 ? 0.1606 0.1065 0.1080 -0.0106 0.0253  0.0207  14 GLY B O   
293 N N   . PRO B 14 ? 0.1120 0.1487 0.1311 0.0066  -0.0031 -0.0281 15 PRO B N   
294 C CA  . PRO B 14 ? 0.1209 0.1451 0.1304 0.0121  -0.0064 -0.0282 15 PRO B CA  
295 C C   . PRO B 14 ? 0.1264 0.1447 0.1338 0.0072  -0.0046 -0.0274 15 PRO B C   
296 O O   . PRO B 14 ? 0.1474 0.1737 0.1618 0.0000  -0.0032 -0.0303 15 PRO B O   
297 C CB  . PRO B 14 ? 0.1604 0.1908 0.1731 0.0165  -0.0130 -0.0368 15 PRO B CB  
298 C CG  . PRO B 14 ? 0.2263 0.2731 0.2513 0.0106  -0.0131 -0.0423 15 PRO B CG  
299 C CD  . PRO B 14 ? 0.1201 0.1708 0.1486 0.0068  -0.0075 -0.0363 15 PRO B CD  
300 N N   . ASP B 15 ? 0.1458 0.1498 0.1429 0.0107  -0.0048 -0.0233 16 ASP B N   
301 C CA  . ASP B 15 ? 0.1384 0.1359 0.1324 0.0067  -0.0036 -0.0224 16 ASP B CA  
302 C C   . ASP B 15 ? 0.1497 0.1544 0.1493 0.0049  -0.0076 -0.0305 16 ASP B C   
303 O O   . ASP B 15 ? 0.1420 0.1519 0.1445 0.0092  -0.0123 -0.0365 16 ASP B O   
304 C CB  . ASP B 15 ? 0.1778 0.1590 0.1600 0.0116  -0.0041 -0.0172 16 ASP B CB  
305 C CG  . ASP B 15 ? 0.3127 0.2863 0.2884 0.0120  0.0006  -0.0088 16 ASP B CG  
306 O OD1 . ASP B 15 ? 0.2687 0.2493 0.2493 0.0081  0.0047  -0.0067 16 ASP B OD1 
307 O OD2 . ASP B 15 ? 0.2828 0.2434 0.2485 0.0161  0.0003  -0.0046 16 ASP B OD2 
308 N N   . GLY B 16 ? 0.1600 0.1648 0.1603 -0.0014 -0.0056 -0.0307 17 GLY B N   
309 C CA  . GLY B 16 ? 0.1750 0.1879 0.1804 -0.0045 -0.0084 -0.0385 17 GLY B CA  
310 C C   . GLY B 16 ? 0.2365 0.2434 0.2378 0.0014  -0.0133 -0.0417 17 GLY B C   
311 O O   . GLY B 16 ? 0.2420 0.2370 0.2358 0.0073  -0.0145 -0.0378 17 GLY B O   
312 N N   . ARG B 17 ? 0.2282 0.2438 0.2349 -0.0004 -0.0160 -0.0494 18 ARG B N   
313 C CA  . ARG B 17 ? 0.3128 0.3241 0.3167 0.0044  -0.0204 -0.0534 18 ARG B CA  
314 C C   . ARG B 17 ? 0.2462 0.2477 0.2435 0.0019  -0.0187 -0.0498 18 ARG B C   
315 O O   . ARG B 17 ? 0.2210 0.2219 0.2170 -0.0044 -0.0147 -0.0460 18 ARG B O   
316 C CB  . ARG B 17 ? 0.2898 0.3146 0.3015 0.0033  -0.0238 -0.0631 18 ARG B CB  
317 C CG  . ARG B 17 ? 0.3876 0.4168 0.4024 0.0100  -0.0281 -0.0677 18 ARG B CG  
318 C CD  . ARG B 17 ? 0.4391 0.4836 0.4625 0.0080  -0.0311 -0.0774 18 ARG B CD  
319 N NE  . ARG B 17 ? 0.4163 0.4726 0.4468 0.0005  -0.0280 -0.0783 18 ARG B NE  
320 C CZ  . ARG B 17 ? 0.4620 0.5297 0.4981 -0.0054 -0.0284 -0.0850 18 ARG B CZ  
321 N NH1 . ARG B 17 ? 0.5127 0.5819 0.5481 -0.0047 -0.0313 -0.0913 18 ARG B NH1 
322 N NH2 . ARG B 17 ? 0.4579 0.5357 0.5005 -0.0124 -0.0258 -0.0856 18 ARG B NH2 
323 N N   . HYP B 18 ? 0.3093 0.3029 0.3024 0.0067  -0.0218 -0.0507 19 HYP B N   
324 C CA  . HYP B 18 ? 0.2666 0.2506 0.2533 0.0045  -0.0204 -0.0469 19 HYP B CA  
325 C C   . HYP B 18 ? 0.2679 0.2605 0.2575 -0.0033 -0.0185 -0.0505 19 HYP B C   
326 O O   . HYP B 18 ? 0.3038 0.3091 0.3002 -0.0053 -0.0200 -0.0580 19 HYP B O   
327 C CB  . HYP B 18 ? 0.3438 0.3195 0.3271 0.0110  -0.0245 -0.0484 19 HYP B CB  
328 C CG  . HYP B 18 ? 0.3377 0.3141 0.3230 0.0178  -0.0280 -0.0507 19 HYP B CG  
329 C CD  . HYP B 18 ? 0.2907 0.2821 0.2836 0.0142  -0.0269 -0.0549 19 HYP B CD  
330 O OD1 . HYP B 18 ? 0.3495 0.3150 0.3285 0.0218  -0.0276 -0.0442 19 HYP B OD1 
331 N N   . GLY B 19 ? 0.2708 0.2564 0.2543 -0.0075 -0.0156 -0.0455 20 GLY B N   
332 C CA  . GLY B 19 ? 0.3159 0.3080 0.3000 -0.0147 -0.0139 -0.0486 20 GLY B CA  
333 C C   . GLY B 19 ? 0.3426 0.3383 0.3279 -0.0132 -0.0169 -0.0550 20 GLY B C   
334 O O   . GLY B 19 ? 0.3489 0.3394 0.3337 -0.0065 -0.0201 -0.0558 20 GLY B O   
335 N N   . PRO B 20 ? 0.3721 0.3766 0.3588 -0.0195 -0.0159 -0.0598 21 PRO B N   
336 C CA  . PRO B 20 ? 0.3692 0.3777 0.3566 -0.0184 -0.0185 -0.0661 21 PRO B CA  
337 C C   . PRO B 20 ? 0.4115 0.4073 0.3914 -0.0159 -0.0183 -0.0610 21 PRO B C   
338 O O   . PRO B 20 ? 0.3657 0.3513 0.3392 -0.0173 -0.0159 -0.0533 21 PRO B O   
339 C CB  . PRO B 20 ? 0.3379 0.3579 0.3269 -0.0268 -0.0167 -0.0713 21 PRO B CB  
340 C CG  . PRO B 20 ? 0.4153 0.4333 0.4021 -0.0328 -0.0129 -0.0659 21 PRO B CG  
341 C CD  . PRO B 20 ? 0.3612 0.3698 0.3470 -0.0281 -0.0122 -0.0586 21 PRO B CD  
342 N N   . ASP B 21 ? 0.4261 0.4227 0.4069 -0.0122 -0.0211 -0.0656 22 ASP B N   
343 C CA  . ASP B 21 ? 0.3538 0.3387 0.3283 -0.0096 -0.0212 -0.0614 22 ASP B CA  
344 C C   . ASP B 21 ? 0.3539 0.3367 0.3219 -0.0163 -0.0177 -0.0575 22 ASP B C   
345 O O   . ASP B 21 ? 0.3539 0.3461 0.3223 -0.0230 -0.0159 -0.0611 22 ASP B O   
346 C CB  . ASP B 21 ? 0.4071 0.3953 0.3845 -0.0057 -0.0242 -0.0680 22 ASP B CB  
347 C CG  . ASP B 21 ? 0.4634 0.4521 0.4462 0.0015  -0.0282 -0.0717 22 ASP B CG  
348 O OD1 . ASP B 21 ? 0.4673 0.4496 0.4496 0.0048  -0.0288 -0.0673 22 ASP B OD1 
349 O OD2 . ASP B 21 ? 0.5584 0.5538 0.5451 0.0039  -0.0308 -0.0794 22 ASP B OD2 
350 N N   . GLY B 22 ? 0.3465 0.3165 0.3079 -0.0148 -0.0170 -0.0503 23 GLY B N   
351 C CA  . GLY B 22 ? 0.3761 0.3430 0.3302 -0.0202 -0.0141 -0.0468 23 GLY B CA  
352 C C   . GLY B 22 ? 0.3418 0.3160 0.2962 -0.0218 -0.0145 -0.0530 23 GLY B C   
353 O O   . GLY B 22 ? 0.3752 0.3531 0.3347 -0.0173 -0.0172 -0.0586 23 GLY B O   
354 N N   . PRO B 23 ? 0.3506 0.3271 0.2991 -0.0284 -0.0119 -0.0525 24 PRO B N   
355 C CA  . PRO B 23 ? 0.3405 0.3237 0.2878 -0.0302 -0.0119 -0.0582 24 PRO B CA  
356 C C   . PRO B 23 ? 0.3734 0.3478 0.3190 -0.0247 -0.0130 -0.0554 24 PRO B C   
357 O O   . PRO B 23 ? 0.3541 0.3161 0.2960 -0.0221 -0.0128 -0.0473 24 PRO B O   
358 C CB  . PRO B 23 ? 0.4278 0.4125 0.3670 -0.0385 -0.0086 -0.0564 24 PRO B CB  
359 C CG  . PRO B 23 ? 0.4319 0.4058 0.3666 -0.0392 -0.0071 -0.0473 24 PRO B CG  
360 C CD  . PRO B 23 ? 0.4012 0.3736 0.3429 -0.0344 -0.0088 -0.0466 24 PRO B CD  
361 N N   . ASP B 24 ? 0.4087 0.3899 0.3574 -0.0229 -0.0143 -0.0624 25 ASP B N   
362 C CA  . ASP B 24 ? 0.3940 0.3676 0.3421 -0.0177 -0.0153 -0.0605 25 ASP B CA  
363 C C   . ASP B 24 ? 0.3776 0.3434 0.3166 -0.0210 -0.0125 -0.0533 25 ASP B C   
364 O O   . ASP B 24 ? 0.3807 0.3514 0.3138 -0.0276 -0.0098 -0.0537 25 ASP B O   
365 C CB  . ASP B 24 ? 0.4407 0.4240 0.3929 -0.0161 -0.0167 -0.0700 25 ASP B CB  
366 C CG  . ASP B 24 ? 0.5561 0.5470 0.5173 -0.0123 -0.0201 -0.0773 25 ASP B CG  
367 O OD1 . ASP B 24 ? 0.5193 0.5055 0.4834 -0.0093 -0.0216 -0.0744 25 ASP B OD1 
368 O OD2 . ASP B 24 ? 0.4731 0.4750 0.4377 -0.0125 -0.0212 -0.0863 25 ASP B OD2 
369 N N   . GLY B 25 ? 0.3680 0.3214 0.3059 -0.0165 -0.0132 -0.0467 26 GLY B N   
370 C CA  . GLY B 25 ? 0.3501 0.2952 0.2799 -0.0189 -0.0108 -0.0392 26 GLY B CA  
371 C C   . GLY B 25 ? 0.3163 0.2671 0.2430 -0.0210 -0.0091 -0.0430 26 GLY B C   
372 O O   . GLY B 25 ? 0.3395 0.2975 0.2716 -0.0183 -0.0104 -0.0506 26 GLY B O   
373 N N   . PRO B 26 ? 0.3555 0.3034 0.2732 -0.0258 -0.0061 -0.0378 27 PRO B N   
374 C CA  . PRO B 26 ? 0.3758 0.3290 0.2894 -0.0281 -0.0040 -0.0407 27 PRO B CA  
375 C C   . PRO B 26 ? 0.3080 0.2532 0.2236 -0.0227 -0.0045 -0.0376 27 PRO B C   
376 O O   . PRO B 26 ? 0.3277 0.2613 0.2456 -0.0185 -0.0060 -0.0310 27 PRO B O   
377 C CB  . PRO B 26 ? 0.3885 0.3395 0.2907 -0.0349 -0.0008 -0.0349 27 PRO B CB  
378 C CG  . PRO B 26 ? 0.3794 0.3180 0.2806 -0.0333 -0.0015 -0.0257 27 PRO B CG  
379 C CD  . PRO B 26 ? 0.3722 0.3114 0.2825 -0.0291 -0.0045 -0.0288 27 PRO B CD  
380 N N   . ALA B 27 ? 0.3467 0.2984 0.2618 -0.0229 -0.0033 -0.0427 28 ALA B N   
381 C CA  . ALA B 27 ? 0.2733 0.2179 0.1900 -0.0184 -0.0032 -0.0398 28 ALA B CA  
382 C C   . ALA B 27 ? 0.2517 0.1850 0.1615 -0.0201 -0.0011 -0.0286 28 ALA B C   
383 O O   . ALA B 27 ? 0.2954 0.2289 0.1963 -0.0257 0.0012  -0.0246 28 ALA B O   
384 C CB  . ALA B 27 ? 0.3575 0.3117 0.2734 -0.0192 -0.0015 -0.0472 28 ALA B CB  
385 N N   . GLY B 28 ? 0.2742 0.1970 0.1876 -0.0152 -0.0021 -0.0236 29 GLY B N   
386 C CA  . GLY B 28 ? 0.2420 0.1535 0.1495 -0.0164 -0.0005 -0.0127 29 GLY B CA  
387 C C   . GLY B 28 ? 0.2381 0.1532 0.1362 -0.0213 0.0037  -0.0107 29 GLY B C   
388 O O   . GLY B 28 ? 0.2373 0.1626 0.1343 -0.0228 0.0054  -0.0177 29 GLY B O   
389 N N   . ASP B 29 ? 0.2262 0.1329 0.1167 -0.0239 0.0052  -0.0009 30 ASP B N   
390 C CA  . ASP B 29 ? 0.2174 0.1256 0.0976 -0.0286 0.0093  0.0027  30 ASP B CA  
391 C C   . ASP B 29 ? 0.2137 0.1210 0.0971 -0.0255 0.0108  0.0028  30 ASP B C   
392 O O   . ASP B 29 ? 0.2085 0.1096 0.1013 -0.0199 0.0085  0.0033  30 ASP B O   
393 C CB  . ASP B 29 ? 0.2160 0.1140 0.0881 -0.0314 0.0101  0.0138  30 ASP B CB  
394 C CG  . ASP B 29 ? 0.2679 0.1669 0.1352 -0.0353 0.0093  0.0141  30 ASP B CG  
395 O OD1 . ASP B 29 ? 0.2588 0.1671 0.1284 -0.0366 0.0086  0.0061  30 ASP B OD1 
396 O OD2 . ASP B 29 ? 0.3630 0.2533 0.2245 -0.0370 0.0093  0.0227  30 ASP B OD2 
397 N N   . HYP B 30 ? 0.2297 0.1427 0.1046 -0.0293 0.0146  0.0022  31 HYP B N   
398 C CA  . HYP B 30 ? 0.2138 0.1254 0.0902 -0.0269 0.0169  0.0035  31 HYP B CA  
399 C C   . HYP B 30 ? 0.2773 0.1748 0.1544 -0.0249 0.0171  0.0153  31 HYP B C   
400 O O   . HYP B 30 ? 0.2244 0.1148 0.0969 -0.0270 0.0165  0.0231  31 HYP B O   
401 C CB  . HYP B 30 ? 0.2487 0.1696 0.1136 -0.0321 0.0214  0.0011  31 HYP B CB  
402 C CG  . HYP B 30 ? 0.2158 0.1476 0.0775 -0.0361 0.0205  -0.0073 31 HYP B CG  
403 C CD  . HYP B 30 ? 0.2640 0.1879 0.1283 -0.0357 0.0173  -0.0023 31 HYP B CD  
404 O OD1 . HYP B 30 ? 0.2222 0.1636 0.0912 -0.0337 0.0190  -0.0185 31 HYP B OD1 
405 N N   . GLY B 31 ? 0.2099 0.1038 0.0931 -0.0211 0.0180  0.0164  32 GLY B N   
406 C CA  . GLY B 31 ? 0.2011 0.0870 0.0898 -0.0190 0.0176  0.0257  32 GLY B CA  
407 C C   . GLY B 31 ? 0.2308 0.1340 0.1274 -0.0201 0.0178  0.0278  32 GLY B C   
408 O O   . GLY B 31 ? 0.2100 0.1236 0.1242 -0.0168 0.0149  0.0314  32 GLY B O   
409 O OXT . GLY B 31 ? 0.2041 0.1133 0.0916 -0.0239 0.0205  0.0253  32 GLY B OXT 
410 N N   . TYR C 1  ? 0.3312 0.3924 0.6545 0.0162  -0.0576 -0.1178 1  TYR C N   
411 C CA  . TYR C 1  ? 0.3195 0.3927 0.5962 0.0174  -0.0585 -0.0997 1  TYR C CA  
412 C C   . TYR C 1  ? 0.3199 0.3862 0.5673 0.0228  -0.0556 -0.0983 1  TYR C C   
413 O O   . TYR C 1  ? 0.3135 0.3646 0.5760 0.0237  -0.0543 -0.1097 1  TYR C O   
414 C CB  . TYR C 1  ? 0.3151 0.3879 0.5832 0.0155  -0.0580 -0.0734 1  TYR C CB  
415 C CG  . TYR C 1  ? 0.3292 0.3804 0.6135 0.0164  -0.0547 -0.0636 1  TYR C CG  
416 C CD1 . TYR C 1  ? 0.2603 0.3024 0.5233 0.0191  -0.0515 -0.0529 1  TYR C CD1 
417 C CD2 . TYR C 1  ? 0.3230 0.3611 0.6499 0.0130  -0.0553 -0.0667 1  TYR C CD2 
418 C CE1 . TYR C 1  ? 0.3293 0.3542 0.6062 0.0163  -0.0483 -0.0434 1  TYR C CE1 
419 C CE2 . TYR C 1  ? 0.3664 0.3838 0.7072 0.0111  -0.0517 -0.0563 1  TYR C CE2 
420 C CZ  . TYR C 1  ? 0.3987 0.4135 0.7079 0.0118  -0.0474 -0.0433 1  TYR C CZ  
421 O OH  . TYR C 1  ? 0.3178 0.3191 0.6422 0.0064  -0.0438 -0.0334 1  TYR C OH  
422 N N   . GLY C 2  ? 0.2908 0.3667 0.5015 0.0252  -0.0552 -0.0874 2  GLY C N   
423 C CA  . GLY C 2  ? 0.2933 0.3636 0.4781 0.0299  -0.0535 -0.0908 2  GLY C CA  
424 C C   . GLY C 2  ? 0.2771 0.3347 0.4555 0.0308  -0.0513 -0.0758 2  GLY C C   
425 O O   . GLY C 2  ? 0.3442 0.3947 0.5398 0.0285  -0.0503 -0.0638 2  GLY C O   
426 N N   . LYS C 3  ? 0.2028 0.2577 0.3547 0.0338  -0.0501 -0.0772 3  LYS C N   
427 C CA  . LYS C 3  ? 0.1873 0.2342 0.3288 0.0342  -0.0471 -0.0633 3  LYS C CA  
428 C C   . LYS C 3  ? 0.1390 0.1895 0.2710 0.0345  -0.0440 -0.0423 3  LYS C C   
429 O O   . LYS C 3  ? 0.1600 0.2212 0.2836 0.0347  -0.0446 -0.0386 3  LYS C O   
430 C CB  . LYS C 3  ? 0.2960 0.3421 0.4077 0.0368  -0.0467 -0.0702 3  LYS C CB  
431 C CG  . LYS C 3  ? 0.4019 0.4444 0.5222 0.0349  -0.0500 -0.0863 3  LYS C CG  
432 C CD  . LYS C 3  ? 0.4195 0.4649 0.5052 0.0371  -0.0477 -0.0858 3  LYS C CD  
433 C CE  . LYS C 3  ? 0.4694 0.5103 0.5575 0.0358  -0.0485 -0.0835 3  LYS C CE  
434 N NZ  . LYS C 3  ? 0.5076 0.5518 0.5698 0.0359  -0.0441 -0.0782 3  LYS C NZ  
435 N N   . HYP C 4  ? 0.1414 0.1845 0.2743 0.0336  -0.0402 -0.0292 4  HYP C N   
436 C CA  . HYP C 4  ? 0.1005 0.1479 0.2198 0.0337  -0.0357 -0.0114 4  HYP C CA  
437 C C   . HYP C 4  ? 0.1136 0.1701 0.2015 0.0361  -0.0319 -0.0078 4  HYP C C   
438 O O   . HYP C 4  ? 0.1131 0.1651 0.1853 0.0373  -0.0318 -0.0178 4  HYP C O   
439 C CB  . HYP C 4  ? 0.1059 0.1425 0.2317 0.0312  -0.0317 -0.0024 4  HYP C CB  
440 C CG  . HYP C 4  ? 0.1310 0.1577 0.2880 0.0279  -0.0345 -0.0115 4  HYP C CG  
441 C CD  . HYP C 4  ? 0.1289 0.1602 0.2802 0.0311  -0.0386 -0.0288 4  HYP C CD  
442 O OD1 . HYP C 4  ? 0.1311 0.1534 0.3153 0.0232  -0.0363 -0.0094 4  HYP C OD1 
443 N N   . GLY C 5  ? 0.1009 0.1673 0.1811 0.0349  -0.0290 0.0040  5  GLY C N   
444 C CA  . GLY C 5  ? 0.1116 0.1752 0.1697 0.0327  -0.0264 0.0027  5  GLY C CA  
445 C C   . GLY C 5  ? 0.1335 0.1886 0.1722 0.0322  -0.0196 0.0041  5  GLY C C   
446 O O   . GLY C 5  ? 0.1013 0.1485 0.1570 0.0300  -0.0211 0.0103  5  GLY C O   
447 N N   . PRO C 6  ? 0.1264 0.1859 0.1278 0.0351  -0.0095 -0.0031 6  PRO C N   
448 C CA  . PRO C 6  ? 0.1025 0.1568 0.0863 0.0325  0.0008  0.0006  6  PRO C CA  
449 C C   . PRO C 6  ? 0.0969 0.1506 0.0877 0.0261  0.0065  0.0138  6  PRO C C   
450 O O   . PRO C 6  ? 0.0639 0.1258 0.0607 0.0248  0.0079  0.0212  6  PRO C O   
451 C CB  . PRO C 6  ? 0.1122 0.1598 0.0984 0.0281  0.0021  -0.0031 6  PRO C CB  
452 C CG  . PRO C 6  ? 0.1784 0.2470 0.1615 0.0401  -0.0055 -0.0119 6  PRO C CG  
453 C CD  . PRO C 6  ? 0.1181 0.1849 0.1025 0.0385  -0.0062 -0.0141 6  PRO C CD  
454 N N   . ASP C 7  ? 0.1134 0.1557 0.1333 0.0417  -0.0073 -0.0008 7  ASP C N   
455 C CA  . ASP C 7  ? 0.1296 0.1714 0.1521 0.0399  -0.0130 -0.0014 7  ASP C CA  
456 C C   . ASP C 7  ? 0.1066 0.1447 0.1197 0.0385  -0.0068 0.0057  7  ASP C C   
457 O O   . ASP C 7  ? 0.0779 0.1150 0.0900 0.0379  0.0044  0.0080  7  ASP C O   
458 C CB  . ASP C 7  ? 0.1159 0.1615 0.1558 0.0382  -0.0116 -0.0102 7  ASP C CB  
459 C CG  . ASP C 7  ? 0.2245 0.2742 0.2758 0.0395  -0.0162 -0.0178 7  ASP C CG  
460 O OD1 . ASP C 7  ? 0.1943 0.2411 0.2380 0.0389  -0.0234 -0.0159 7  ASP C OD1 
461 O OD2 . ASP C 7  ? 0.2408 0.2935 0.3058 0.0385  -0.0111 -0.0245 7  ASP C OD2 
462 N N   . GLY C 8  ? 0.0923 0.1273 0.0986 0.0367  -0.0137 0.0088  8  GLY C N   
463 C CA  . GLY C 8  ? 0.0815 0.1138 0.0808 0.0355  -0.0089 0.0145  8  GLY C CA  
464 C C   . GLY C 8  ? 0.0645 0.0987 0.0759 0.0339  -0.0015 0.0103  8  GLY C C   
465 O O   . GLY C 8  ? 0.0715 0.1094 0.0969 0.0332  -0.0024 0.0023  8  GLY C O   
466 N N   . PRO C 9  ? 0.1008 0.1323 0.1074 0.0325  0.0061  0.0151  9  PRO C N   
467 C CA  . PRO C 9  ? 0.0620 0.0944 0.0799 0.0302  0.0137  0.0110  9  PRO C CA  
468 C C   . PRO C 9  ? 0.0702 0.1042 0.0948 0.0285  0.0062  0.0064  9  PRO C C   
469 O O   . PRO C 9  ? 0.0584 0.0921 0.0765 0.0289  -0.0040 0.0083  9  PRO C O   
470 C CB  . PRO C 9  ? 0.0856 0.1140 0.0947 0.0294  0.0225  0.0185  9  PRO C CB  
471 C CG  . PRO C 9  ? 0.0860 0.1114 0.0792 0.0308  0.0162  0.0262  9  PRO C CG  
472 C CD  . PRO C 9  ? 0.0781 0.1051 0.0689 0.0331  0.0075  0.0246  9  PRO C CD  
473 N N   . ASP C 10 ? 0.0594 0.0956 0.0973 0.0265  0.0113  0.0004  10 ASP C N   
474 C CA  . ASP C 10 ? 0.0778 0.1153 0.1222 0.0244  0.0061  -0.0036 10 ASP C CA  
475 C C   . ASP C 10 ? 0.0711 0.1054 0.1041 0.0236  0.0047  0.0028  10 ASP C C   
476 O O   . ASP C 10 ? 0.0764 0.1071 0.1002 0.0239  0.0117  0.0095  10 ASP C O   
477 C CB  . ASP C 10 ? 0.0897 0.1291 0.1486 0.0223  0.0143  -0.0097 10 ASP C CB  
478 C CG  . ASP C 10 ? 0.0907 0.1342 0.1632 0.0226  0.0135  -0.0176 10 ASP C CG  
479 O OD1 . ASP C 10 ? 0.1409 0.1855 0.2116 0.0248  0.0098  -0.0178 10 ASP C OD1 
480 O OD2 . ASP C 10 ? 0.1095 0.1552 0.1949 0.0208  0.0167  -0.0236 10 ASP C OD2 
481 N N   . GLY C 11 ? 0.0807 0.1163 0.1143 0.0224  -0.0043 0.0009  11 GLY C N   
482 C CA  . GLY C 11 ? 0.0847 0.1178 0.1090 0.0212  -0.0060 0.0059  11 GLY C CA  
483 C C   . GLY C 11 ? 0.0640 0.0959 0.0938 0.0189  0.0039  0.0051  11 GLY C C   
484 O O   . GLY C 11 ? 0.0637 0.0971 0.1055 0.0181  0.0111  0.0000  11 GLY C O   
485 N N   . PRO C 12 ? 0.0842 0.1135 0.1057 0.0179  0.0045  0.0100  12 PRO C N   
486 C CA  . PRO C 12 ? 0.0839 0.1120 0.1107 0.0157  0.0136  0.0092  12 PRO C CA  
487 C C   . PRO C 12 ? 0.1049 0.1364 0.1441 0.0131  0.0104  0.0012  12 PRO C C   
488 O O   . PRO C 12 ? 0.0766 0.1109 0.1174 0.0127  0.0000  -0.0022 12 PRO C O   
489 C CB  . PRO C 12 ? 0.1376 0.1620 0.1507 0.0156  0.0134  0.0169  12 PRO C CB  
490 C CG  . PRO C 12 ? 0.1560 0.1811 0.1595 0.0169  0.0012  0.0193  12 PRO C CG  
491 C CD  . PRO C 12 ? 0.1211 0.1482 0.1274 0.0189  -0.0025 0.0170  12 PRO C CD  
492 N N   . LYS C 13 ? 0.0906 0.1218 0.1385 0.0112  0.0195  -0.0014 13 LYS C N   
493 C CA  . LYS C 13 ? 0.0562 0.0904 0.1162 0.0086  0.0179  -0.0089 13 LYS C CA  
494 C C   . LYS C 13 ? 0.1230 0.1571 0.1767 0.0070  0.0109  -0.0076 13 LYS C C   
495 O O   . LYS C 13 ? 0.0995 0.1304 0.1420 0.0072  0.0126  -0.0011 13 LYS C O   
496 C CB  . LYS C 13 ? 0.0909 0.1243 0.1609 0.0071  0.0299  -0.0113 13 LYS C CB  
497 C CG  . LYS C 13 ? 0.0859 0.1220 0.1685 0.0042  0.0293  -0.0188 13 LYS C CG  
498 C CD  . LYS C 13 ? 0.1194 0.1542 0.2114 0.0029  0.0409  -0.0208 13 LYS C CD  
499 C CE  . LYS C 13 ? 0.1425 0.1789 0.2465 0.0002  0.0392  -0.0288 13 LYS C CE  
500 N NZ  . LYS C 13 ? 0.1169 0.1568 0.2299 0.0007  0.0351  -0.0346 13 LYS C NZ  
501 N N   . GLY C 14 ? 0.0607 0.0986 0.1216 0.0052  0.0030  -0.0138 14 GLY C N   
502 C CA  . GLY C 14 ? 0.0862 0.1251 0.1424 0.0033  -0.0039 -0.0135 14 GLY C CA  
503 C C   . GLY C 14 ? 0.1198 0.1571 0.1781 0.0010  0.0039  -0.0138 14 GLY C C   
504 O O   . GLY C 14 ? 0.0877 0.1236 0.1537 0.0006  0.0142  -0.0153 14 GLY C O   
505 N N   . LYS C 15 ? 0.1194 0.1568 0.1709 -0.0006 -0.0014 -0.0121 15 LYS C N   
506 C CA  . LYS C 15 ? 0.1399 0.1759 0.1930 -0.0029 0.0049  -0.0126 15 LYS C CA  
507 C C   . LYS C 15 ? 0.1240 0.1635 0.1924 -0.0057 0.0061  -0.0213 15 LYS C C   
508 O O   . LYS C 15 ? 0.1166 0.1599 0.1920 -0.0064 -0.0010 -0.0268 15 LYS C O   
509 C CB  . LYS C 15 ? 0.1637 0.1996 0.2053 -0.0038 -0.0016 -0.0087 15 LYS C CB  
510 C CG  . LYS C 15 ? 0.2738 0.3070 0.3000 -0.0011 -0.0047 -0.0002 15 LYS C CG  
511 C CD  . LYS C 15 ? 0.3388 0.3669 0.3591 0.0000  0.0059  0.0062  15 LYS C CD  
512 C CE  . LYS C 15 ? 0.5073 0.5325 0.5112 0.0024  0.0020  0.0149  15 LYS C CE  
513 N NZ  . LYS C 15 ? 0.4762 0.5023 0.4719 0.0009  -0.0048 0.0168  15 LYS C NZ  
514 N N   . HYP C 16 ? 0.1267 0.1645 0.2003 -0.0075 0.0151  -0.0228 16 HYP C N   
515 C CA  . HYP C 16 ? 0.1610 0.2017 0.2488 -0.0104 0.0167  -0.0310 16 HYP C CA  
516 C C   . HYP C 16 ? 0.1419 0.1870 0.2302 -0.0131 0.0058  -0.0352 16 HYP C C   
517 O O   . HYP C 16 ? 0.1949 0.2398 0.2718 -0.0132 -0.0002 -0.0312 16 HYP C O   
518 C CB  . HYP C 16 ? 0.1719 0.2098 0.2637 -0.0116 0.0280  -0.0307 16 HYP C CB  
519 C CG  . HYP C 16 ? 0.1953 0.2285 0.2778 -0.0089 0.0349  -0.0224 16 HYP C CG  
520 C CD  . HYP C 16 ? 0.2083 0.2417 0.2769 -0.0072 0.0249  -0.0174 16 HYP C CD  
521 O OD1 . HYP C 16 ? 0.2205 0.2525 0.3089 -0.0073 0.0421  -0.0222 16 HYP C OD1 
522 N N   . GLY C 17 ? 0.1387 0.1874 0.2395 -0.0152 0.0034  -0.0429 17 GLY C N   
523 C CA  . GLY C 17 ? 0.2267 0.2780 0.3258 -0.0172 -0.0058 -0.0460 17 GLY C CA  
524 C C   . GLY C 17 ? 0.2613 0.3121 0.3584 -0.0199 -0.0032 -0.0465 17 GLY C C   
525 O O   . GLY C 17 ? 0.2031 0.2522 0.3030 -0.0205 0.0063  -0.0455 17 GLY C O   
526 N N   . PRO C 18 ? 0.3260 0.2142 0.2163 -0.0477 0.0370  -0.1013 18 PRO C N   
527 C CA  . PRO C 18 ? 0.3433 0.2357 0.2270 -0.0472 0.0325  -0.0972 18 PRO C CA  
528 C C   . PRO C 18 ? 0.3701 0.2625 0.2545 -0.0449 0.0320  -0.0958 18 PRO C C   
529 O O   . PRO C 18 ? 0.3686 0.2565 0.2593 -0.0442 0.0348  -0.0980 18 PRO C O   
530 C CB  . PRO C 18 ? 0.4595 0.3454 0.3433 -0.0510 0.0297  -0.0968 18 PRO C CB  
531 C CG  . PRO C 18 ? 0.4531 0.3292 0.3460 -0.0524 0.0327  -0.1003 18 PRO C CG  
532 C CD  . PRO C 18 ? 0.3433 0.2221 0.2392 -0.0508 0.0373  -0.1033 18 PRO C CD  
533 N N   . LYS C 19 ? 0.3388 0.2372 0.2175 -0.0435 0.0282  -0.0919 19 LYS C N   
534 C CA  . LYS C 19 ? 0.4574 0.3561 0.3362 -0.0415 0.0272  -0.0902 19 LYS C CA  
535 C C   . LYS C 19 ? 0.3511 0.2399 0.2345 -0.0438 0.0271  -0.0913 19 LYS C C   
536 O O   . LYS C 19 ? 0.4072 0.2903 0.2918 -0.0470 0.0254  -0.0915 19 LYS C O   
537 C CB  . LYS C 19 ? 0.4875 0.3941 0.3601 -0.0398 0.0227  -0.0854 19 LYS C CB  
538 C CG  . LYS C 19 ? 0.4594 0.3681 0.3314 -0.0371 0.0217  -0.0833 19 LYS C CG  
539 C CD  . LYS C 19 ? 0.4814 0.4004 0.3493 -0.0338 0.0180  -0.0788 19 LYS C CD  
540 C CE  . LYS C 19 ? 0.4449 0.3646 0.3115 -0.0330 0.0152  -0.0756 19 LYS C CE  
541 N NZ  . LYS C 19 ? 0.6098 0.5341 0.4774 -0.0291 0.0163  -0.0747 19 LYS C NZ  
542 N N   . GLY C 20 ? 0.4480 0.3347 0.3351 -0.0420 0.0287  -0.0918 20 GLY C N   
543 C CA  . GLY C 20 ? 0.3748 0.2526 0.2679 -0.0435 0.0283  -0.0922 20 GLY C CA  
544 C C   . GLY C 20 ? 0.3967 0.2733 0.2850 -0.0453 0.0232  -0.0885 20 GLY C C   
545 O O   . GLY C 20 ? 0.3720 0.2560 0.2524 -0.0448 0.0200  -0.0854 20 GLY C O   
546 N N   . LYS C 21 ? 0.3978 0.2651 0.2924 -0.0472 0.0221  -0.0884 21 LYS C N   
547 C CA  . LYS C 21 ? 0.4660 0.3313 0.3574 -0.0491 0.0168  -0.0843 21 LYS C CA  
548 C C   . LYS C 21 ? 0.4549 0.3238 0.3445 -0.0465 0.0157  -0.0816 21 LYS C C   
549 O O   . LYS C 21 ? 0.4301 0.2981 0.3229 -0.0443 0.0196  -0.0843 21 LYS C O   
550 C CB  . LYS C 21 ? 0.4655 0.3258 0.3707 -0.0493 0.0145  -0.0808 21 LYS C CB  
551 C CG  . LYS C 21 ? 0.4816 0.3382 0.3996 -0.0465 0.0170  -0.0810 21 LYS C CG  
552 C CD  . LYS C 21 ? 0.6253 0.4801 0.5541 -0.0457 0.0124  -0.0748 21 LYS C CD  
553 C CE  . LYS C 21 ? 0.7278 0.5784 0.6618 -0.0479 0.0104  -0.0737 21 LYS C CE  
554 N NZ  . LYS C 21 ? 0.7114 0.5566 0.6605 -0.0464 0.0100  -0.0715 21 LYS C NZ  
555 N N   . HYP C 22 ? 0.3854 0.2585 0.2698 -0.0468 0.0103  -0.0765 22 HYP C N   
556 C CA  . HYP C 22 ? 0.3918 0.2687 0.2737 -0.0445 0.0090  -0.0738 22 HYP C CA  
557 C C   . HYP C 22 ? 0.3868 0.2607 0.2827 -0.0419 0.0095  -0.0715 22 HYP C C   
558 O O   . HYP C 22 ? 0.4386 0.3081 0.3461 -0.0422 0.0089  -0.0700 22 HYP C O   
559 C CB  . HYP C 22 ? 0.5227 0.4046 0.3976 -0.0455 0.0025  -0.0685 22 HYP C CB  
560 C CG  . HYP C 22 ? 0.4853 0.3674 0.3541 -0.0487 0.0011  -0.0697 22 HYP C CG  
561 C CD  . HYP C 22 ? 0.4598 0.3354 0.3396 -0.0492 0.0049  -0.0728 22 HYP C CD  
562 O OD1 . HYP C 22 ? 0.4782 0.3716 0.3426 -0.0462 0.0021  -0.0692 22 HYP C OD1 
563 N N   . GLY C 23 ? 0.4373 0.3132 0.3316 -0.0396 0.0109  -0.0715 23 GLY C N   
564 C CA  . GLY C 23 ? 0.4945 0.3683 0.4009 -0.0373 0.0117  -0.0697 23 GLY C CA  
565 C C   . GLY C 23 ? 0.3726 0.2470 0.2870 -0.0369 0.0062  -0.0630 23 GLY C C   
566 O O   . GLY C 23 ? 0.3757 0.2529 0.2851 -0.0384 0.0013  -0.0592 23 GLY C O   
567 N N   . LYS C 24 ? 0.4332 0.3049 0.3604 -0.0349 0.0070  -0.0617 24 LYS C N   
568 C CA  . LYS C 24 ? 0.4366 0.3088 0.3725 -0.0342 0.0020  -0.0555 24 LYS C CA  
569 C C   . LYS C 24 ? 0.4550 0.3329 0.3846 -0.0334 -0.0014 -0.0511 24 LYS C C   
570 O O   . LYS C 24 ? 0.4227 0.3029 0.3468 -0.0321 0.0011  -0.0530 24 LYS C O   
571 C CB  . LYS C 24 ? 0.4038 0.2719 0.3544 -0.0321 0.0041  -0.0556 24 LYS C CB  
572 N N   . HYP C 25 ? 0.4323 0.3128 0.3627 -0.0342 -0.0072 -0.0454 25 HYP C N   
573 C CA  . HYP C 25 ? 0.3446 0.2310 0.2702 -0.0334 -0.0111 -0.0408 25 HYP C CA  
574 C C   . HYP C 25 ? 0.3276 0.2144 0.2611 -0.0304 -0.0096 -0.0396 25 HYP C C   
575 O O   . HYP C 25 ? 0.3949 0.2777 0.3407 -0.0292 -0.0078 -0.0400 25 HYP C O   
576 C CB  . HYP C 25 ? 0.4661 0.3544 0.3938 -0.0348 -0.0175 -0.0350 25 HYP C CB  
577 C CG  . HYP C 25 ? 0.3657 0.2500 0.2937 -0.0374 -0.0173 -0.0371 25 HYP C CG  
578 C CD  . HYP C 25 ? 0.4659 0.3446 0.4004 -0.0362 -0.0111 -0.0426 25 HYP C CD  
579 O OD1 . HYP C 25 ? 0.4630 0.3498 0.3781 -0.0397 -0.0182 -0.0388 25 HYP C OD1 
580 N N   . GLY C 26 ? 0.3108 0.2023 0.2370 -0.0295 -0.0102 -0.0383 26 GLY C N   
581 C CA  . GLY C 26 ? 0.2969 0.1891 0.2291 -0.0269 -0.0089 -0.0372 26 GLY C CA  
582 C C   . GLY C 26 ? 0.3294 0.2227 0.2733 -0.0260 -0.0131 -0.0312 26 GLY C C   
583 O O   . GLY C 26 ? 0.3046 0.1996 0.2489 -0.0274 -0.0180 -0.0270 26 GLY C O   
584 N N   . LYS C 27 ? 0.2975 0.1900 0.2508 -0.0237 -0.0110 -0.0310 27 LYS C N   
585 C CA  . LYS C 27 ? 0.3649 0.2588 0.3291 -0.0224 -0.0147 -0.0255 27 LYS C CA  
586 C C   . LYS C 27 ? 0.3258 0.2263 0.2840 -0.0224 -0.0191 -0.0205 27 LYS C C   
587 O O   . LYS C 27 ? 0.2827 0.1862 0.2293 -0.0226 -0.0183 -0.0219 27 LYS C O   
588 C CB  . LYS C 27 ? 0.4156 0.3074 0.3907 -0.0199 -0.0111 -0.0271 27 LYS C CB  
589 N N   . HYP C 28 ? 0.2979 0.2006 0.2637 -0.0220 -0.0238 -0.0148 28 HYP C N   
590 C CA  . HYP C 28 ? 0.3261 0.2354 0.2875 -0.0219 -0.0283 -0.0097 28 HYP C CA  
591 C C   . HYP C 28 ? 0.3067 0.2191 0.2663 -0.0198 -0.0259 -0.0101 28 HYP C C   
592 O O   . HYP C 28 ? 0.2626 0.1724 0.2301 -0.0179 -0.0220 -0.0122 28 HYP C O   
593 C CB  . HYP C 28 ? 0.3018 0.2125 0.2741 -0.0217 -0.0333 -0.0037 28 HYP C CB  
594 C CG  . HYP C 28 ? 0.3174 0.2220 0.2955 -0.0228 -0.0328 -0.0053 28 HYP C CG  
595 C CD  . HYP C 28 ? 0.3690 0.2688 0.3473 -0.0218 -0.0261 -0.0120 28 HYP C CD  
596 O OD1 . HYP C 28 ? 0.4030 0.3077 0.3732 -0.0256 -0.0354 -0.0052 28 HYP C OD1 
597 N N   . GLY C 29 ? 0.2187 0.1361 0.1677 -0.0202 -0.0280 -0.0082 29 GLY C N   
598 C CA  . GLY C 29 ? 0.2465 0.1669 0.1929 -0.0185 -0.0262 -0.0083 29 GLY C CA  
599 C C   . GLY C 29 ? 0.2013 0.1242 0.1596 -0.0166 -0.0279 -0.0039 29 GLY C C   
600 O O   . GLY C 29 ? 0.1946 0.1184 0.1613 -0.0167 -0.0318 0.0004  29 GLY C O   
601 N N   . LYS C 30 ? 0.1947 0.1188 0.1535 -0.0149 -0.0248 -0.0051 30 LYS C N   
602 C CA  . LYS C 30 ? 0.1944 0.1214 0.1638 -0.0130 -0.0259 -0.0014 30 LYS C CA  
603 C C   . LYS C 30 ? 0.1875 0.1214 0.1524 -0.0131 -0.0307 0.0041  30 LYS C C   
604 O O   . LYS C 30 ? 0.1811 0.1173 0.1335 -0.0139 -0.0311 0.0037  30 LYS C O   
605 C CB  . LYS C 30 ? 0.2789 0.2045 0.2500 -0.0112 -0.0203 -0.0051 30 LYS C CB  
606 C CG  . LYS C 30 ? 0.3192 0.2385 0.2954 -0.0109 -0.0152 -0.0108 30 LYS C CG  
607 C CD  . LYS C 30 ? 0.3392 0.2582 0.3190 -0.0091 -0.0104 -0.0136 30 LYS C CD  
608 C CE  . LYS C 30 ? 0.3440 0.2569 0.3272 -0.0088 -0.0050 -0.0197 30 LYS C CE  
609 N NZ  . LYS C 30 ? 0.3887 0.2996 0.3588 -0.0102 -0.0020 -0.0244 30 LYS C NZ  
610 N N   . HYP C 31 ? 0.2034 0.1403 0.1787 -0.0122 -0.0344 0.0093  31 HYP C N   
611 C CA  . HYP C 31 ? 0.1705 0.1145 0.1434 -0.0120 -0.0388 0.0147  31 HYP C CA  
612 C C   . HYP C 31 ? 0.2039 0.1505 0.1713 -0.0108 -0.0356 0.0133  31 HYP C C   
613 O O   . HYP C 31 ? 0.1836 0.1349 0.1419 -0.0113 -0.0380 0.0155  31 HYP C O   
614 C CB  . HYP C 31 ? 0.1693 0.1157 0.1563 -0.0109 -0.0421 0.0198  31 HYP C CB  
615 C CG  . HYP C 31 ? 0.1725 0.1134 0.1661 -0.0117 -0.0422 0.0185  31 HYP C CG  
616 C CD  . HYP C 31 ? 0.1867 0.1216 0.1760 -0.0117 -0.0359 0.0114  31 HYP C CD  
617 O OD1 . HYP C 31 ? 0.1869 0.1284 0.1761 -0.0139 -0.0466 0.0207  31 HYP C OD1 
618 N N   . GLY C 32 ? 0.2047 0.1480 0.1775 -0.0093 -0.0304 0.0096  32 GLY C N   
619 C CA  . GLY C 32 ? 0.1883 0.1332 0.1566 -0.0082 -0.0270 0.0080  32 GLY C CA  
620 C C   . GLY C 32 ? 0.2273 0.1781 0.2031 -0.0067 -0.0291 0.0127  32 GLY C C   
621 O O   . GLY C 32 ? 0.2186 0.1708 0.1921 -0.0058 -0.0264 0.0118  32 GLY C O   
622 O OXT . GLY C 32 ? 0.2360 0.1899 0.2199 -0.0065 -0.0336 0.0176  32 GLY C OXT 
# 
loop_
_pdbx_poly_seq_scheme.asym_id 
_pdbx_poly_seq_scheme.entity_id 
_pdbx_poly_seq_scheme.seq_id 
_pdbx_poly_seq_scheme.mon_id 
_pdbx_poly_seq_scheme.ndb_seq_num 
_pdbx_poly_seq_scheme.pdb_seq_num 
_pdbx_poly_seq_scheme.auth_seq_num 
_pdbx_poly_seq_scheme.pdb_mon_id 
_pdbx_poly_seq_scheme.auth_mon_id 
_pdbx_poly_seq_scheme.pdb_strand_id 
_pdbx_poly_seq_scheme.pdb_ins_code 
_pdbx_poly_seq_scheme.hetero 
A 1 1  GLY 1  2  2  GLY GLY A . n 
A 1 2  PRO 2  3  3  PRO PRO A . n 
A 1 3  LYS 3  4  4  LYS LYS A . n 
A 1 4  GLY 4  5  5  GLY GLY A . n 
A 1 5  PRO 5  6  6  PRO PRO A . n 
A 1 6  LYS 6  7  7  LYS LYS A . n 
A 1 7  GLY 7  8  8  GLY GLY A . n 
A 1 8  PRO 8  9  9  PRO PRO A . n 
A 1 9  LYS 9  10 10 LYS LYS A . n 
A 1 10 GLY 10 11 11 GLY GLY A . n 
A 1 11 LYS 11 12 12 LYS LYS A . n 
A 1 12 HYP 12 13 13 HYP HYP A . n 
A 1 13 GLY 13 14 14 GLY GLY A . n 
A 1 14 PRO 14 15 15 PRO PRO A . n 
A 1 15 GLU 15 16 16 GLU GLU A . n 
A 1 16 GLY 16 17 17 GLY GLY A . n 
A 1 17 GLU 17 18 18 GLU GLU A . n 
A 1 18 HYP 18 19 19 HYP HYP A . n 
A 1 19 GLY 19 20 20 GLY GLY A . n 
A 1 20 GLU 20 21 21 GLU GLU A . n 
A 1 21 HYP 21 22 22 HYP HYP A . n 
A 1 22 GLY 22 23 23 GLY GLY A . n 
A 1 23 GLU 23 24 24 GLU GLU A . n 
A 1 24 HYP 24 25 25 HYP HYP A . n 
A 1 25 GLY 25 26 26 GLY GLY A . n 
A 1 26 PRO 26 27 27 PRO PRO A . n 
A 1 27 LYS 27 28 28 LYS LYS A . n 
A 1 28 GLY 28 29 29 GLY GLY A . n 
A 1 29 PRO 29 30 30 PRO PRO A . n 
A 1 30 LYS 30 31 31 LYS LYS A . n 
A 1 31 GLY 31 32 32 GLY GLY A . n 
B 2 1  GLY 1  2  2  GLY GLY B . n 
B 2 2  PRO 2  3  3  PRO PRO B . n 
B 2 3  ASP 3  4  4  ASP ASP B . n 
B 2 4  GLY 4  5  5  GLY GLY B . n 
B 2 5  ASP 5  6  6  ASP ASP B . n 
B 2 6  HYP 6  7  7  HYP HYP B . n 
B 2 7  GLY 7  8  8  GLY GLY B . n 
B 2 8  ASP 8  9  9  ASP ASP B . n 
B 2 9  HYP 9  10 10 HYP HYP B . n 
B 2 10 GLY 10 11 11 GLY GLY B . n 
B 2 11 ASP 11 12 12 ASP ASP B . n 
B 2 12 HYP 12 13 13 HYP HYP B . n 
B 2 13 GLY 13 14 14 GLY GLY B . n 
B 2 14 PRO 14 15 15 PRO PRO B . n 
B 2 15 ASP 15 16 16 ASP ASP B . n 
B 2 16 GLY 16 17 17 GLY GLY B . n 
B 2 17 ARG 17 18 18 ARG ARG B . n 
B 2 18 HYP 18 19 19 HYP HYP B . n 
B 2 19 GLY 19 20 20 GLY GLY B . n 
B 2 20 PRO 20 21 21 PRO PRO B . n 
B 2 21 ASP 21 22 22 ASP ASP B . n 
B 2 22 GLY 22 23 23 GLY GLY B . n 
B 2 23 PRO 23 24 24 PRO PRO B . n 
B 2 24 ASP 24 25 25 ASP ASP B . n 
B 2 25 GLY 25 26 26 GLY GLY B . n 
B 2 26 PRO 26 27 27 PRO PRO B . n 
B 2 27 ALA 27 28 28 ALA ALA B . n 
B 2 28 GLY 28 29 29 GLY GLY B . n 
B 2 29 ASP 29 30 30 ASP ASP B . n 
B 2 30 HYP 30 31 31 HYP HYP B . n 
B 2 31 GLY 31 32 32 GLY GLY B . n 
C 3 1  TYR 1  1  1  TYR TYR C . n 
C 3 2  GLY 2  2  2  GLY GLY C . n 
C 3 3  LYS 3  3  3  LYS LYS C . n 
C 3 4  HYP 4  4  4  HYP HYP C . n 
C 3 5  GLY 5  5  5  GLY GLY C . n 
C 3 6  PRO 6  6  6  PRO PRO C . n 
C 3 7  ASP 7  7  7  ASP ASP C . n 
C 3 8  GLY 8  8  8  GLY GLY C . n 
C 3 9  PRO 9  9  9  PRO PRO C . n 
C 3 10 ASP 10 10 10 ASP ASP C . n 
C 3 11 GLY 11 11 11 GLY GLY C . n 
C 3 12 PRO 12 12 12 PRO PRO C . n 
C 3 13 LYS 13 13 13 LYS LYS C . n 
C 3 14 GLY 14 14 14 GLY GLY C . n 
C 3 15 LYS 15 15 15 LYS LYS C . n 
C 3 16 HYP 16 16 16 HYP HYP C . n 
C 3 17 GLY 17 17 17 GLY GLY C . n 
C 3 18 PRO 18 18 18 PRO PRO C . n 
C 3 19 LYS 19 19 19 LYS LYS C . n 
C 3 20 GLY 20 20 20 GLY GLY C . n 
C 3 21 LYS 21 21 21 LYS LYS C . n 
C 3 22 HYP 22 22 22 HYP HYP C . n 
C 3 23 GLY 23 23 23 GLY GLY C . n 
C 3 24 LYS 24 24 24 LYS ALA C . n 
C 3 25 HYP 25 25 25 HYP HYP C . n 
C 3 26 GLY 26 26 26 GLY GLY C . n 
C 3 27 LYS 27 27 27 LYS ALA C . n 
C 3 28 HYP 28 28 28 HYP HYP C . n 
C 3 29 GLY 29 29 29 GLY GLY C . n 
C 3 30 LYS 30 30 30 LYS LYS C . n 
C 3 31 HYP 31 31 31 HYP HYP C . n 
C 3 32 GLY 32 32 32 GLY GLY C . n 
# 
_pdbx_contact_author.id                 2 
_pdbx_contact_author.email              feixu@jiangnan.edu.cn 
_pdbx_contact_author.name_first         Fei 
_pdbx_contact_author.name_last          Xu 
_pdbx_contact_author.name_mi            ? 
_pdbx_contact_author.role               'principal investigator/group leader' 
_pdbx_contact_author.identifier_ORCID   0000-0003-1077-0431 
# 
loop_
_pdbx_nonpoly_scheme.asym_id 
_pdbx_nonpoly_scheme.entity_id 
_pdbx_nonpoly_scheme.mon_id 
_pdbx_nonpoly_scheme.ndb_seq_num 
_pdbx_nonpoly_scheme.pdb_seq_num 
_pdbx_nonpoly_scheme.auth_seq_num 
_pdbx_nonpoly_scheme.pdb_mon_id 
_pdbx_nonpoly_scheme.auth_mon_id 
_pdbx_nonpoly_scheme.pdb_strand_id 
_pdbx_nonpoly_scheme.pdb_ins_code 
D 4 HOH 1  101 9   HOH HOH A . 
D 4 HOH 2  102 25  HOH HOH A . 
D 4 HOH 3  103 76  HOH HOH A . 
D 4 HOH 4  104 64  HOH HOH A . 
D 4 HOH 5  105 39  HOH HOH A . 
D 4 HOH 6  106 93  HOH HOH A . 
D 4 HOH 7  107 106 HOH HOH A . 
D 4 HOH 8  108 40  HOH HOH A . 
D 4 HOH 9  109 151 HOH HOH A . 
D 4 HOH 10 110 128 HOH HOH A . 
D 4 HOH 11 111 34  HOH HOH A . 
D 4 HOH 12 112 35  HOH HOH A . 
D 4 HOH 13 113 62  HOH HOH A . 
D 4 HOH 14 114 47  HOH HOH A . 
D 4 HOH 15 115 133 HOH HOH A . 
D 4 HOH 16 116 66  HOH HOH A . 
D 4 HOH 17 117 81  HOH HOH A . 
D 4 HOH 18 118 63  HOH HOH A . 
D 4 HOH 19 119 123 HOH HOH A . 
D 4 HOH 20 120 5   HOH HOH A . 
D 4 HOH 21 121 130 HOH HOH A . 
D 4 HOH 22 122 38  HOH HOH A . 
D 4 HOH 23 123 65  HOH HOH A . 
D 4 HOH 24 124 125 HOH HOH A . 
D 4 HOH 25 125 147 HOH HOH A . 
D 4 HOH 26 126 22  HOH HOH A . 
D 4 HOH 27 127 82  HOH HOH A . 
D 4 HOH 28 128 138 HOH HOH A . 
D 4 HOH 29 129 127 HOH HOH A . 
E 4 HOH 1  101 83  HOH HOH B . 
E 4 HOH 2  102 122 HOH HOH B . 
E 4 HOH 3  103 78  HOH HOH B . 
E 4 HOH 4  104 110 HOH HOH B . 
E 4 HOH 5  105 30  HOH HOH B . 
E 4 HOH 6  106 29  HOH HOH B . 
E 4 HOH 7  107 111 HOH HOH B . 
E 4 HOH 8  108 57  HOH HOH B . 
E 4 HOH 9  109 55  HOH HOH B . 
E 4 HOH 10 110 91  HOH HOH B . 
E 4 HOH 11 111 2   HOH HOH B . 
E 4 HOH 12 112 150 HOH HOH B . 
E 4 HOH 13 113 117 HOH HOH B . 
E 4 HOH 14 114 115 HOH HOH B . 
E 4 HOH 15 115 16  HOH HOH B . 
E 4 HOH 16 116 51  HOH HOH B . 
E 4 HOH 17 117 136 HOH HOH B . 
E 4 HOH 18 118 21  HOH HOH B . 
E 4 HOH 19 119 28  HOH HOH B . 
E 4 HOH 20 120 17  HOH HOH B . 
E 4 HOH 21 121 6   HOH HOH B . 
E 4 HOH 22 122 36  HOH HOH B . 
E 4 HOH 23 123 74  HOH HOH B . 
E 4 HOH 24 124 53  HOH HOH B . 
E 4 HOH 25 125 12  HOH HOH B . 
E 4 HOH 26 126 11  HOH HOH B . 
E 4 HOH 27 127 13  HOH HOH B . 
E 4 HOH 28 128 19  HOH HOH B . 
E 4 HOH 29 129 79  HOH HOH B . 
E 4 HOH 30 130 73  HOH HOH B . 
E 4 HOH 31 131 37  HOH HOH B . 
E 4 HOH 32 132 70  HOH HOH B . 
E 4 HOH 33 133 44  HOH HOH B . 
E 4 HOH 34 134 8   HOH HOH B . 
E 4 HOH 35 135 15  HOH HOH B . 
E 4 HOH 36 136 41  HOH HOH B . 
E 4 HOH 37 137 49  HOH HOH B . 
E 4 HOH 38 138 97  HOH HOH B . 
E 4 HOH 39 139 99  HOH HOH B . 
E 4 HOH 40 140 61  HOH HOH B . 
E 4 HOH 41 141 50  HOH HOH B . 
E 4 HOH 42 142 148 HOH HOH B . 
E 4 HOH 43 143 132 HOH HOH B . 
E 4 HOH 44 144 120 HOH HOH B . 
E 4 HOH 45 145 142 HOH HOH B . 
E 4 HOH 46 146 137 HOH HOH B . 
E 4 HOH 47 147 42  HOH HOH B . 
E 4 HOH 48 148 121 HOH HOH B . 
E 4 HOH 49 149 118 HOH HOH B . 
E 4 HOH 50 150 131 HOH HOH B . 
E 4 HOH 51 151 89  HOH HOH B . 
E 4 HOH 52 152 69  HOH HOH B . 
E 4 HOH 53 153 134 HOH HOH B . 
E 4 HOH 54 154 109 HOH HOH B . 
E 4 HOH 55 155 27  HOH HOH B . 
E 4 HOH 56 156 124 HOH HOH B . 
E 4 HOH 57 157 143 HOH HOH B . 
E 4 HOH 58 158 126 HOH HOH B . 
E 4 HOH 59 159 10  HOH HOH B . 
E 4 HOH 60 160 113 HOH HOH B . 
F 4 HOH 1  101 144 HOH HOH C . 
F 4 HOH 2  102 26  HOH HOH C . 
F 4 HOH 3  103 152 HOH HOH C . 
F 4 HOH 4  104 135 HOH HOH C . 
F 4 HOH 5  105 56  HOH HOH C . 
F 4 HOH 6  106 96  HOH HOH C . 
F 4 HOH 7  107 24  HOH HOH C . 
F 4 HOH 8  108 68  HOH HOH C . 
F 4 HOH 9  109 1   HOH HOH C . 
F 4 HOH 10 110 87  HOH HOH C . 
F 4 HOH 11 111 75  HOH HOH C . 
F 4 HOH 12 112 3   HOH HOH C . 
F 4 HOH 13 113 18  HOH HOH C . 
F 4 HOH 14 114 33  HOH HOH C . 
F 4 HOH 15 115 90  HOH HOH C . 
F 4 HOH 16 116 80  HOH HOH C . 
F 4 HOH 17 117 48  HOH HOH C . 
F 4 HOH 18 118 32  HOH HOH C . 
F 4 HOH 19 119 105 HOH HOH C . 
F 4 HOH 20 120 86  HOH HOH C . 
F 4 HOH 21 121 4   HOH HOH C . 
F 4 HOH 22 122 104 HOH HOH C . 
F 4 HOH 23 123 23  HOH HOH C . 
F 4 HOH 24 124 52  HOH HOH C . 
F 4 HOH 25 125 101 HOH HOH C . 
F 4 HOH 26 126 20  HOH HOH C . 
F 4 HOH 27 127 84  HOH HOH C . 
F 4 HOH 28 128 7   HOH HOH C . 
F 4 HOH 29 129 114 HOH HOH C . 
F 4 HOH 30 130 43  HOH HOH C . 
F 4 HOH 31 131 92  HOH HOH C . 
F 4 HOH 32 132 141 HOH HOH C . 
F 4 HOH 33 133 67  HOH HOH C . 
F 4 HOH 34 134 77  HOH HOH C . 
F 4 HOH 35 135 58  HOH HOH C . 
F 4 HOH 36 136 45  HOH HOH C . 
F 4 HOH 37 137 116 HOH HOH C . 
F 4 HOH 38 138 103 HOH HOH C . 
F 4 HOH 39 139 71  HOH HOH C . 
F 4 HOH 40 140 94  HOH HOH C . 
F 4 HOH 41 141 119 HOH HOH C . 
F 4 HOH 42 142 112 HOH HOH C . 
F 4 HOH 43 143 149 HOH HOH C . 
F 4 HOH 44 144 14  HOH HOH C . 
F 4 HOH 45 145 107 HOH HOH C . 
F 4 HOH 46 146 140 HOH HOH C . 
F 4 HOH 47 147 31  HOH HOH C . 
F 4 HOH 48 148 139 HOH HOH C . 
F 4 HOH 49 149 98  HOH HOH C . 
F 4 HOH 50 150 88  HOH HOH C . 
F 4 HOH 51 151 72  HOH HOH C . 
F 4 HOH 52 152 102 HOH HOH C . 
F 4 HOH 53 153 100 HOH HOH C . 
F 4 HOH 54 154 60  HOH HOH C . 
F 4 HOH 55 155 59  HOH HOH C . 
F 4 HOH 56 156 46  HOH HOH C . 
F 4 HOH 57 157 108 HOH HOH C . 
F 4 HOH 58 158 54  HOH HOH C . 
F 4 HOH 59 159 129 HOH HOH C . 
# 
_pdbx_struct_assembly.id                   1 
_pdbx_struct_assembly.details              author_and_software_defined_assembly 
_pdbx_struct_assembly.method_details       PISA 
_pdbx_struct_assembly.oligomeric_details   trimeric 
_pdbx_struct_assembly.oligomeric_count     3 
# 
_pdbx_struct_assembly_gen.assembly_id       1 
_pdbx_struct_assembly_gen.oper_expression   1 
_pdbx_struct_assembly_gen.asym_id_list      A,B,C,D,E,F 
# 
loop_
_pdbx_struct_assembly_prop.biol_id 
_pdbx_struct_assembly_prop.type 
_pdbx_struct_assembly_prop.value 
_pdbx_struct_assembly_prop.details 
1 'ABSA (A^2)' 5650 ? 
1 MORE         -19  ? 
1 'SSA (A^2)'  5950 ? 
# 
_pdbx_struct_oper_list.id                   1 
_pdbx_struct_oper_list.type                 'identity operation' 
_pdbx_struct_oper_list.name                 1_555 
_pdbx_struct_oper_list.symmetry_operation   x,y,z 
_pdbx_struct_oper_list.matrix[1][1]         1.0000000000 
_pdbx_struct_oper_list.matrix[1][2]         0.0000000000 
_pdbx_struct_oper_list.matrix[1][3]         0.0000000000 
_pdbx_struct_oper_list.vector[1]            0.0000000000 
_pdbx_struct_oper_list.matrix[2][1]         0.0000000000 
_pdbx_struct_oper_list.matrix[2][2]         1.0000000000 
_pdbx_struct_oper_list.matrix[2][3]         0.0000000000 
_pdbx_struct_oper_list.vector[2]            0.0000000000 
_pdbx_struct_oper_list.matrix[3][1]         0.0000000000 
_pdbx_struct_oper_list.matrix[3][2]         0.0000000000 
_pdbx_struct_oper_list.matrix[3][3]         1.0000000000 
_pdbx_struct_oper_list.vector[3]            0.0000000000 
# 
_pdbx_struct_special_symmetry.id              1 
_pdbx_struct_special_symmetry.PDB_model_num   1 
_pdbx_struct_special_symmetry.auth_asym_id    C 
_pdbx_struct_special_symmetry.auth_comp_id    HOH 
_pdbx_struct_special_symmetry.auth_seq_id     159 
_pdbx_struct_special_symmetry.PDB_ins_code    ? 
_pdbx_struct_special_symmetry.label_asym_id   F 
_pdbx_struct_special_symmetry.label_comp_id   HOH 
_pdbx_struct_special_symmetry.label_seq_id    . 
# 
loop_
_pdbx_audit_revision_history.ordinal 
_pdbx_audit_revision_history.data_content_type 
_pdbx_audit_revision_history.major_revision 
_pdbx_audit_revision_history.minor_revision 
_pdbx_audit_revision_history.revision_date 
1 'Structure model' 1 0 2023-07-12 
2 'Structure model' 1 1 2023-07-26 
3 'Structure model' 1 2 2023-11-08 
# 
_pdbx_audit_revision_details.ordinal             1 
_pdbx_audit_revision_details.revision_ordinal    1 
_pdbx_audit_revision_details.data_content_type   'Structure model' 
_pdbx_audit_revision_details.provider            repository 
_pdbx_audit_revision_details.type                'Initial release' 
_pdbx_audit_revision_details.description         ? 
_pdbx_audit_revision_details.details             ? 
# 
loop_
_pdbx_audit_revision_group.ordinal 
_pdbx_audit_revision_group.revision_ordinal 
_pdbx_audit_revision_group.data_content_type 
_pdbx_audit_revision_group.group 
1 2 'Structure model' 'Database references'    
2 3 'Structure model' 'Data collection'        
3 3 'Structure model' 'Refinement description' 
# 
loop_
_pdbx_audit_revision_category.ordinal 
_pdbx_audit_revision_category.revision_ordinal 
_pdbx_audit_revision_category.data_content_type 
_pdbx_audit_revision_category.category 
1 2 'Structure model' citation                      
2 3 'Structure model' chem_comp_atom                
3 3 'Structure model' chem_comp_bond                
4 3 'Structure model' pdbx_initial_refinement_model 
# 
loop_
_pdbx_audit_revision_item.ordinal 
_pdbx_audit_revision_item.revision_ordinal 
_pdbx_audit_revision_item.data_content_type 
_pdbx_audit_revision_item.item 
1 2 'Structure model' '_citation.journal_volume' 
2 2 'Structure model' '_citation.page_first'     
3 2 'Structure model' '_citation.page_last'      
# 
loop_
_pdbx_refine_tls.id 
_pdbx_refine_tls.pdbx_refine_id 
_pdbx_refine_tls.details 
_pdbx_refine_tls.method 
_pdbx_refine_tls.origin_x 
_pdbx_refine_tls.origin_y 
_pdbx_refine_tls.origin_z 
_pdbx_refine_tls.T[1][1] 
_pdbx_refine_tls.T[1][1]_esd 
_pdbx_refine_tls.T[1][2] 
_pdbx_refine_tls.T[1][2]_esd 
_pdbx_refine_tls.T[1][3] 
_pdbx_refine_tls.T[1][3]_esd 
_pdbx_refine_tls.T[2][2] 
_pdbx_refine_tls.T[2][2]_esd 
_pdbx_refine_tls.T[2][3] 
_pdbx_refine_tls.T[2][3]_esd 
_pdbx_refine_tls.T[3][3] 
_pdbx_refine_tls.T[3][3]_esd 
_pdbx_refine_tls.L[1][1] 
_pdbx_refine_tls.L[1][1]_esd 
_pdbx_refine_tls.L[1][2] 
_pdbx_refine_tls.L[1][2]_esd 
_pdbx_refine_tls.L[1][3] 
_pdbx_refine_tls.L[1][3]_esd 
_pdbx_refine_tls.L[2][2] 
_pdbx_refine_tls.L[2][2]_esd 
_pdbx_refine_tls.L[2][3] 
_pdbx_refine_tls.L[2][3]_esd 
_pdbx_refine_tls.L[3][3] 
_pdbx_refine_tls.L[3][3]_esd 
_pdbx_refine_tls.S[1][1] 
_pdbx_refine_tls.S[1][1]_esd 
_pdbx_refine_tls.S[1][2] 
_pdbx_refine_tls.S[1][2]_esd 
_pdbx_refine_tls.S[1][3] 
_pdbx_refine_tls.S[1][3]_esd 
_pdbx_refine_tls.S[2][1] 
_pdbx_refine_tls.S[2][1]_esd 
_pdbx_refine_tls.S[2][2] 
_pdbx_refine_tls.S[2][2]_esd 
_pdbx_refine_tls.S[2][3] 
_pdbx_refine_tls.S[2][3]_esd 
_pdbx_refine_tls.S[3][1] 
_pdbx_refine_tls.S[3][1]_esd 
_pdbx_refine_tls.S[3][2] 
_pdbx_refine_tls.S[3][2]_esd 
_pdbx_refine_tls.S[3][3] 
_pdbx_refine_tls.S[3][3]_esd 
1 'X-RAY DIFFRACTION' ? refined -11.7288 -25.8794 -26.4338 0.2155  ? -0.0403 ? -0.0450 ? 0.1520 ? -0.0472 ? 0.2473 ? 0.0185  ? 0.0211  ? 0.0114  ? -0.0037 ? 0.0019  ? 0.0082  ? -0.0267 ? 0.1498  ? -0.2171 ? -0.1288 ? 0.0951  ? 0.1742  ? 0.0329  ? -0.3188 ? 0.0295  ? 
2 'X-RAY DIFFRACTION' ? refined -3.3281  -11.4729 -10.9552 0.0907  ? 0.0029  ? -0.0066 ? 0.0930 ? 0.0248  ? 0.0688 ? -0.0329 ? -0.0455 ? 0.0255  ? -0.0157 ? 0.0772  ? 0.0029  ? 0.1178  ? -0.0743 ? 0.0469  ? 0.3127  ? -0.1094 ? 0.1010  ? 0.2665  ? -0.1113 ? 0.0509  ? 
3 'X-RAY DIFFRACTION' ? refined 3.7757   14.6625  13.8477  0.2186  ? 0.0167  ? -0.0136 ? 0.1324 ? -0.0497 ? 0.1175 ? -0.0872 ? 0.1237  ? 0.0374  ? -0.1179 ? 0.0017  ? 0.1133  ? -0.0779 ? 0.0448  ? -0.0147 ? -0.2692 ? 0.0882  ? 0.0323  ? -0.3531 ? -0.0904 ? 0.1219  ? 
4 'X-RAY DIFFRACTION' ? refined -8.8414  -15.3404 -18.0601 0.0705  ? -0.0041 ? 0.0003  ? 0.0712 ? 0.0045  ? 0.0958 ? 0.5624  ? 0.0412  ? 0.0450  ? 0.1934  ? 0.0591  ? 0.0717  ? 0.2032  ? 0.1295  ? -0.2672 ? 0.0525  ? 0.0698  ? 0.0940  ? -0.0921 ? -0.2197 ? -0.0876 ? 
5 'X-RAY DIFFRACTION' ? refined 6.1828   11.5295  12.7036  0.2065  ? -0.0120 ? -0.0185 ? 0.1734 ? -0.0527 ? 0.1656 ? -0.4254 ? 0.1892  ? 0.0796  ? -0.3056 ? 0.1829  ? 0.0555  ? -0.0371 ? 0.1247  ? -0.1043 ? 0.0027  ? 0.0443  ? -0.1440 ? -0.0661 ? 0.1514  ? -0.1918 ? 
6 'X-RAY DIFFRACTION' ? refined -5.7241  -23.8611 -25.5171 -0.0749 ? 0.1003  ? -0.0922 ? 0.1215 ? -0.0440 ? 0.2657 ? 0.0069  ? -0.0104 ? -0.0138 ? 0.0120  ? 0.0052  ? 0.0381  ? -0.1585 ? 0.3733  ? -1.0893 ? -0.2940 ? 0.2039  ? 0.0532  ? 0.4728  ? -0.3457 ? 0.0900  ? 
7 'X-RAY DIFFRACTION' ? refined -4.7373  -4.6923  -8.9253  0.0548  ? 0.0143  ? 0.0060  ? 0.0893 ? -0.0037 ? 0.1011 ? 0.2905  ? 0.1304  ? 0.0694  ? 0.0754  ? -0.0524 ? -0.0019 ? 0.1676  ? 0.0124  ? 0.1222  ? -0.0249 ? 0.1381  ? -0.2779 ? -0.0278 ? 0.1006  ? -0.2332 ? 
8 'X-RAY DIFFRACTION' ? refined 8.1086   14.7211  20.0668  0.2488  ? -0.0318 ? -0.0067 ? 0.1355 ? -0.0443 ? 0.1709 ? 0.0462  ? 0.0131  ? -0.0064 ? -0.0892 ? 0.1208  ? 0.1765  ? 0.0033  ? 0.0572  ? -0.2501 ? -0.0617 ? 0.1119  ? -0.1751 ? 0.1077  ? 0.0146  ? 0.0385  ? 
# 
loop_
_pdbx_refine_tls_group.id 
_pdbx_refine_tls_group.pdbx_refine_id 
_pdbx_refine_tls_group.refine_tls_id 
_pdbx_refine_tls_group.beg_label_asym_id 
_pdbx_refine_tls_group.beg_label_seq_id 
_pdbx_refine_tls_group.beg_auth_asym_id 
_pdbx_refine_tls_group.beg_auth_seq_id 
_pdbx_refine_tls_group.beg_PDB_ins_code 
_pdbx_refine_tls_group.end_label_asym_id 
_pdbx_refine_tls_group.end_label_seq_id 
_pdbx_refine_tls_group.end_auth_asym_id 
_pdbx_refine_tls_group.end_auth_seq_id 
_pdbx_refine_tls_group.end_PDB_ins_code 
_pdbx_refine_tls_group.selection 
_pdbx_refine_tls_group.selection_details 
1 'X-RAY DIFFRACTION' 1 ? ? A 2  ? ? ? A 6  ? ? 
;chain 'A' and (resid 2 through 6 )
;
2 'X-RAY DIFFRACTION' 2 ? ? A 7  ? ? ? A 17 ? ? 
;chain 'A' and (resid 7 through 17 )
;
3 'X-RAY DIFFRACTION' 3 ? ? A 18 ? ? ? A 32 ? ? 
;chain 'A' and (resid 18 through 32 )
;
4 'X-RAY DIFFRACTION' 4 ? ? B 2  ? ? ? B 14 ? ? 
;chain 'B' and (resid 2 through 14 )
;
5 'X-RAY DIFFRACTION' 5 ? ? B 15 ? ? ? B 32 ? ? 
;chain 'B' and (resid 15 through 32 )
;
6 'X-RAY DIFFRACTION' 6 ? ? C 1  ? ? ? C 6  ? ? 
;chain 'C' and (resid 1 through 6 )
;
7 'X-RAY DIFFRACTION' 7 ? ? C 7  ? ? ? C 17 ? ? 
;chain 'C' and (resid 7 through 17 )
;
8 'X-RAY DIFFRACTION' 8 ? ? C 18 ? ? ? C 32 ? ? 
;chain 'C' and (resid 18 through 32 )
;
# 
_phasing.method   MR 
# 
loop_
_software.citation_id 
_software.classification 
_software.compiler_name 
_software.compiler_version 
_software.contact_author 
_software.contact_author_email 
_software.date 
_software.description 
_software.dependencies 
_software.hardware 
_software.language 
_software.location 
_software.mods 
_software.name 
_software.os 
_software.os_version 
_software.type 
_software.version 
_software.pdbx_ordinal 
? 'data reduction'  ? ? 'Zbyszek Otwinowski' hkl@hkl-xray.com            ?               ? ? ? ?   http://www.hkl-xray.com/ ? 
HKL-2000    ? ? package .           1 
? 'data scaling'    ? ? 'Zbyszek Otwinowski' hkl@hkl-xray.com            ?               ? ? ? ?   http://www.hkl-xray.com/ ? 
HKL-2000    ? ? package .           2 
? phasing           ? ? 'Randy J. Read'      cimr-phaser@lists.cam.ac.uk ?               ? ? ? ?   
http://www-structmed.cimr.cam.ac.uk/phaser/ ? PHASER      ? ? program .           3 
? refinement        ? ? 'Paul D. Adams'      PDAdams@lbl.gov             ?               ? ? ? C++ http://www.phenix-online.org/ ? 
PHENIX      ? ? package 1.20.1_4487 4 
? 'data extraction' ? ? PDB                  deposit@deposit.rcsb.org    'Oct. 31, 2020' ? ? ? C++ 
http://sw-tools.pdb.org/apps/PDB_EXTRACT/   ? PDB_EXTRACT ? ? package 3.27        5 
# 
_pdbx_entry_details.entry_id                 8H0F 
_pdbx_entry_details.has_ligand_of_interest   Y 
_pdbx_entry_details.compound_details         ? 
_pdbx_entry_details.source_details           ? 
_pdbx_entry_details.nonpolymer_details       ? 
_pdbx_entry_details.sequence_details         ? 
# 
_pdbx_validate_close_contact.id               1 
_pdbx_validate_close_contact.PDB_model_num    1 
_pdbx_validate_close_contact.auth_atom_id_1   O 
_pdbx_validate_close_contact.auth_asym_id_1   C 
_pdbx_validate_close_contact.auth_comp_id_1   HOH 
_pdbx_validate_close_contact.auth_seq_id_1    137 
_pdbx_validate_close_contact.PDB_ins_code_1   ? 
_pdbx_validate_close_contact.label_alt_id_1   ? 
_pdbx_validate_close_contact.auth_atom_id_2   O 
_pdbx_validate_close_contact.auth_asym_id_2   C 
_pdbx_validate_close_contact.auth_comp_id_2   HOH 
_pdbx_validate_close_contact.auth_seq_id_2    148 
_pdbx_validate_close_contact.PDB_ins_code_2   ? 
_pdbx_validate_close_contact.label_alt_id_2   ? 
_pdbx_validate_close_contact.dist             2.15 
# 
_pdbx_validate_symm_contact.id                1 
_pdbx_validate_symm_contact.PDB_model_num     1 
_pdbx_validate_symm_contact.auth_atom_id_1    O 
_pdbx_validate_symm_contact.auth_asym_id_1    B 
_pdbx_validate_symm_contact.auth_comp_id_1    HOH 
_pdbx_validate_symm_contact.auth_seq_id_1     156 
_pdbx_validate_symm_contact.PDB_ins_code_1    ? 
_pdbx_validate_symm_contact.label_alt_id_1    ? 
_pdbx_validate_symm_contact.site_symmetry_1   1_555 
_pdbx_validate_symm_contact.auth_atom_id_2    O 
_pdbx_validate_symm_contact.auth_asym_id_2    C 
_pdbx_validate_symm_contact.auth_comp_id_2    HOH 
_pdbx_validate_symm_contact.auth_seq_id_2     140 
_pdbx_validate_symm_contact.PDB_ins_code_2    ? 
_pdbx_validate_symm_contact.label_alt_id_2    ? 
_pdbx_validate_symm_contact.site_symmetry_2   2_556 
_pdbx_validate_symm_contact.dist              2.12 
# 
loop_
_pdbx_distant_solvent_atoms.id 
_pdbx_distant_solvent_atoms.PDB_model_num 
_pdbx_distant_solvent_atoms.auth_atom_id 
_pdbx_distant_solvent_atoms.label_alt_id 
_pdbx_distant_solvent_atoms.auth_asym_id 
_pdbx_distant_solvent_atoms.auth_comp_id 
_pdbx_distant_solvent_atoms.auth_seq_id 
_pdbx_distant_solvent_atoms.PDB_ins_code 
_pdbx_distant_solvent_atoms.neighbor_macromolecule_distance 
_pdbx_distant_solvent_atoms.neighbor_ligand_distance 
1 1 O ? C HOH 158 ? 6.80 . 
2 1 O ? C HOH 159 ? 7.39 . 
# 
loop_
_pdbx_unobs_or_zero_occ_atoms.id 
_pdbx_unobs_or_zero_occ_atoms.PDB_model_num 
_pdbx_unobs_or_zero_occ_atoms.polymer_flag 
_pdbx_unobs_or_zero_occ_atoms.occupancy_flag 
_pdbx_unobs_or_zero_occ_atoms.auth_asym_id 
_pdbx_unobs_or_zero_occ_atoms.auth_comp_id 
_pdbx_unobs_or_zero_occ_atoms.auth_seq_id 
_pdbx_unobs_or_zero_occ_atoms.PDB_ins_code 
_pdbx_unobs_or_zero_occ_atoms.auth_atom_id 
_pdbx_unobs_or_zero_occ_atoms.label_alt_id 
_pdbx_unobs_or_zero_occ_atoms.label_asym_id 
_pdbx_unobs_or_zero_occ_atoms.label_comp_id 
_pdbx_unobs_or_zero_occ_atoms.label_seq_id 
_pdbx_unobs_or_zero_occ_atoms.label_atom_id 
1 1 Y 1 C LYS 24 ? CG ? C LYS 24 CG 
2 1 Y 1 C LYS 24 ? CD ? C LYS 24 CD 
3 1 Y 1 C LYS 24 ? CE ? C LYS 24 CE 
4 1 Y 1 C LYS 24 ? NZ ? C LYS 24 NZ 
5 1 Y 1 C LYS 27 ? CG ? C LYS 27 CG 
6 1 Y 1 C LYS 27 ? CD ? C LYS 27 CD 
7 1 Y 1 C LYS 27 ? CE ? C LYS 27 CE 
8 1 Y 1 C LYS 27 ? NZ ? C LYS 27 NZ 
# 
loop_
_chem_comp_atom.comp_id 
_chem_comp_atom.atom_id 
_chem_comp_atom.type_symbol 
_chem_comp_atom.pdbx_aromatic_flag 
_chem_comp_atom.pdbx_stereo_config 
_chem_comp_atom.pdbx_ordinal 
ALA N    N N N 1   
ALA CA   C N S 2   
ALA C    C N N 3   
ALA O    O N N 4   
ALA CB   C N N 5   
ALA OXT  O N N 6   
ALA H    H N N 7   
ALA H2   H N N 8   
ALA HA   H N N 9   
ALA HB1  H N N 10  
ALA HB2  H N N 11  
ALA HB3  H N N 12  
ALA HXT  H N N 13  
ARG N    N N N 14  
ARG CA   C N S 15  
ARG C    C N N 16  
ARG O    O N N 17  
ARG CB   C N N 18  
ARG CG   C N N 19  
ARG CD   C N N 20  
ARG NE   N N N 21  
ARG CZ   C N N 22  
ARG NH1  N N N 23  
ARG NH2  N N N 24  
ARG OXT  O N N 25  
ARG H    H N N 26  
ARG H2   H N N 27  
ARG HA   H N N 28  
ARG HB2  H N N 29  
ARG HB3  H N N 30  
ARG HG2  H N N 31  
ARG HG3  H N N 32  
ARG HD2  H N N 33  
ARG HD3  H N N 34  
ARG HE   H N N 35  
ARG HH11 H N N 36  
ARG HH12 H N N 37  
ARG HH21 H N N 38  
ARG HH22 H N N 39  
ARG HXT  H N N 40  
ASP N    N N N 41  
ASP CA   C N S 42  
ASP C    C N N 43  
ASP O    O N N 44  
ASP CB   C N N 45  
ASP CG   C N N 46  
ASP OD1  O N N 47  
ASP OD2  O N N 48  
ASP OXT  O N N 49  
ASP H    H N N 50  
ASP H2   H N N 51  
ASP HA   H N N 52  
ASP HB2  H N N 53  
ASP HB3  H N N 54  
ASP HD2  H N N 55  
ASP HXT  H N N 56  
GLU N    N N N 57  
GLU CA   C N S 58  
GLU C    C N N 59  
GLU O    O N N 60  
GLU CB   C N N 61  
GLU CG   C N N 62  
GLU CD   C N N 63  
GLU OE1  O N N 64  
GLU OE2  O N N 65  
GLU OXT  O N N 66  
GLU H    H N N 67  
GLU H2   H N N 68  
GLU HA   H N N 69  
GLU HB2  H N N 70  
GLU HB3  H N N 71  
GLU HG2  H N N 72  
GLU HG3  H N N 73  
GLU HE2  H N N 74  
GLU HXT  H N N 75  
GLY N    N N N 76  
GLY CA   C N N 77  
GLY C    C N N 78  
GLY O    O N N 79  
GLY OXT  O N N 80  
GLY H    H N N 81  
GLY H2   H N N 82  
GLY HA2  H N N 83  
GLY HA3  H N N 84  
GLY HXT  H N N 85  
HOH O    O N N 86  
HOH H1   H N N 87  
HOH H2   H N N 88  
HYP N    N N N 89  
HYP CA   C N S 90  
HYP C    C N N 91  
HYP O    O N N 92  
HYP CB   C N N 93  
HYP CG   C N R 94  
HYP CD   C N N 95  
HYP OD1  O N N 96  
HYP OXT  O N N 97  
HYP H    H N N 98  
HYP HA   H N N 99  
HYP HB2  H N N 100 
HYP HB3  H N N 101 
HYP HG   H N N 102 
HYP HD22 H N N 103 
HYP HD23 H N N 104 
HYP HD1  H N N 105 
HYP HXT  H N N 106 
LYS N    N N N 107 
LYS CA   C N S 108 
LYS C    C N N 109 
LYS O    O N N 110 
LYS CB   C N N 111 
LYS CG   C N N 112 
LYS CD   C N N 113 
LYS CE   C N N 114 
LYS NZ   N N N 115 
LYS OXT  O N N 116 
LYS H    H N N 117 
LYS H2   H N N 118 
LYS HA   H N N 119 
LYS HB2  H N N 120 
LYS HB3  H N N 121 
LYS HG2  H N N 122 
LYS HG3  H N N 123 
LYS HD2  H N N 124 
LYS HD3  H N N 125 
LYS HE2  H N N 126 
LYS HE3  H N N 127 
LYS HZ1  H N N 128 
LYS HZ2  H N N 129 
LYS HZ3  H N N 130 
LYS HXT  H N N 131 
PRO N    N N N 132 
PRO CA   C N S 133 
PRO C    C N N 134 
PRO O    O N N 135 
PRO CB   C N N 136 
PRO CG   C N N 137 
PRO CD   C N N 138 
PRO OXT  O N N 139 
PRO H    H N N 140 
PRO HA   H N N 141 
PRO HB2  H N N 142 
PRO HB3  H N N 143 
PRO HG2  H N N 144 
PRO HG3  H N N 145 
PRO HD2  H N N 146 
PRO HD3  H N N 147 
PRO HXT  H N N 148 
TYR N    N N N 149 
TYR CA   C N S 150 
TYR C    C N N 151 
TYR O    O N N 152 
TYR CB   C N N 153 
TYR CG   C Y N 154 
TYR CD1  C Y N 155 
TYR CD2  C Y N 156 
TYR CE1  C Y N 157 
TYR CE2  C Y N 158 
TYR CZ   C Y N 159 
TYR OH   O N N 160 
TYR OXT  O N N 161 
TYR H    H N N 162 
TYR H2   H N N 163 
TYR HA   H N N 164 
TYR HB2  H N N 165 
TYR HB3  H N N 166 
TYR HD1  H N N 167 
TYR HD2  H N N 168 
TYR HE1  H N N 169 
TYR HE2  H N N 170 
TYR HH   H N N 171 
TYR HXT  H N N 172 
# 
loop_
_chem_comp_bond.comp_id 
_chem_comp_bond.atom_id_1 
_chem_comp_bond.atom_id_2 
_chem_comp_bond.value_order 
_chem_comp_bond.pdbx_aromatic_flag 
_chem_comp_bond.pdbx_stereo_config 
_chem_comp_bond.pdbx_ordinal 
ALA N   CA   sing N N 1   
ALA N   H    sing N N 2   
ALA N   H2   sing N N 3   
ALA CA  C    sing N N 4   
ALA CA  CB   sing N N 5   
ALA CA  HA   sing N N 6   
ALA C   O    doub N N 7   
ALA C   OXT  sing N N 8   
ALA CB  HB1  sing N N 9   
ALA CB  HB2  sing N N 10  
ALA CB  HB3  sing N N 11  
ALA OXT HXT  sing N N 12  
ARG N   CA   sing N N 13  
ARG N   H    sing N N 14  
ARG N   H2   sing N N 15  
ARG CA  C    sing N N 16  
ARG CA  CB   sing N N 17  
ARG CA  HA   sing N N 18  
ARG C   O    doub N N 19  
ARG C   OXT  sing N N 20  
ARG CB  CG   sing N N 21  
ARG CB  HB2  sing N N 22  
ARG CB  HB3  sing N N 23  
ARG CG  CD   sing N N 24  
ARG CG  HG2  sing N N 25  
ARG CG  HG3  sing N N 26  
ARG CD  NE   sing N N 27  
ARG CD  HD2  sing N N 28  
ARG CD  HD3  sing N N 29  
ARG NE  CZ   sing N N 30  
ARG NE  HE   sing N N 31  
ARG CZ  NH1  sing N N 32  
ARG CZ  NH2  doub N N 33  
ARG NH1 HH11 sing N N 34  
ARG NH1 HH12 sing N N 35  
ARG NH2 HH21 sing N N 36  
ARG NH2 HH22 sing N N 37  
ARG OXT HXT  sing N N 38  
ASP N   CA   sing N N 39  
ASP N   H    sing N N 40  
ASP N   H2   sing N N 41  
ASP CA  C    sing N N 42  
ASP CA  CB   sing N N 43  
ASP CA  HA   sing N N 44  
ASP C   O    doub N N 45  
ASP C   OXT  sing N N 46  
ASP CB  CG   sing N N 47  
ASP CB  HB2  sing N N 48  
ASP CB  HB3  sing N N 49  
ASP CG  OD1  doub N N 50  
ASP CG  OD2  sing N N 51  
ASP OD2 HD2  sing N N 52  
ASP OXT HXT  sing N N 53  
GLU N   CA   sing N N 54  
GLU N   H    sing N N 55  
GLU N   H2   sing N N 56  
GLU CA  C    sing N N 57  
GLU CA  CB   sing N N 58  
GLU CA  HA   sing N N 59  
GLU C   O    doub N N 60  
GLU C   OXT  sing N N 61  
GLU CB  CG   sing N N 62  
GLU CB  HB2  sing N N 63  
GLU CB  HB3  sing N N 64  
GLU CG  CD   sing N N 65  
GLU CG  HG2  sing N N 66  
GLU CG  HG3  sing N N 67  
GLU CD  OE1  doub N N 68  
GLU CD  OE2  sing N N 69  
GLU OE2 HE2  sing N N 70  
GLU OXT HXT  sing N N 71  
GLY N   CA   sing N N 72  
GLY N   H    sing N N 73  
GLY N   H2   sing N N 74  
GLY CA  C    sing N N 75  
GLY CA  HA2  sing N N 76  
GLY CA  HA3  sing N N 77  
GLY C   O    doub N N 78  
GLY C   OXT  sing N N 79  
GLY OXT HXT  sing N N 80  
HOH O   H1   sing N N 81  
HOH O   H2   sing N N 82  
HYP N   CA   sing N N 83  
HYP N   CD   sing N N 84  
HYP N   H    sing N N 85  
HYP CA  C    sing N N 86  
HYP CA  CB   sing N N 87  
HYP CA  HA   sing N N 88  
HYP C   O    doub N N 89  
HYP C   OXT  sing N N 90  
HYP CB  CG   sing N N 91  
HYP CB  HB2  sing N N 92  
HYP CB  HB3  sing N N 93  
HYP CG  CD   sing N N 94  
HYP CG  OD1  sing N N 95  
HYP CG  HG   sing N N 96  
HYP CD  HD22 sing N N 97  
HYP CD  HD23 sing N N 98  
HYP OD1 HD1  sing N N 99  
HYP OXT HXT  sing N N 100 
LYS N   CA   sing N N 101 
LYS N   H    sing N N 102 
LYS N   H2   sing N N 103 
LYS CA  C    sing N N 104 
LYS CA  CB   sing N N 105 
LYS CA  HA   sing N N 106 
LYS C   O    doub N N 107 
LYS C   OXT  sing N N 108 
LYS CB  CG   sing N N 109 
LYS CB  HB2  sing N N 110 
LYS CB  HB3  sing N N 111 
LYS CG  CD   sing N N 112 
LYS CG  HG2  sing N N 113 
LYS CG  HG3  sing N N 114 
LYS CD  CE   sing N N 115 
LYS CD  HD2  sing N N 116 
LYS CD  HD3  sing N N 117 
LYS CE  NZ   sing N N 118 
LYS CE  HE2  sing N N 119 
LYS CE  HE3  sing N N 120 
LYS NZ  HZ1  sing N N 121 
LYS NZ  HZ2  sing N N 122 
LYS NZ  HZ3  sing N N 123 
LYS OXT HXT  sing N N 124 
PRO N   CA   sing N N 125 
PRO N   CD   sing N N 126 
PRO N   H    sing N N 127 
PRO CA  C    sing N N 128 
PRO CA  CB   sing N N 129 
PRO CA  HA   sing N N 130 
PRO C   O    doub N N 131 
PRO C   OXT  sing N N 132 
PRO CB  CG   sing N N 133 
PRO CB  HB2  sing N N 134 
PRO CB  HB3  sing N N 135 
PRO CG  CD   sing N N 136 
PRO CG  HG2  sing N N 137 
PRO CG  HG3  sing N N 138 
PRO CD  HD2  sing N N 139 
PRO CD  HD3  sing N N 140 
PRO OXT HXT  sing N N 141 
TYR N   CA   sing N N 142 
TYR N   H    sing N N 143 
TYR N   H2   sing N N 144 
TYR CA  C    sing N N 145 
TYR CA  CB   sing N N 146 
TYR CA  HA   sing N N 147 
TYR C   O    doub N N 148 
TYR C   OXT  sing N N 149 
TYR CB  CG   sing N N 150 
TYR CB  HB2  sing N N 151 
TYR CB  HB3  sing N N 152 
TYR CG  CD1  doub Y N 153 
TYR CG  CD2  sing Y N 154 
TYR CD1 CE1  sing Y N 155 
TYR CD1 HD1  sing N N 156 
TYR CD2 CE2  doub Y N 157 
TYR CD2 HD2  sing N N 158 
TYR CE1 CZ   doub Y N 159 
TYR CE1 HE1  sing N N 160 
TYR CE2 CZ   sing Y N 161 
TYR CE2 HE2  sing N N 162 
TYR CZ  OH   sing N N 163 
TYR OH  HH   sing N N 164 
TYR OXT HXT  sing N N 165 
# 
_pdbx_audit_support.funding_organization   'Not funded' 
_pdbx_audit_support.country                ? 
_pdbx_audit_support.grant_number           ? 
_pdbx_audit_support.ordinal                1 
# 
_pdbx_entity_instance_feature.ordinal        1 
_pdbx_entity_instance_feature.comp_id        HYP 
_pdbx_entity_instance_feature.asym_id        ? 
_pdbx_entity_instance_feature.seq_num        ? 
_pdbx_entity_instance_feature.auth_comp_id   HYP 
_pdbx_entity_instance_feature.auth_asym_id   ? 
_pdbx_entity_instance_feature.auth_seq_num   ? 
_pdbx_entity_instance_feature.feature_type   'SUBJECT OF INVESTIGATION' 
_pdbx_entity_instance_feature.details        ? 
# 
_pdbx_entity_nonpoly.entity_id   4 
_pdbx_entity_nonpoly.name        water 
_pdbx_entity_nonpoly.comp_id     HOH 
# 
_pdbx_initial_refinement_model.id               1 
_pdbx_initial_refinement_model.entity_id_list   ? 
_pdbx_initial_refinement_model.type             'experimental model' 
_pdbx_initial_refinement_model.source_name      PDB 
_pdbx_initial_refinement_model.accession_code   5YAN 
_pdbx_initial_refinement_model.details          ? 
# 
_pdbx_struct_assembly_auth_evidence.id                     1 
_pdbx_struct_assembly_auth_evidence.assembly_id            1 
_pdbx_struct_assembly_auth_evidence.experimental_support   'mass spectrometry' 
_pdbx_struct_assembly_auth_evidence.details                ? 
# 
